data_5NEP
# 
_entry.id   5NEP 
# 
_audit_conform.dict_name       mmcif_pdbx.dic 
_audit_conform.dict_version    5.391 
_audit_conform.dict_location   http://mmcif.pdb.org/dictionaries/ascii/mmcif_pdbx.dic 
# 
loop_
_database_2.database_id 
_database_2.database_code 
_database_2.pdbx_database_accession 
_database_2.pdbx_DOI 
PDB   5NEP         pdb_00005nep 10.2210/pdb5nep/pdb 
WWPDB D_1200003976 ?            ?                   
# 
loop_
_pdbx_audit_revision_history.ordinal 
_pdbx_audit_revision_history.data_content_type 
_pdbx_audit_revision_history.major_revision 
_pdbx_audit_revision_history.minor_revision 
_pdbx_audit_revision_history.revision_date 
1 'Structure model' 1 0 2017-05-31 
2 'Structure model' 1 1 2017-07-05 
3 'Structure model' 1 2 2017-08-30 
4 'Structure model' 2 0 2019-03-20 
5 'Structure model' 2 1 2019-07-10 
6 'Structure model' 2 2 2024-05-08 
# 
_pdbx_audit_revision_details.ordinal             1 
_pdbx_audit_revision_details.revision_ordinal    1 
_pdbx_audit_revision_details.data_content_type   'Structure model' 
_pdbx_audit_revision_details.provider            repository 
_pdbx_audit_revision_details.type                'Initial release' 
_pdbx_audit_revision_details.description         ? 
_pdbx_audit_revision_details.details             ? 
# 
loop_
_pdbx_audit_revision_group.ordinal 
_pdbx_audit_revision_group.revision_ordinal 
_pdbx_audit_revision_group.data_content_type 
_pdbx_audit_revision_group.group 
1  2 'Structure model' 'Database references'        
2  3 'Structure model' 'Author supporting evidence' 
3  4 'Structure model' 'Atomic model'               
4  4 'Structure model' 'Data collection'            
5  4 'Structure model' 'Derived calculations'       
6  4 'Structure model' 'Structure summary'          
7  5 'Structure model' 'Data collection'            
8  6 'Structure model' 'Data collection'            
9  6 'Structure model' 'Database references'        
10 6 'Structure model' 'Derived calculations'       
# 
loop_
_pdbx_audit_revision_category.ordinal 
_pdbx_audit_revision_category.revision_ordinal 
_pdbx_audit_revision_category.data_content_type 
_pdbx_audit_revision_category.category 
1  2 'Structure model' citation                  
2  3 'Structure model' pdbx_audit_support        
3  4 'Structure model' atom_site                 
4  4 'Structure model' diffrn_source             
5  4 'Structure model' pdbx_struct_assembly      
6  4 'Structure model' pdbx_struct_assembly_gen  
7  4 'Structure model' pdbx_struct_assembly_prop 
8  4 'Structure model' pdbx_struct_oper_list     
9  4 'Structure model' struct_keywords           
10 5 'Structure model' diffrn_source             
11 6 'Structure model' chem_comp_atom            
12 6 'Structure model' chem_comp_bond            
13 6 'Structure model' database_2                
14 6 'Structure model' pdbx_struct_conn_angle    
15 6 'Structure model' struct_conn               
16 6 'Structure model' struct_conn_type          
# 
loop_
_pdbx_audit_revision_item.ordinal 
_pdbx_audit_revision_item.revision_ordinal 
_pdbx_audit_revision_item.data_content_type 
_pdbx_audit_revision_item.item 
1  2 'Structure model' '_citation.country'                           
2  2 'Structure model' '_citation.journal_volume'                    
3  2 'Structure model' '_citation.page_first'                        
4  2 'Structure model' '_citation.page_last'                         
5  3 'Structure model' '_pdbx_audit_support.funding_organization'    
6  4 'Structure model' '_atom_site.occupancy'                        
7  4 'Structure model' '_diffrn_source.pdbx_synchrotron_site'        
8  4 'Structure model' '_pdbx_struct_assembly.details'               
9  4 'Structure model' '_pdbx_struct_assembly.method_details'        
10 4 'Structure model' '_pdbx_struct_assembly.oligomeric_count'      
11 4 'Structure model' '_pdbx_struct_assembly.oligomeric_details'    
12 4 'Structure model' '_struct_keywords.text'                       
13 5 'Structure model' '_diffrn_source.pdbx_synchrotron_site'        
14 6 'Structure model' '_database_2.pdbx_DOI'                        
15 6 'Structure model' '_database_2.pdbx_database_accession'         
16 6 'Structure model' '_pdbx_struct_conn_angle.ptnr1_auth_comp_id'  
17 6 'Structure model' '_pdbx_struct_conn_angle.ptnr1_auth_seq_id'   
18 6 'Structure model' '_pdbx_struct_conn_angle.ptnr1_label_atom_id' 
19 6 'Structure model' '_pdbx_struct_conn_angle.ptnr1_label_comp_id' 
20 6 'Structure model' '_pdbx_struct_conn_angle.ptnr1_label_seq_id'  
21 6 'Structure model' '_pdbx_struct_conn_angle.ptnr2_auth_seq_id'   
22 6 'Structure model' '_pdbx_struct_conn_angle.ptnr2_label_asym_id' 
23 6 'Structure model' '_pdbx_struct_conn_angle.ptnr2_symmetry'      
24 6 'Structure model' '_pdbx_struct_conn_angle.ptnr3_auth_comp_id'  
25 6 'Structure model' '_pdbx_struct_conn_angle.ptnr3_auth_seq_id'   
26 6 'Structure model' '_pdbx_struct_conn_angle.ptnr3_label_atom_id' 
27 6 'Structure model' '_pdbx_struct_conn_angle.ptnr3_label_comp_id' 
28 6 'Structure model' '_pdbx_struct_conn_angle.ptnr3_label_seq_id'  
29 6 'Structure model' '_pdbx_struct_conn_angle.value'               
30 6 'Structure model' '_struct_conn.conn_type_id'                   
31 6 'Structure model' '_struct_conn.id'                             
32 6 'Structure model' '_struct_conn.pdbx_dist_value'                
33 6 'Structure model' '_struct_conn.pdbx_leaving_atom_flag'         
34 6 'Structure model' '_struct_conn.ptnr1_auth_comp_id'             
35 6 'Structure model' '_struct_conn.ptnr1_auth_seq_id'              
36 6 'Structure model' '_struct_conn.ptnr1_label_atom_id'            
37 6 'Structure model' '_struct_conn.ptnr1_label_comp_id'            
38 6 'Structure model' '_struct_conn.ptnr1_label_seq_id'             
39 6 'Structure model' '_struct_conn.ptnr2_auth_comp_id'             
40 6 'Structure model' '_struct_conn.ptnr2_auth_seq_id'              
41 6 'Structure model' '_struct_conn.ptnr2_label_asym_id'            
42 6 'Structure model' '_struct_conn.ptnr2_label_atom_id'            
43 6 'Structure model' '_struct_conn.ptnr2_label_comp_id'            
44 6 'Structure model' '_struct_conn.ptnr2_label_seq_id'             
45 6 'Structure model' '_struct_conn.ptnr2_symmetry'                 
46 6 'Structure model' '_struct_conn_type.id'                        
# 
_pdbx_database_status.status_code                     REL 
_pdbx_database_status.status_code_sf                  REL 
_pdbx_database_status.status_code_mr                  ? 
_pdbx_database_status.entry_id                        5NEP 
_pdbx_database_status.recvd_initial_deposition_date   2017-03-11 
_pdbx_database_status.SG_entry                        N 
_pdbx_database_status.deposit_site                    PDBE 
_pdbx_database_status.process_site                    PDBE 
_pdbx_database_status.status_code_cs                  ? 
_pdbx_database_status.methods_development_category    ? 
_pdbx_database_status.pdb_format_compatible           Y 
_pdbx_database_status.status_code_nmr_data            ? 
# 
loop_
_audit_author.name 
_audit_author.pdbx_ordinal 
_audit_author.identifier_ORCID 
'Huang, L.'      1 ? 
'Wang, J.'       2 ? 
'Lilley, D.M.J.' 3 ? 
# 
_citation.abstract                  ? 
_citation.abstract_id_CAS           ? 
_citation.book_id_ISBN              ? 
_citation.book_publisher            ? 
_citation.book_publisher_city       ? 
_citation.book_title                ? 
_citation.coordinate_linkage        ? 
_citation.country                   US 
_citation.database_id_Medline       ? 
_citation.details                   ? 
_citation.id                        primary 
_citation.journal_abbrev            'Cell Chem Biol' 
_citation.journal_id_ASTM           ? 
_citation.journal_id_CSD            ? 
_citation.journal_id_ISSN           2451-9456 
_citation.journal_full              ? 
_citation.journal_issue             ? 
_citation.journal_volume            24 
_citation.language                  ? 
_citation.page_first                695 
_citation.page_last                 702.e2 
_citation.title                     'The Structure of the Guanidine-II Riboswitch.' 
_citation.year                      2017 
_citation.database_id_CSD           ? 
_citation.pdbx_database_id_DOI      10.1016/j.chembiol.2017.05.014 
_citation.pdbx_database_id_PubMed   28529131 
_citation.unpublished_flag          ? 
# 
loop_
_citation_author.citation_id 
_citation_author.name 
_citation_author.ordinal 
_citation_author.identifier_ORCID 
primary 'Huang, L.'      1 ? 
primary 'Wang, J.'       2 ? 
primary 'Lilley, D.M.J.' 3 ? 
# 
loop_
_entity.id 
_entity.type 
_entity.src_method 
_entity.pdbx_description 
_entity.formula_weight 
_entity.pdbx_number_of_molecules 
_entity.pdbx_ec 
_entity.pdbx_mutation 
_entity.pdbx_fragment 
_entity.details 
1 polymer     syn 
;RNA (5'-R(*GP*GP*UP*GP*GP*GP*GP*AP*CP*GP*AP*CP*CP*CP*CP*AP*(CBV)P*C)-3')
;
5880.434 1  ? ? ? ? 
2 non-polymer syn 1-METHYLGUANIDINE                                                          73.097   1  ? ? ? ? 
3 non-polymer syn 'SULFATE ION'                                                              96.063   3  ? ? ? ? 
4 non-polymer syn 'SODIUM ION'                                                               22.990   4  ? ? ? ? 
5 water       nat water                                                                      18.015   33 ? ? ? ? 
# 
_entity_poly.entity_id                      1 
_entity_poly.type                           polyribonucleotide 
_entity_poly.nstd_linkage                   no 
_entity_poly.nstd_monomer                   yes 
_entity_poly.pdbx_seq_one_letter_code       'GGUGGGGACGACCCCA(CBV)C' 
_entity_poly.pdbx_seq_one_letter_code_can   GGUGGGGACGACCCCACC 
_entity_poly.pdbx_strand_id                 A 
_entity_poly.pdbx_target_identifier         ? 
# 
loop_
_pdbx_entity_nonpoly.entity_id 
_pdbx_entity_nonpoly.name 
_pdbx_entity_nonpoly.comp_id 
2 1-METHYLGUANIDINE MGX 
3 'SULFATE ION'     SO4 
4 'SODIUM ION'      NA  
5 water             HOH 
# 
loop_
_entity_poly_seq.entity_id 
_entity_poly_seq.num 
_entity_poly_seq.mon_id 
_entity_poly_seq.hetero 
1 1  G   n 
1 2  G   n 
1 3  U   n 
1 4  G   n 
1 5  G   n 
1 6  G   n 
1 7  G   n 
1 8  A   n 
1 9  C   n 
1 10 G   n 
1 11 A   n 
1 12 C   n 
1 13 C   n 
1 14 C   n 
1 15 C   n 
1 16 A   n 
1 17 CBV n 
1 18 C   n 
# 
_pdbx_entity_src_syn.entity_id              1 
_pdbx_entity_src_syn.pdbx_src_id            1 
_pdbx_entity_src_syn.pdbx_alt_source_flag   sample 
_pdbx_entity_src_syn.pdbx_beg_seq_num       1 
_pdbx_entity_src_syn.pdbx_end_seq_num       18 
_pdbx_entity_src_syn.organism_scientific    'Gloeobacter violaceus' 
_pdbx_entity_src_syn.organism_common_name   ? 
_pdbx_entity_src_syn.ncbi_taxonomy_id       33072 
_pdbx_entity_src_syn.details                ? 
# 
loop_
_chem_comp.id 
_chem_comp.type 
_chem_comp.mon_nstd_flag 
_chem_comp.name 
_chem_comp.pdbx_synonyms 
_chem_comp.formula 
_chem_comp.formula_weight 
A   'RNA linking' y "ADENOSINE-5'-MONOPHOSPHATE"                ? 'C10 H14 N5 O7 P'   347.221 
C   'RNA linking' y "CYTIDINE-5'-MONOPHOSPHATE"                 ? 'C9 H14 N3 O8 P'    323.197 
CBV 'RNA linking' n 
;5-BROMOCYTIDINE 5'-(DIHYDROGEN PHOSPHATE)
;
? 'C9 H13 Br N3 O8 P' 402.093 
G   'RNA linking' y "GUANOSINE-5'-MONOPHOSPHATE"                ? 'C10 H14 N5 O8 P'   363.221 
HOH non-polymer   . WATER                                       ? 'H2 O'              18.015  
MGX non-polymer   . 1-METHYLGUANIDINE                           ? 'C2 H7 N3'          73.097  
NA  non-polymer   . 'SODIUM ION'                                ? 'Na 1'              22.990  
SO4 non-polymer   . 'SULFATE ION'                               ? 'O4 S -2'           96.063  
U   'RNA linking' y "URIDINE-5'-MONOPHOSPHATE"                  ? 'C9 H13 N2 O9 P'    324.181 
# 
loop_
_pdbx_poly_seq_scheme.asym_id 
_pdbx_poly_seq_scheme.entity_id 
_pdbx_poly_seq_scheme.seq_id 
_pdbx_poly_seq_scheme.mon_id 
_pdbx_poly_seq_scheme.ndb_seq_num 
_pdbx_poly_seq_scheme.pdb_seq_num 
_pdbx_poly_seq_scheme.auth_seq_num 
_pdbx_poly_seq_scheme.pdb_mon_id 
_pdbx_poly_seq_scheme.auth_mon_id 
_pdbx_poly_seq_scheme.pdb_strand_id 
_pdbx_poly_seq_scheme.pdb_ins_code 
_pdbx_poly_seq_scheme.hetero 
A 1 1  G   1  1  1  G   G   A . n 
A 1 2  G   2  2  2  G   G   A . n 
A 1 3  U   3  3  3  U   U   A . n 
A 1 4  G   4  4  4  G   G   A . n 
A 1 5  G   5  5  5  G   G   A . n 
A 1 6  G   6  6  6  G   G   A . n 
A 1 7  G   7  7  7  G   G   A . n 
A 1 8  A   8  8  8  A   A   A . n 
A 1 9  C   9  9  9  C   C   A . n 
A 1 10 G   10 10 10 G   G   A . n 
A 1 11 A   11 11 11 A   A   A . n 
A 1 12 C   12 12 12 C   C   A . n 
A 1 13 C   13 13 13 C   C   A . n 
A 1 14 C   14 14 14 C   C   A . n 
A 1 15 C   15 15 15 C   C   A . n 
A 1 16 A   16 16 16 A   A   A . n 
A 1 17 CBV 17 17 17 CBV CBV A . n 
A 1 18 C   18 18 18 C   C   A . n 
# 
loop_
_pdbx_nonpoly_scheme.asym_id 
_pdbx_nonpoly_scheme.entity_id 
_pdbx_nonpoly_scheme.mon_id 
_pdbx_nonpoly_scheme.ndb_seq_num 
_pdbx_nonpoly_scheme.pdb_seq_num 
_pdbx_nonpoly_scheme.auth_seq_num 
_pdbx_nonpoly_scheme.pdb_mon_id 
_pdbx_nonpoly_scheme.auth_mon_id 
_pdbx_nonpoly_scheme.pdb_strand_id 
_pdbx_nonpoly_scheme.pdb_ins_code 
B 2 MGX 1  101 1  MGX MGX A . 
C 3 SO4 1  102 2  SO4 SO4 A . 
D 3 SO4 1  103 3  SO4 SO4 A . 
E 3 SO4 1  104 4  SO4 SO4 A . 
F 4 NA  1  105 1  NA  NA  A . 
G 4 NA  1  106 2  NA  NA  A . 
H 4 NA  1  107 3  NA  NA  A . 
I 4 NA  1  108 4  NA  NA  A . 
J 5 HOH 1  201 7  HOH HOH A . 
J 5 HOH 2  202 1  HOH HOH A . 
J 5 HOH 3  203 28 HOH HOH A . 
J 5 HOH 4  204 6  HOH HOH A . 
J 5 HOH 5  205 5  HOH HOH A . 
J 5 HOH 6  206 8  HOH HOH A . 
J 5 HOH 7  207 3  HOH HOH A . 
J 5 HOH 8  208 23 HOH HOH A . 
J 5 HOH 9  209 10 HOH HOH A . 
J 5 HOH 10 210 11 HOH HOH A . 
J 5 HOH 11 211 13 HOH HOH A . 
J 5 HOH 12 212 2  HOH HOH A . 
J 5 HOH 13 213 22 HOH HOH A . 
J 5 HOH 14 214 20 HOH HOH A . 
J 5 HOH 15 215 33 HOH HOH A . 
J 5 HOH 16 216 25 HOH HOH A . 
J 5 HOH 17 217 12 HOH HOH A . 
J 5 HOH 18 218 24 HOH HOH A . 
J 5 HOH 19 219 17 HOH HOH A . 
J 5 HOH 20 220 4  HOH HOH A . 
J 5 HOH 21 221 9  HOH HOH A . 
J 5 HOH 22 222 21 HOH HOH A . 
J 5 HOH 23 223 16 HOH HOH A . 
J 5 HOH 24 224 15 HOH HOH A . 
J 5 HOH 25 225 18 HOH HOH A . 
J 5 HOH 26 226 31 HOH HOH A . 
J 5 HOH 27 227 27 HOH HOH A . 
J 5 HOH 28 228 14 HOH HOH A . 
J 5 HOH 29 229 29 HOH HOH A . 
J 5 HOH 30 230 26 HOH HOH A . 
J 5 HOH 31 231 32 HOH HOH A . 
J 5 HOH 32 232 19 HOH HOH A . 
J 5 HOH 33 233 30 HOH HOH A . 
# 
loop_
_software.citation_id 
_software.classification 
_software.compiler_name 
_software.compiler_version 
_software.contact_author 
_software.contact_author_email 
_software.date 
_software.description 
_software.dependencies 
_software.hardware 
_software.language 
_software.location 
_software.mods 
_software.name 
_software.os 
_software.os_version 
_software.type 
_software.version 
_software.pdbx_ordinal 
? refinement       ? ? ? ? ? ? ? ? ? ? ? PHENIX ? ? ? '(dev_2219: ???)' 1 
? 'data reduction' ? ? ? ? ? ? ? ? ? ? ? xia2   ? ? ? .                 2 
? 'data scaling'   ? ? ? ? ? ? ? ? ? ? ? xia2   ? ? ? .                 3 
? phasing          ? ? ? ? ? ? ? ? ? ? ? PHENIX ? ? ? .                 4 
# 
_cell.angle_alpha                  90.00 
_cell.angle_alpha_esd              ? 
_cell.angle_beta                   90.00 
_cell.angle_beta_esd               ? 
_cell.angle_gamma                  120.00 
_cell.angle_gamma_esd              ? 
_cell.entry_id                     5NEP 
_cell.details                      ? 
_cell.formula_units_Z              ? 
_cell.length_a                     55.500 
_cell.length_a_esd                 ? 
_cell.length_b                     55.500 
_cell.length_b_esd                 ? 
_cell.length_c                     132.379 
_cell.length_c_esd                 ? 
_cell.volume                       ? 
_cell.volume_esd                   ? 
_cell.Z_PDB                        18 
_cell.reciprocal_angle_alpha       ? 
_cell.reciprocal_angle_beta        ? 
_cell.reciprocal_angle_gamma       ? 
_cell.reciprocal_angle_alpha_esd   ? 
_cell.reciprocal_angle_beta_esd    ? 
_cell.reciprocal_angle_gamma_esd   ? 
_cell.reciprocal_length_a          ? 
_cell.reciprocal_length_b          ? 
_cell.reciprocal_length_c          ? 
_cell.reciprocal_length_a_esd      ? 
_cell.reciprocal_length_b_esd      ? 
_cell.reciprocal_length_c_esd      ? 
_cell.pdbx_unique_axis             ? 
# 
_symmetry.entry_id                         5NEP 
_symmetry.cell_setting                     ? 
_symmetry.Int_Tables_number                155 
_symmetry.space_group_name_Hall            ? 
_symmetry.space_group_name_H-M             'H 3 2' 
_symmetry.pdbx_full_space_group_name_H-M   ? 
# 
_exptl.absorpt_coefficient_mu     ? 
_exptl.absorpt_correction_T_max   ? 
_exptl.absorpt_correction_T_min   ? 
_exptl.absorpt_correction_type    ? 
_exptl.absorpt_process_details    ? 
_exptl.entry_id                   5NEP 
_exptl.crystals_number            1 
_exptl.details                    ? 
_exptl.method                     'X-RAY DIFFRACTION' 
_exptl.method_details             ? 
# 
_exptl_crystal.colour                      ? 
_exptl_crystal.density_diffrn              ? 
_exptl_crystal.density_Matthews            3.34 
_exptl_crystal.density_method              ? 
_exptl_crystal.density_percent_sol         63.13 
_exptl_crystal.description                 ? 
_exptl_crystal.F_000                       ? 
_exptl_crystal.id                          1 
_exptl_crystal.preparation                 ? 
_exptl_crystal.size_max                    ? 
_exptl_crystal.size_mid                    ? 
_exptl_crystal.size_min                    ? 
_exptl_crystal.size_rad                    ? 
_exptl_crystal.colour_lustre               ? 
_exptl_crystal.colour_modifier             ? 
_exptl_crystal.colour_primary              ? 
_exptl_crystal.density_meas                ? 
_exptl_crystal.density_meas_esd            ? 
_exptl_crystal.density_meas_gt             ? 
_exptl_crystal.density_meas_lt             ? 
_exptl_crystal.density_meas_temp           ? 
_exptl_crystal.density_meas_temp_esd       ? 
_exptl_crystal.density_meas_temp_gt        ? 
_exptl_crystal.density_meas_temp_lt        ? 
_exptl_crystal.pdbx_crystal_image_url      ? 
_exptl_crystal.pdbx_crystal_image_format   ? 
_exptl_crystal.pdbx_mosaicity              ? 
_exptl_crystal.pdbx_mosaicity_esd          ? 
# 
_exptl_crystal_grow.apparatus       ? 
_exptl_crystal_grow.atmosphere      ? 
_exptl_crystal_grow.crystal_id      1 
_exptl_crystal_grow.details         ? 
_exptl_crystal_grow.method          'VAPOR DIFFUSION, HANGING DROP' 
_exptl_crystal_grow.method_ref      ? 
_exptl_crystal_grow.pH              ? 
_exptl_crystal_grow.pressure        ? 
_exptl_crystal_grow.pressure_esd    ? 
_exptl_crystal_grow.seeding         ? 
_exptl_crystal_grow.seeding_ref     ? 
_exptl_crystal_grow.temp            293 
_exptl_crystal_grow.temp_details    ? 
_exptl_crystal_grow.temp_esd        ? 
_exptl_crystal_grow.time            ? 
_exptl_crystal_grow.pdbx_details    
;0.01 M Magnesium Acetate, 
0.05 M MES pH 5.6,  
2.5 M Ammonium Sulfate
Soaking with 10mM Methylguanidine
;
_exptl_crystal_grow.pdbx_pH_range   ? 
# 
_diffrn.ambient_environment    ? 
_diffrn.ambient_temp           100 
_diffrn.ambient_temp_details   ? 
_diffrn.ambient_temp_esd       ? 
_diffrn.crystal_id             1 
_diffrn.crystal_support        ? 
_diffrn.crystal_treatment      ? 
_diffrn.details                ? 
_diffrn.id                     1 
_diffrn.ambient_pressure       ? 
_diffrn.ambient_pressure_esd   ? 
_diffrn.ambient_pressure_gt    ? 
_diffrn.ambient_pressure_lt    ? 
_diffrn.ambient_temp_gt        ? 
_diffrn.ambient_temp_lt        ? 
# 
_diffrn_detector.details                      ? 
_diffrn_detector.detector                     PIXEL 
_diffrn_detector.diffrn_id                    1 
_diffrn_detector.type                         'DECTRIS PILATUS3 6M' 
_diffrn_detector.area_resol_mean              ? 
_diffrn_detector.dtime                        ? 
_diffrn_detector.pdbx_frames_total            ? 
_diffrn_detector.pdbx_collection_time_total   ? 
_diffrn_detector.pdbx_collection_date         2017-03-04 
# 
_diffrn_radiation.collimation                      ? 
_diffrn_radiation.diffrn_id                        1 
_diffrn_radiation.filter_edge                      ? 
_diffrn_radiation.inhomogeneity                    ? 
_diffrn_radiation.monochromator                    ? 
_diffrn_radiation.polarisn_norm                    ? 
_diffrn_radiation.polarisn_ratio                   ? 
_diffrn_radiation.probe                            ? 
_diffrn_radiation.type                             ? 
_diffrn_radiation.xray_symbol                      ? 
_diffrn_radiation.wavelength_id                    1 
_diffrn_radiation.pdbx_monochromatic_or_laue_m_l   M 
_diffrn_radiation.pdbx_wavelength_list             ? 
_diffrn_radiation.pdbx_wavelength                  ? 
_diffrn_radiation.pdbx_diffrn_protocol             'SINGLE WAVELENGTH' 
_diffrn_radiation.pdbx_analyzer                    ? 
_diffrn_radiation.pdbx_scattering_type             x-ray 
# 
_diffrn_radiation_wavelength.id           1 
_diffrn_radiation_wavelength.wavelength   0.9201 
_diffrn_radiation_wavelength.wt           1.0 
# 
_diffrn_source.current                     ? 
_diffrn_source.details                     ? 
_diffrn_source.diffrn_id                   1 
_diffrn_source.power                       ? 
_diffrn_source.size                        ? 
_diffrn_source.source                      SYNCHROTRON 
_diffrn_source.target                      ? 
_diffrn_source.type                        'DIAMOND BEAMLINE I24' 
_diffrn_source.voltage                     ? 
_diffrn_source.take-off_angle              ? 
_diffrn_source.pdbx_wavelength_list        0.9201 
_diffrn_source.pdbx_wavelength             ? 
_diffrn_source.pdbx_synchrotron_beamline   I24 
_diffrn_source.pdbx_synchrotron_site       Diamond 
# 
_reflns.B_iso_Wilson_estimate            ? 
_reflns.entry_id                         5NEP 
_reflns.data_reduction_details           ? 
_reflns.data_reduction_method            ? 
_reflns.d_resolution_high                1.60 
_reflns.d_resolution_low                 27.75 
_reflns.details                          ? 
_reflns.limit_h_max                      ? 
_reflns.limit_h_min                      ? 
_reflns.limit_k_max                      ? 
_reflns.limit_k_min                      ? 
_reflns.limit_l_max                      ? 
_reflns.limit_l_min                      ? 
_reflns.number_all                       ? 
_reflns.number_obs                       19703 
_reflns.observed_criterion               ? 
_reflns.observed_criterion_F_max         ? 
_reflns.observed_criterion_F_min         ? 
_reflns.observed_criterion_I_max         ? 
_reflns.observed_criterion_I_min         ? 
_reflns.observed_criterion_sigma_F       ? 
_reflns.observed_criterion_sigma_I       1.2 
_reflns.percent_possible_obs             100 
_reflns.R_free_details                   ? 
_reflns.Rmerge_F_all                     ? 
_reflns.Rmerge_F_obs                     ? 
_reflns.Friedel_coverage                 ? 
_reflns.number_gt                        ? 
_reflns.threshold_expression             ? 
_reflns.pdbx_redundancy                  18.83 
_reflns.pdbx_Rmerge_I_obs                0.062 
_reflns.pdbx_Rmerge_I_all                ? 
_reflns.pdbx_Rsym_value                  ? 
_reflns.pdbx_netI_over_av_sigmaI         ? 
_reflns.pdbx_netI_over_sigmaI            17.4 
_reflns.pdbx_res_netI_over_av_sigmaI_2   ? 
_reflns.pdbx_res_netI_over_sigmaI_2      ? 
_reflns.pdbx_chi_squared                 ? 
_reflns.pdbx_scaling_rejects             ? 
_reflns.pdbx_d_res_high_opt              ? 
_reflns.pdbx_d_res_low_opt               ? 
_reflns.pdbx_d_res_opt_method            ? 
_reflns.phase_calculation_details        ? 
_reflns.pdbx_Rrim_I_all                  ? 
_reflns.pdbx_Rpim_I_all                  0.015 
_reflns.pdbx_d_opt                       ? 
_reflns.pdbx_number_measured_all         ? 
_reflns.pdbx_diffrn_id                   1 
_reflns.pdbx_ordinal                     1 
_reflns.pdbx_CC_half                     0.999 
_reflns.pdbx_R_split                     ? 
# 
_reflns_shell.d_res_high                  1.60 
_reflns_shell.d_res_low                   1.63 
_reflns_shell.meanI_over_sigI_all         ? 
_reflns_shell.meanI_over_sigI_obs         ? 
_reflns_shell.number_measured_all         ? 
_reflns_shell.number_measured_obs         ? 
_reflns_shell.number_possible             ? 
_reflns_shell.number_unique_all           ? 
_reflns_shell.number_unique_obs           529 
_reflns_shell.percent_possible_all        99.1 
_reflns_shell.percent_possible_obs        ? 
_reflns_shell.Rmerge_F_all                ? 
_reflns_shell.Rmerge_F_obs                ? 
_reflns_shell.Rmerge_I_all                ? 
_reflns_shell.Rmerge_I_obs                1.50 
_reflns_shell.meanI_over_sigI_gt          ? 
_reflns_shell.meanI_over_uI_all           ? 
_reflns_shell.meanI_over_uI_gt            ? 
_reflns_shell.number_measured_gt          ? 
_reflns_shell.number_unique_gt            ? 
_reflns_shell.percent_possible_gt         ? 
_reflns_shell.Rmerge_F_gt                 ? 
_reflns_shell.Rmerge_I_gt                 ? 
_reflns_shell.pdbx_redundancy             19.1 
_reflns_shell.pdbx_Rsym_value             ? 
_reflns_shell.pdbx_chi_squared            ? 
_reflns_shell.pdbx_netI_over_sigmaI_all   ? 
_reflns_shell.pdbx_netI_over_sigmaI_obs   ? 
_reflns_shell.pdbx_Rrim_I_all             ? 
_reflns_shell.pdbx_Rpim_I_all             0.726 
_reflns_shell.pdbx_rejects                ? 
_reflns_shell.pdbx_ordinal                1 
_reflns_shell.pdbx_diffrn_id              1 
_reflns_shell.pdbx_CC_half                0.916 
_reflns_shell.pdbx_R_split                ? 
# 
_refine.aniso_B[1][1]                            ? 
_refine.aniso_B[1][2]                            ? 
_refine.aniso_B[1][3]                            ? 
_refine.aniso_B[2][2]                            ? 
_refine.aniso_B[2][3]                            ? 
_refine.aniso_B[3][3]                            ? 
_refine.B_iso_max                                ? 
_refine.B_iso_mean                               ? 
_refine.B_iso_min                                ? 
_refine.correlation_coeff_Fo_to_Fc               ? 
_refine.correlation_coeff_Fo_to_Fc_free          ? 
_refine.details                                  ? 
_refine.diff_density_max                         ? 
_refine.diff_density_max_esd                     ? 
_refine.diff_density_min                         ? 
_refine.diff_density_min_esd                     ? 
_refine.diff_density_rms                         ? 
_refine.diff_density_rms_esd                     ? 
_refine.entry_id                                 5NEP 
_refine.pdbx_refine_id                           'X-RAY DIFFRACTION' 
_refine.ls_abs_structure_details                 ? 
_refine.ls_abs_structure_Flack                   ? 
_refine.ls_abs_structure_Flack_esd               ? 
_refine.ls_abs_structure_Rogers                  ? 
_refine.ls_abs_structure_Rogers_esd              ? 
_refine.ls_d_res_high                            1.600 
_refine.ls_d_res_low                             27.750 
_refine.ls_extinction_coef                       ? 
_refine.ls_extinction_coef_esd                   ? 
_refine.ls_extinction_expression                 ? 
_refine.ls_extinction_method                     ? 
_refine.ls_goodness_of_fit_all                   ? 
_refine.ls_goodness_of_fit_all_esd               ? 
_refine.ls_goodness_of_fit_obs                   ? 
_refine.ls_goodness_of_fit_obs_esd               ? 
_refine.ls_hydrogen_treatment                    ? 
_refine.ls_matrix_type                           ? 
_refine.ls_number_constraints                    ? 
_refine.ls_number_parameters                     ? 
_refine.ls_number_reflns_all                     ? 
_refine.ls_number_reflns_obs                     19703 
_refine.ls_number_reflns_R_free                  993 
_refine.ls_number_reflns_R_work                  ? 
_refine.ls_number_restraints                     ? 
_refine.ls_percent_reflns_obs                    97.93 
_refine.ls_percent_reflns_R_free                 5.04 
_refine.ls_R_factor_all                          ? 
_refine.ls_R_factor_obs                          0.2072 
_refine.ls_R_factor_R_free                       0.2178 
_refine.ls_R_factor_R_free_error                 ? 
_refine.ls_R_factor_R_free_error_details         ? 
_refine.ls_R_factor_R_work                       0.2066 
_refine.ls_R_Fsqd_factor_obs                     ? 
_refine.ls_R_I_factor_obs                        ? 
_refine.ls_redundancy_reflns_all                 ? 
_refine.ls_redundancy_reflns_obs                 ? 
_refine.ls_restrained_S_all                      ? 
_refine.ls_restrained_S_obs                      ? 
_refine.ls_shift_over_esd_max                    ? 
_refine.ls_shift_over_esd_mean                   ? 
_refine.ls_structure_factor_coef                 ? 
_refine.ls_weighting_details                     ? 
_refine.ls_weighting_scheme                      ? 
_refine.ls_wR_factor_all                         ? 
_refine.ls_wR_factor_obs                         ? 
_refine.ls_wR_factor_R_free                      ? 
_refine.ls_wR_factor_R_work                      ? 
_refine.occupancy_max                            ? 
_refine.occupancy_min                            ? 
_refine.solvent_model_details                    ? 
_refine.solvent_model_param_bsol                 ? 
_refine.solvent_model_param_ksol                 ? 
_refine.ls_R_factor_gt                           ? 
_refine.ls_goodness_of_fit_gt                    ? 
_refine.ls_goodness_of_fit_ref                   ? 
_refine.ls_shift_over_su_max                     ? 
_refine.ls_shift_over_su_max_lt                  ? 
_refine.ls_shift_over_su_mean                    ? 
_refine.ls_shift_over_su_mean_lt                 ? 
_refine.pdbx_ls_sigma_I                          ? 
_refine.pdbx_ls_sigma_F                          1.33 
_refine.pdbx_ls_sigma_Fsqd                       ? 
_refine.pdbx_data_cutoff_high_absF               ? 
_refine.pdbx_data_cutoff_high_rms_absF           ? 
_refine.pdbx_data_cutoff_low_absF                ? 
_refine.pdbx_isotropic_thermal_model             ? 
_refine.pdbx_ls_cross_valid_method               'FREE R-VALUE' 
_refine.pdbx_method_to_determine_struct          'MOLECULAR REPLACEMENT' 
_refine.pdbx_starting_model                      ? 
_refine.pdbx_stereochemistry_target_values       ? 
_refine.pdbx_R_Free_selection_details            ? 
_refine.pdbx_stereochem_target_val_spec_case     ? 
_refine.pdbx_overall_ESU_R                       ? 
_refine.pdbx_overall_ESU_R_Free                  ? 
_refine.pdbx_solvent_vdw_probe_radii             1.11 
_refine.pdbx_solvent_ion_probe_radii             ? 
_refine.pdbx_solvent_shrinkage_radii             0.90 
_refine.pdbx_real_space_R                        ? 
_refine.pdbx_density_correlation                 ? 
_refine.pdbx_pd_number_of_powder_patterns        ? 
_refine.pdbx_pd_number_of_points                 ? 
_refine.pdbx_pd_meas_number_of_points            ? 
_refine.pdbx_pd_proc_ls_prof_R_factor            ? 
_refine.pdbx_pd_proc_ls_prof_wR_factor           ? 
_refine.pdbx_pd_Marquardt_correlation_coeff      ? 
_refine.pdbx_pd_Fsqrd_R_factor                   ? 
_refine.pdbx_pd_ls_matrix_band_width             ? 
_refine.pdbx_overall_phase_error                 32.12 
_refine.pdbx_overall_SU_R_free_Cruickshank_DPI   ? 
_refine.pdbx_overall_SU_R_free_Blow_DPI          ? 
_refine.pdbx_overall_SU_R_Blow_DPI               ? 
_refine.pdbx_TLS_residual_ADP_flag               ? 
_refine.pdbx_diffrn_id                           1 
_refine.overall_SU_B                             ? 
_refine.overall_SU_ML                            0.27 
_refine.overall_SU_R_Cruickshank_DPI             ? 
_refine.overall_SU_R_free                        ? 
_refine.overall_FOM_free_R_set                   ? 
_refine.overall_FOM_work_R_set                   ? 
_refine.pdbx_average_fsc_overall                 ? 
_refine.pdbx_average_fsc_work                    ? 
_refine.pdbx_average_fsc_free                    ? 
# 
_refine_hist.pdbx_refine_id                   'X-RAY DIFFRACTION' 
_refine_hist.cycle_id                         LAST 
_refine_hist.pdbx_number_atoms_protein        0 
_refine_hist.pdbx_number_atoms_nucleic_acid   386 
_refine_hist.pdbx_number_atoms_ligand         24 
_refine_hist.number_atoms_solvent             33 
_refine_hist.number_atoms_total               443 
_refine_hist.d_res_high                       1.600 
_refine_hist.d_res_low                        27.750 
# 
loop_
_refine_ls_restr.pdbx_refine_id 
_refine_ls_restr.criterion 
_refine_ls_restr.dev_ideal 
_refine_ls_restr.dev_ideal_target 
_refine_ls_restr.number 
_refine_ls_restr.rejects 
_refine_ls_restr.type 
_refine_ls_restr.weight 
_refine_ls_restr.pdbx_restraint_function 
'X-RAY DIFFRACTION' ? 0.008 ? 447 ? f_bond_d           ? ? 
'X-RAY DIFFRACTION' ? 1.466 ? 695 ? f_angle_d          ? ? 
'X-RAY DIFFRACTION' ? 9.495 ? 204 ? f_dihedral_angle_d ? ? 
'X-RAY DIFFRACTION' ? 0.049 ? 88  ? f_chiral_restr     ? ? 
'X-RAY DIFFRACTION' ? 0.012 ? 19  ? f_plane_restr      ? ? 
# 
loop_
_refine_ls_shell.pdbx_refine_id 
_refine_ls_shell.d_res_high 
_refine_ls_shell.d_res_low 
_refine_ls_shell.number_reflns_all 
_refine_ls_shell.number_reflns_obs 
_refine_ls_shell.number_reflns_R_free 
_refine_ls_shell.number_reflns_R_work 
_refine_ls_shell.percent_reflns_obs 
_refine_ls_shell.percent_reflns_R_free 
_refine_ls_shell.R_factor_all 
_refine_ls_shell.R_factor_obs 
_refine_ls_shell.R_factor_R_free 
_refine_ls_shell.R_factor_R_free_error 
_refine_ls_shell.R_factor_R_work 
_refine_ls_shell.redundancy_reflns_all 
_refine_ls_shell.redundancy_reflns_obs 
_refine_ls_shell.wR_factor_all 
_refine_ls_shell.wR_factor_obs 
_refine_ls_shell.wR_factor_R_free 
_refine_ls_shell.wR_factor_R_work 
_refine_ls_shell.pdbx_total_number_of_bins_used 
_refine_ls_shell.pdbx_phase_error 
_refine_ls_shell.pdbx_fsc_work 
_refine_ls_shell.pdbx_fsc_free 
'X-RAY DIFFRACTION' 1.5996 1.6839  . . 164 2514 93.00  . . . 0.4158 . 0.3970 . . . . . . . . . . 
'X-RAY DIFFRACTION' 1.6839 1.7894  . . 134 2644 97.00  . . . 0.3424 . 0.3226 . . . . . . . . . . 
'X-RAY DIFFRACTION' 1.7894 1.9275  . . 127 2697 99.00  . . . 0.2953 . 0.2825 . . . . . . . . . . 
'X-RAY DIFFRACTION' 1.9275 2.1214  . . 122 2730 99.00  . . . 0.2979 . 0.2413 . . . . . . . . . . 
'X-RAY DIFFRACTION' 2.1214 2.4282  . . 128 2717 100.00 . . . 0.2514 . 0.2166 . . . . . . . . . . 
'X-RAY DIFFRACTION' 2.4282 3.0587  . . 144 2745 100.00 . . . 0.2038 . 0.2117 . . . . . . . . . . 
'X-RAY DIFFRACTION' 3.0587 27.7543 . . 174 2663 99.00  . . . 0.1831 . 0.1672 . . . . . . . . . . 
# 
_struct.entry_id                     5NEP 
_struct.title                        'The structure of the G. violaceus guanidine II riboswitch P1 stem-loop with methylguanidine' 
_struct.pdbx_model_details           ? 
_struct.pdbx_formula_weight          ? 
_struct.pdbx_formula_weight_method   ? 
_struct.pdbx_model_type_details      ? 
_struct.pdbx_CASP_flag               N 
# 
_struct_keywords.entry_id        5NEP 
_struct_keywords.text            'guanidine II riboswitch, stem-loop, tetra loop, dimer, methylguanidine, RNA' 
_struct_keywords.pdbx_keywords   RNA 
# 
loop_
_struct_asym.id 
_struct_asym.pdbx_blank_PDB_chainid_flag 
_struct_asym.pdbx_modified 
_struct_asym.entity_id 
_struct_asym.details 
A N N 1 ? 
B N N 2 ? 
C N N 3 ? 
D N N 3 ? 
E N N 3 ? 
F N N 4 ? 
G N N 4 ? 
H N N 4 ? 
I N N 4 ? 
J N N 5 ? 
# 
_struct_ref.id                         1 
_struct_ref.db_name                    PDB 
_struct_ref.db_code                    5NEP 
_struct_ref.pdbx_db_accession          5NEP 
_struct_ref.pdbx_db_isoform            ? 
_struct_ref.entity_id                  1 
_struct_ref.pdbx_seq_one_letter_code   ? 
_struct_ref.pdbx_align_begin           1 
# 
_struct_ref_seq.align_id                      1 
_struct_ref_seq.ref_id                        1 
_struct_ref_seq.pdbx_PDB_id_code              5NEP 
_struct_ref_seq.pdbx_strand_id                A 
_struct_ref_seq.seq_align_beg                 1 
_struct_ref_seq.pdbx_seq_align_beg_ins_code   ? 
_struct_ref_seq.seq_align_end                 18 
_struct_ref_seq.pdbx_seq_align_end_ins_code   ? 
_struct_ref_seq.pdbx_db_accession             5NEP 
_struct_ref_seq.db_align_beg                  1 
_struct_ref_seq.pdbx_db_align_beg_ins_code    ? 
_struct_ref_seq.db_align_end                  18 
_struct_ref_seq.pdbx_db_align_end_ins_code    ? 
_struct_ref_seq.pdbx_auth_seq_align_beg       1 
_struct_ref_seq.pdbx_auth_seq_align_end       18 
# 
_pdbx_struct_assembly.id                   1 
_pdbx_struct_assembly.details              author_defined_assembly 
_pdbx_struct_assembly.method_details       ? 
_pdbx_struct_assembly.oligomeric_details   dimeric 
_pdbx_struct_assembly.oligomeric_count     2 
# 
loop_
_pdbx_struct_assembly_gen.assembly_id 
_pdbx_struct_assembly_gen.oper_expression 
_pdbx_struct_assembly_gen.asym_id_list 
1 1 A,B,C,D,E,F,G,H,I,J 
1 2 A,B,C,D,E,F,G,H,I,J 
# 
_pdbx_struct_assembly_auth_evidence.id                     1 
_pdbx_struct_assembly_auth_evidence.assembly_id            1 
_pdbx_struct_assembly_auth_evidence.experimental_support   none 
_pdbx_struct_assembly_auth_evidence.details                ? 
# 
loop_
_pdbx_struct_oper_list.id 
_pdbx_struct_oper_list.type 
_pdbx_struct_oper_list.name 
_pdbx_struct_oper_list.symmetry_operation 
_pdbx_struct_oper_list.matrix[1][1] 
_pdbx_struct_oper_list.matrix[1][2] 
_pdbx_struct_oper_list.matrix[1][3] 
_pdbx_struct_oper_list.vector[1] 
_pdbx_struct_oper_list.matrix[2][1] 
_pdbx_struct_oper_list.matrix[2][2] 
_pdbx_struct_oper_list.matrix[2][3] 
_pdbx_struct_oper_list.vector[2] 
_pdbx_struct_oper_list.matrix[3][1] 
_pdbx_struct_oper_list.matrix[3][2] 
_pdbx_struct_oper_list.matrix[3][3] 
_pdbx_struct_oper_list.vector[3] 
1 'identity operation'         1_555  x,y,z              1.0000000000 0.0000000000 0.0000000000  0.0000000000  0.0000000000 1.0000000000  0.0000000000  0.0000000000  0.0000000000  0.0000000000  1.0000000000  0.0000000000 
2 'crystal symmetry operation' 10_455 y-1/3,x+1/3,-z+1/3 0.3630984186 0.6480049475 -0.6695140973 -6.7444522413 0.6480049475 -0.6919441720 -0.3182810878 24.1464773654 -0.6695140973 -0.3182810878 -0.6711542466 9.6393558262 
# 
loop_
_struct_conn.id 
_struct_conn.conn_type_id 
_struct_conn.pdbx_leaving_atom_flag 
_struct_conn.pdbx_PDB_id 
_struct_conn.ptnr1_label_asym_id 
_struct_conn.ptnr1_label_comp_id 
_struct_conn.ptnr1_label_seq_id 
_struct_conn.ptnr1_label_atom_id 
_struct_conn.pdbx_ptnr1_label_alt_id 
_struct_conn.pdbx_ptnr1_PDB_ins_code 
_struct_conn.pdbx_ptnr1_standard_comp_id 
_struct_conn.ptnr1_symmetry 
_struct_conn.ptnr2_label_asym_id 
_struct_conn.ptnr2_label_comp_id 
_struct_conn.ptnr2_label_seq_id 
_struct_conn.ptnr2_label_atom_id 
_struct_conn.pdbx_ptnr2_label_alt_id 
_struct_conn.pdbx_ptnr2_PDB_ins_code 
_struct_conn.ptnr1_auth_asym_id 
_struct_conn.ptnr1_auth_comp_id 
_struct_conn.ptnr1_auth_seq_id 
_struct_conn.ptnr2_auth_asym_id 
_struct_conn.ptnr2_auth_comp_id 
_struct_conn.ptnr2_auth_seq_id 
_struct_conn.ptnr2_symmetry 
_struct_conn.pdbx_ptnr3_label_atom_id 
_struct_conn.pdbx_ptnr3_label_seq_id 
_struct_conn.pdbx_ptnr3_label_comp_id 
_struct_conn.pdbx_ptnr3_label_asym_id 
_struct_conn.pdbx_ptnr3_label_alt_id 
_struct_conn.pdbx_ptnr3_PDB_ins_code 
_struct_conn.details 
_struct_conn.pdbx_dist_value 
_struct_conn.pdbx_value_order 
_struct_conn.pdbx_role 
covale1  covale both ? A A   16 "O3'" ? ? ? 1_555 A CBV 17 P  ? ? A A   16 A CBV 17  1_555 ? ? ? ? ? ? ?            1.619 ? ? 
covale2  covale one  ? A CBV 17 "O3'" ? ? ? 1_555 A C   18 P  ? ? A CBV 17 A C   18  1_555 ? ? ? ? ? ? ?            1.628 ? ? 
metalc1  metalc ?    ? A G   5  "O3'" ? ? ? 1_555 G NA  .  NA ? ? A G   5  A NA  106 1_555 ? ? ? ? ? ? ?            3.185 ? ? 
metalc2  metalc ?    ? A G   5  "O2'" ? ? ? 1_555 G NA  .  NA ? ? A G   5  A NA  106 1_555 ? ? ? ? ? ? ?            2.864 ? ? 
metalc3  metalc ?    ? A G   5  "O3'" ? ? ? 1_555 G NA  .  NA ? ? A G   5  A NA  106 2_565 ? ? ? ? ? ? ?            3.186 ? ? 
metalc4  metalc ?    ? A G   5  "O2'" ? ? ? 1_555 G NA  .  NA ? ? A G   5  A NA  106 2_565 ? ? ? ? ? ? ?            2.865 ? ? 
metalc5  metalc ?    ? A A   16 "O2'" ? ? ? 1_555 F NA  .  NA ? ? A A   16 A NA  105 1_555 ? ? ? ? ? ? ?            2.859 ? ? 
metalc6  metalc ?    ? A A   16 "O2'" ? ? ? 1_555 F NA  .  NA ? ? A A   16 A NA  105 2_565 ? ? ? ? ? ? ?            2.860 ? ? 
metalc7  metalc ?    ? A CBV 17 O2P   ? ? ? 1_555 H NA  .  NA ? ? A CBV 17 A NA  107 3_455 ? ? ? ? ? ? ?            2.768 ? ? 
metalc8  metalc ?    ? A CBV 17 "O2'" ? ? ? 1_555 I NA  .  NA ? ? A CBV 17 A NA  108 1_555 ? ? ? ? ? ? ?            2.767 ? ? 
metalc9  metalc ?    ? A CBV 17 O1P   ? ? ? 1_555 I NA  .  NA ? ? A CBV 17 A NA  108 3_455 ? ? ? ? ? ? ?            2.735 ? ? 
metalc10 metalc ?    ? A C   18 OP1   ? ? ? 1_555 H NA  .  NA ? ? A C   18 A NA  107 1_555 ? ? ? ? ? ? ?            2.860 ? ? 
hydrog1  hydrog ?    ? A G   1  N1    ? ? ? 1_555 A C   18 N3 ? ? A G   1  A C   18  1_555 ? ? ? ? ? ? WATSON-CRICK ?     ? ? 
hydrog2  hydrog ?    ? A G   1  N2    ? ? ? 1_555 A C   18 O2 ? ? A G   1  A C   18  1_555 ? ? ? ? ? ? WATSON-CRICK ?     ? ? 
hydrog3  hydrog ?    ? A G   1  O6    ? ? ? 1_555 A C   18 N4 ? ? A G   1  A C   18  1_555 ? ? ? ? ? ? WATSON-CRICK ?     ? ? 
hydrog4  hydrog ?    ? A G   2  N1    ? ? ? 1_555 A CBV 17 N3 ? ? A G   2  A CBV 17  1_555 ? ? ? ? ? ? WATSON-CRICK ?     ? ? 
hydrog5  hydrog ?    ? A G   2  N2    ? ? ? 1_555 A CBV 17 O2 ? ? A G   2  A CBV 17  1_555 ? ? ? ? ? ? WATSON-CRICK ?     ? ? 
hydrog6  hydrog ?    ? A G   2  O6    ? ? ? 1_555 A CBV 17 N4 ? ? A G   2  A CBV 17  1_555 ? ? ? ? ? ? WATSON-CRICK ?     ? ? 
hydrog7  hydrog ?    ? A U   3  N3    ? ? ? 1_555 A A   16 N1 ? ? A U   3  A A   16  1_555 ? ? ? ? ? ? WATSON-CRICK ?     ? ? 
hydrog8  hydrog ?    ? A U   3  O4    ? ? ? 1_555 A A   16 N6 ? ? A U   3  A A   16  1_555 ? ? ? ? ? ? WATSON-CRICK ?     ? ? 
hydrog9  hydrog ?    ? A G   4  N1    ? ? ? 1_555 A C   15 N3 ? ? A G   4  A C   15  1_555 ? ? ? ? ? ? WATSON-CRICK ?     ? ? 
hydrog10 hydrog ?    ? A G   4  N2    ? ? ? 1_555 A C   15 O2 ? ? A G   4  A C   15  1_555 ? ? ? ? ? ? WATSON-CRICK ?     ? ? 
hydrog11 hydrog ?    ? A G   4  O6    ? ? ? 1_555 A C   15 N4 ? ? A G   4  A C   15  1_555 ? ? ? ? ? ? WATSON-CRICK ?     ? ? 
hydrog12 hydrog ?    ? A G   5  N1    ? ? ? 1_555 A C   14 N3 ? ? A G   5  A C   14  1_555 ? ? ? ? ? ? WATSON-CRICK ?     ? ? 
hydrog13 hydrog ?    ? A G   5  N2    ? ? ? 1_555 A C   14 O2 ? ? A G   5  A C   14  1_555 ? ? ? ? ? ? WATSON-CRICK ?     ? ? 
hydrog14 hydrog ?    ? A G   5  O6    ? ? ? 1_555 A C   14 N4 ? ? A G   5  A C   14  1_555 ? ? ? ? ? ? WATSON-CRICK ?     ? ? 
hydrog15 hydrog ?    ? A G   6  N1    ? ? ? 1_555 A C   13 N3 ? ? A G   6  A C   13  1_555 ? ? ? ? ? ? WATSON-CRICK ?     ? ? 
hydrog16 hydrog ?    ? A G   6  N2    ? ? ? 1_555 A C   13 O2 ? ? A G   6  A C   13  1_555 ? ? ? ? ? ? WATSON-CRICK ?     ? ? 
hydrog17 hydrog ?    ? A G   6  O6    ? ? ? 1_555 A C   13 N4 ? ? A G   6  A C   13  1_555 ? ? ? ? ? ? WATSON-CRICK ?     ? ? 
hydrog18 hydrog ?    ? A G   7  N1    ? ? ? 1_555 A C   12 N3 ? ? A G   7  A C   12  1_555 ? ? ? ? ? ? WATSON-CRICK ?     ? ? 
hydrog19 hydrog ?    ? A G   7  N2    ? ? ? 1_555 A C   12 O2 ? ? A G   7  A C   12  1_555 ? ? ? ? ? ? WATSON-CRICK ?     ? ? 
hydrog20 hydrog ?    ? A G   7  O6    ? ? ? 1_555 A C   12 N4 ? ? A G   7  A C   12  1_555 ? ? ? ? ? ? WATSON-CRICK ?     ? ? 
# 
loop_
_struct_conn_type.id 
_struct_conn_type.criteria 
_struct_conn_type.reference 
covale ? ? 
metalc ? ? 
hydrog ? ? 
# 
loop_
_pdbx_struct_conn_angle.id 
_pdbx_struct_conn_angle.ptnr1_label_atom_id 
_pdbx_struct_conn_angle.ptnr1_label_alt_id 
_pdbx_struct_conn_angle.ptnr1_label_asym_id 
_pdbx_struct_conn_angle.ptnr1_label_comp_id 
_pdbx_struct_conn_angle.ptnr1_label_seq_id 
_pdbx_struct_conn_angle.ptnr1_auth_atom_id 
_pdbx_struct_conn_angle.ptnr1_auth_asym_id 
_pdbx_struct_conn_angle.ptnr1_auth_comp_id 
_pdbx_struct_conn_angle.ptnr1_auth_seq_id 
_pdbx_struct_conn_angle.ptnr1_PDB_ins_code 
_pdbx_struct_conn_angle.ptnr1_symmetry 
_pdbx_struct_conn_angle.ptnr2_label_atom_id 
_pdbx_struct_conn_angle.ptnr2_label_alt_id 
_pdbx_struct_conn_angle.ptnr2_label_asym_id 
_pdbx_struct_conn_angle.ptnr2_label_comp_id 
_pdbx_struct_conn_angle.ptnr2_label_seq_id 
_pdbx_struct_conn_angle.ptnr2_auth_atom_id 
_pdbx_struct_conn_angle.ptnr2_auth_asym_id 
_pdbx_struct_conn_angle.ptnr2_auth_comp_id 
_pdbx_struct_conn_angle.ptnr2_auth_seq_id 
_pdbx_struct_conn_angle.ptnr2_PDB_ins_code 
_pdbx_struct_conn_angle.ptnr2_symmetry 
_pdbx_struct_conn_angle.ptnr3_label_atom_id 
_pdbx_struct_conn_angle.ptnr3_label_alt_id 
_pdbx_struct_conn_angle.ptnr3_label_asym_id 
_pdbx_struct_conn_angle.ptnr3_label_comp_id 
_pdbx_struct_conn_angle.ptnr3_label_seq_id 
_pdbx_struct_conn_angle.ptnr3_auth_atom_id 
_pdbx_struct_conn_angle.ptnr3_auth_asym_id 
_pdbx_struct_conn_angle.ptnr3_auth_comp_id 
_pdbx_struct_conn_angle.ptnr3_auth_seq_id 
_pdbx_struct_conn_angle.ptnr3_PDB_ins_code 
_pdbx_struct_conn_angle.ptnr3_symmetry 
_pdbx_struct_conn_angle.value 
_pdbx_struct_conn_angle.value_esd 
1 "O3'" ? A G   5  ? A G   5  ? 1_555 NA ? G NA . ? A NA 106 ? 1_555 "O2'" ? A G   5  ? A G   5  ? 1_555 54.1 ? 
2 "O3'" ? A G   5  ? A G   5  ? 1_555 NA ? G NA . ? A NA 106 ? 1_555 "O3'" ? A G   5  ? A G   5  ? 1_555 0.0  ? 
3 "O2'" ? A G   5  ? A G   5  ? 1_555 NA ? G NA . ? A NA 106 ? 1_555 "O3'" ? A G   5  ? A G   5  ? 1_555 54.1 ? 
4 "O3'" ? A G   5  ? A G   5  ? 1_555 NA ? G NA . ? A NA 106 ? 1_555 "O2'" ? A G   5  ? A G   5  ? 1_555 54.1 ? 
5 "O2'" ? A G   5  ? A G   5  ? 1_555 NA ? G NA . ? A NA 106 ? 1_555 "O2'" ? A G   5  ? A G   5  ? 1_555 0.0  ? 
6 "O3'" ? A G   5  ? A G   5  ? 1_555 NA ? G NA . ? A NA 106 ? 1_555 "O2'" ? A G   5  ? A G   5  ? 1_555 54.1 ? 
7 "O2'" ? A A   16 ? A A   16 ? 1_555 NA ? F NA . ? A NA 105 ? 1_555 "O2'" ? A A   16 ? A A   16 ? 1_555 0.0  ? 
8 O2P   ? A CBV 17 ? A CBV 17 ? 1_555 NA ? H NA . ? A NA 107 ? 3_455 OP1   ? A C   18 ? A C   18 ? 1_555 68.3 ? 
9 "O2'" ? A CBV 17 ? A CBV 17 ? 1_555 NA ? I NA . ? A NA 108 ? 1_555 O1P   ? A CBV 17 ? A CBV 17 ? 1_555 53.7 ? 
# 
loop_
_struct_site.id 
_struct_site.pdbx_evidence_code 
_struct_site.pdbx_auth_asym_id 
_struct_site.pdbx_auth_comp_id 
_struct_site.pdbx_auth_seq_id 
_struct_site.pdbx_auth_ins_code 
_struct_site.pdbx_num_residues 
_struct_site.details 
AC1 Software A MGX 101 ? 4 'binding site for residue MGX A 101' 
AC2 Software A SO4 102 ? 4 'binding site for residue SO4 A 102' 
AC3 Software A SO4 103 ? 4 'binding site for residue SO4 A 103' 
AC4 Software A SO4 104 ? 4 'binding site for residue SO4 A 104' 
AC5 Software A NA  105 ? 6 'binding site for residue NA A 105'  
AC6 Software A NA  106 ? 6 'binding site for residue NA A 106'  
AC7 Software A NA  107 ? 5 'binding site for residue NA A 107'  
AC8 Software A NA  108 ? 5 'binding site for residue NA A 108'  
# 
loop_
_struct_site_gen.id 
_struct_site_gen.site_id 
_struct_site_gen.pdbx_num_res 
_struct_site_gen.label_comp_id 
_struct_site_gen.label_asym_id 
_struct_site_gen.label_seq_id 
_struct_site_gen.pdbx_auth_ins_code 
_struct_site_gen.auth_comp_id 
_struct_site_gen.auth_asym_id 
_struct_site_gen.auth_seq_id 
_struct_site_gen.label_atom_id 
_struct_site_gen.label_alt_id 
_struct_site_gen.symmetry 
_struct_site_gen.details 
1  AC1 4 G   A 7  ? G   A 7   . ? 1_555 ? 
2  AC1 4 A   A 8  ? A   A 8   . ? 1_555 ? 
3  AC1 4 C   A 9  ? C   A 9   . ? 1_555 ? 
4  AC1 4 G   A 10 ? G   A 10  . ? 1_555 ? 
5  AC2 4 G   A 2  ? G   A 2   . ? 1_555 ? 
6  AC2 4 U   A 3  ? U   A 3   . ? 1_555 ? 
7  AC2 4 HOH J .  ? HOH A 201 . ? 2_565 ? 
8  AC2 4 HOH J .  ? HOH A 211 . ? 1_555 ? 
9  AC3 4 A   A 16 ? A   A 16  . ? 1_555 ? 
10 AC3 4 CBV A 17 ? CBV A 17  . ? 1_555 ? 
11 AC3 4 HOH J .  ? HOH A 208 . ? 1_555 ? 
12 AC3 4 HOH J .  ? HOH A 217 . ? 1_555 ? 
13 AC4 4 NA  H .  ? NA  A 107 . ? 3_455 ? 
14 AC4 4 HOH J .  ? HOH A 202 . ? 2_565 ? 
15 AC4 4 HOH J .  ? HOH A 202 . ? 3_455 ? 
16 AC4 4 HOH J .  ? HOH A 202 . ? 1_555 ? 
17 AC5 6 A   A 16 ? A   A 16  . ? 3_455 ? 
18 AC5 6 A   A 16 ? A   A 16  . ? 2_565 ? 
19 AC5 6 A   A 16 ? A   A 16  . ? 1_555 ? 
20 AC5 6 CBV A 17 ? CBV A 17  . ? 2_565 ? 
21 AC5 6 CBV A 17 ? CBV A 17  . ? 1_555 ? 
22 AC5 6 CBV A 17 ? CBV A 17  . ? 3_455 ? 
23 AC6 6 G   A 5  ? G   A 5   . ? 3_455 ? 
24 AC6 6 G   A 5  ? G   A 5   . ? 2_565 ? 
25 AC6 6 G   A 5  ? G   A 5   . ? 1_555 ? 
26 AC6 6 G   A 6  ? G   A 6   . ? 2_565 ? 
27 AC6 6 G   A 6  ? G   A 6   . ? 1_555 ? 
28 AC6 6 G   A 6  ? G   A 6   . ? 3_455 ? 
29 AC7 5 CBV A 17 ? CBV A 17  . ? 2_565 ? 
30 AC7 5 CBV A 17 ? CBV A 17  . ? 1_555 ? 
31 AC7 5 C   A 18 ? C   A 18  . ? 1_555 ? 
32 AC7 5 SO4 E .  ? SO4 A 104 . ? 2_565 ? 
33 AC7 5 NA  I .  ? NA  A 108 . ? 1_555 ? 
34 AC8 5 A   A 16 ? A   A 16  . ? 2_565 ? 
35 AC8 5 CBV A 17 ? CBV A 17  . ? 2_565 ? 
36 AC8 5 CBV A 17 ? CBV A 17  . ? 1_555 ? 
37 AC8 5 C   A 18 ? C   A 18  . ? 1_555 ? 
38 AC8 5 NA  H .  ? NA  A 107 . ? 1_555 ? 
# 
loop_
_pdbx_validate_close_contact.id 
_pdbx_validate_close_contact.PDB_model_num 
_pdbx_validate_close_contact.auth_atom_id_1 
_pdbx_validate_close_contact.auth_asym_id_1 
_pdbx_validate_close_contact.auth_comp_id_1 
_pdbx_validate_close_contact.auth_seq_id_1 
_pdbx_validate_close_contact.PDB_ins_code_1 
_pdbx_validate_close_contact.label_alt_id_1 
_pdbx_validate_close_contact.auth_atom_id_2 
_pdbx_validate_close_contact.auth_asym_id_2 
_pdbx_validate_close_contact.auth_comp_id_2 
_pdbx_validate_close_contact.auth_seq_id_2 
_pdbx_validate_close_contact.PDB_ins_code_2 
_pdbx_validate_close_contact.label_alt_id_2 
_pdbx_validate_close_contact.dist 
1 1 "O3'" A A   16 ? ? O3P A CBV 17  ? ? 0.36 
2 1 HN42  A CBV 17 ? ? O4  A SO4 103 ? ? 1.55 
3 1 "C3'" A A   16 ? ? O3P A CBV 17  ? ? 1.77 
# 
_pdbx_validate_symm_contact.id                1 
_pdbx_validate_symm_contact.PDB_model_num     1 
_pdbx_validate_symm_contact.auth_atom_id_1    O 
_pdbx_validate_symm_contact.auth_asym_id_1    A 
_pdbx_validate_symm_contact.auth_comp_id_1    HOH 
_pdbx_validate_symm_contact.auth_seq_id_1     215 
_pdbx_validate_symm_contact.PDB_ins_code_1    ? 
_pdbx_validate_symm_contact.label_alt_id_1    ? 
_pdbx_validate_symm_contact.site_symmetry_1   1_555 
_pdbx_validate_symm_contact.auth_atom_id_2    O 
_pdbx_validate_symm_contact.auth_asym_id_2    A 
_pdbx_validate_symm_contact.auth_comp_id_2    HOH 
_pdbx_validate_symm_contact.auth_seq_id_2     226 
_pdbx_validate_symm_contact.PDB_ins_code_2    ? 
_pdbx_validate_symm_contact.label_alt_id_2    ? 
_pdbx_validate_symm_contact.site_symmetry_2   10_455 
_pdbx_validate_symm_contact.dist              1.92 
# 
loop_
_pdbx_struct_special_symmetry.id 
_pdbx_struct_special_symmetry.PDB_model_num 
_pdbx_struct_special_symmetry.auth_asym_id 
_pdbx_struct_special_symmetry.auth_comp_id 
_pdbx_struct_special_symmetry.auth_seq_id 
_pdbx_struct_special_symmetry.PDB_ins_code 
_pdbx_struct_special_symmetry.label_asym_id 
_pdbx_struct_special_symmetry.label_comp_id 
_pdbx_struct_special_symmetry.label_seq_id 
1 1 A SO4 104 ? E SO4 . 
2 1 A NA  105 ? F NA  . 
3 1 A NA  106 ? G NA  . 
4 1 A HOH 202 ? J HOH . 
5 1 A HOH 212 ? J HOH . 
# 
loop_
_pdbx_refine_tls.pdbx_refine_id 
_pdbx_refine_tls.id 
_pdbx_refine_tls.details 
_pdbx_refine_tls.method 
_pdbx_refine_tls.origin_x 
_pdbx_refine_tls.origin_y 
_pdbx_refine_tls.origin_z 
_pdbx_refine_tls.T[1][1] 
_pdbx_refine_tls.T[2][2] 
_pdbx_refine_tls.T[3][3] 
_pdbx_refine_tls.T[1][2] 
_pdbx_refine_tls.T[1][3] 
_pdbx_refine_tls.T[2][3] 
_pdbx_refine_tls.L[1][1] 
_pdbx_refine_tls.L[2][2] 
_pdbx_refine_tls.L[3][3] 
_pdbx_refine_tls.L[1][2] 
_pdbx_refine_tls.L[1][3] 
_pdbx_refine_tls.L[2][3] 
_pdbx_refine_tls.S[1][1] 
_pdbx_refine_tls.S[1][2] 
_pdbx_refine_tls.S[1][3] 
_pdbx_refine_tls.S[2][1] 
_pdbx_refine_tls.S[2][2] 
_pdbx_refine_tls.S[2][3] 
_pdbx_refine_tls.S[3][1] 
_pdbx_refine_tls.S[3][2] 
_pdbx_refine_tls.S[3][3] 
'X-RAY DIFFRACTION' 1 ? refined 0.6942  0.3932  3.2307  0.3445 0.3508 0.2651 -0.0216 0.0255  -0.0237 2.4341 4.1493  0.7769 1.5662  0.2355  1.3580 0.1445 -0.2239 0.1236  0.3031 -0.1265 0.0800 -0.1426 -0.3157 -0.0630 
'X-RAY DIFFRACTION' 2 ? refined -0.9493 -0.2141 -3.7050 0.2475 0.3136 0.3246 -0.0099 -0.0097 -0.0581 0.0248 10.2080 0.9406 -0.3712 -0.0982 1.6992 0.1564 0.0198  -0.2066 0.2233 -0.5543 0.6846 0.0267  -0.4033 0.3431  
# 
loop_
_pdbx_refine_tls_group.pdbx_refine_id 
_pdbx_refine_tls_group.id 
_pdbx_refine_tls_group.refine_tls_id 
_pdbx_refine_tls_group.beg_auth_asym_id 
_pdbx_refine_tls_group.beg_auth_seq_id 
_pdbx_refine_tls_group.beg_label_asym_id 
_pdbx_refine_tls_group.beg_label_seq_id 
_pdbx_refine_tls_group.end_auth_asym_id 
_pdbx_refine_tls_group.end_auth_seq_id 
_pdbx_refine_tls_group.end_label_asym_id 
_pdbx_refine_tls_group.end_label_seq_id 
_pdbx_refine_tls_group.selection 
_pdbx_refine_tls_group.selection_details 
'X-RAY DIFFRACTION' 1 1 ? ? ? ? ? ? ? ? ? 
;chain 'A' and (resid 1 through 10 )
;
'X-RAY DIFFRACTION' 2 2 ? ? ? ? ? ? ? ? ? 
;chain 'A' and (resid 11 through 18 )
;
# 
loop_
_chem_comp_atom.comp_id 
_chem_comp_atom.atom_id 
_chem_comp_atom.type_symbol 
_chem_comp_atom.pdbx_aromatic_flag 
_chem_comp_atom.pdbx_stereo_config 
_chem_comp_atom.pdbx_ordinal 
A   OP3    O  N N 1   
A   P      P  N N 2   
A   OP1    O  N N 3   
A   OP2    O  N N 4   
A   "O5'"  O  N N 5   
A   "C5'"  C  N N 6   
A   "C4'"  C  N R 7   
A   "O4'"  O  N N 8   
A   "C3'"  C  N S 9   
A   "O3'"  O  N N 10  
A   "C2'"  C  N R 11  
A   "O2'"  O  N N 12  
A   "C1'"  C  N R 13  
A   N9     N  Y N 14  
A   C8     C  Y N 15  
A   N7     N  Y N 16  
A   C5     C  Y N 17  
A   C6     C  Y N 18  
A   N6     N  N N 19  
A   N1     N  Y N 20  
A   C2     C  Y N 21  
A   N3     N  Y N 22  
A   C4     C  Y N 23  
A   HOP3   H  N N 24  
A   HOP2   H  N N 25  
A   "H5'"  H  N N 26  
A   "H5''" H  N N 27  
A   "H4'"  H  N N 28  
A   "H3'"  H  N N 29  
A   "HO3'" H  N N 30  
A   "H2'"  H  N N 31  
A   "HO2'" H  N N 32  
A   "H1'"  H  N N 33  
A   H8     H  N N 34  
A   H61    H  N N 35  
A   H62    H  N N 36  
A   H2     H  N N 37  
C   OP3    O  N N 38  
C   P      P  N N 39  
C   OP1    O  N N 40  
C   OP2    O  N N 41  
C   "O5'"  O  N N 42  
C   "C5'"  C  N N 43  
C   "C4'"  C  N R 44  
C   "O4'"  O  N N 45  
C   "C3'"  C  N S 46  
C   "O3'"  O  N N 47  
C   "C2'"  C  N R 48  
C   "O2'"  O  N N 49  
C   "C1'"  C  N R 50  
C   N1     N  N N 51  
C   C2     C  N N 52  
C   O2     O  N N 53  
C   N3     N  N N 54  
C   C4     C  N N 55  
C   N4     N  N N 56  
C   C5     C  N N 57  
C   C6     C  N N 58  
C   HOP3   H  N N 59  
C   HOP2   H  N N 60  
C   "H5'"  H  N N 61  
C   "H5''" H  N N 62  
C   "H4'"  H  N N 63  
C   "H3'"  H  N N 64  
C   "HO3'" H  N N 65  
C   "H2'"  H  N N 66  
C   "HO2'" H  N N 67  
C   "H1'"  H  N N 68  
C   H41    H  N N 69  
C   H42    H  N N 70  
C   H5     H  N N 71  
C   H6     H  N N 72  
CBV O3P    O  N N 73  
CBV P      P  N N 74  
CBV O1P    O  N N 75  
CBV O2P    O  N N 76  
CBV "O5'"  O  N N 77  
CBV "C5'"  C  N N 78  
CBV "C4'"  C  N R 79  
CBV "O4'"  O  N N 80  
CBV "C3'"  C  N S 81  
CBV "O3'"  O  N N 82  
CBV "C2'"  C  N R 83  
CBV "O2'"  O  N N 84  
CBV "C1'"  C  N R 85  
CBV N1     N  N N 86  
CBV C2     C  N N 87  
CBV O2     O  N N 88  
CBV N3     N  N N 89  
CBV C4     C  N N 90  
CBV N4     N  N N 91  
CBV C5     C  N N 92  
CBV C6     C  N N 93  
CBV BR     BR N N 94  
CBV HO3P   H  N N 95  
CBV HO1P   H  N N 96  
CBV "H5'1" H  N N 97  
CBV "H5'2" H  N N 98  
CBV "H4'"  H  N N 99  
CBV "H3'"  H  N N 100 
CBV "HO3'" H  N N 101 
CBV "H2'"  H  N N 102 
CBV "HO2'" H  N N 103 
CBV "H1'"  H  N N 104 
CBV HN41   H  N N 105 
CBV HN42   H  N N 106 
CBV H6     H  N N 107 
G   OP3    O  N N 108 
G   P      P  N N 109 
G   OP1    O  N N 110 
G   OP2    O  N N 111 
G   "O5'"  O  N N 112 
G   "C5'"  C  N N 113 
G   "C4'"  C  N R 114 
G   "O4'"  O  N N 115 
G   "C3'"  C  N S 116 
G   "O3'"  O  N N 117 
G   "C2'"  C  N R 118 
G   "O2'"  O  N N 119 
G   "C1'"  C  N R 120 
G   N9     N  Y N 121 
G   C8     C  Y N 122 
G   N7     N  Y N 123 
G   C5     C  Y N 124 
G   C6     C  N N 125 
G   O6     O  N N 126 
G   N1     N  N N 127 
G   C2     C  N N 128 
G   N2     N  N N 129 
G   N3     N  N N 130 
G   C4     C  Y N 131 
G   HOP3   H  N N 132 
G   HOP2   H  N N 133 
G   "H5'"  H  N N 134 
G   "H5''" H  N N 135 
G   "H4'"  H  N N 136 
G   "H3'"  H  N N 137 
G   "HO3'" H  N N 138 
G   "H2'"  H  N N 139 
G   "HO2'" H  N N 140 
G   "H1'"  H  N N 141 
G   H8     H  N N 142 
G   H1     H  N N 143 
G   H21    H  N N 144 
G   H22    H  N N 145 
HOH O      O  N N 146 
HOH H1     H  N N 147 
HOH H2     H  N N 148 
MGX CD     C  N N 149 
MGX NE     N  N N 150 
MGX CZ     C  N N 151 
MGX NH1    N  N N 152 
MGX NH2    N  N N 153 
MGX HD1    H  N N 154 
MGX HD2    H  N N 155 
MGX HD3    H  N N 156 
MGX HNE    H  N N 157 
MGX HH11   H  N N 158 
MGX HH12   H  N N 159 
MGX HNH2   H  N N 160 
NA  NA     NA N N 161 
SO4 S      S  N N 162 
SO4 O1     O  N N 163 
SO4 O2     O  N N 164 
SO4 O3     O  N N 165 
SO4 O4     O  N N 166 
U   OP3    O  N N 167 
U   P      P  N N 168 
U   OP1    O  N N 169 
U   OP2    O  N N 170 
U   "O5'"  O  N N 171 
U   "C5'"  C  N N 172 
U   "C4'"  C  N R 173 
U   "O4'"  O  N N 174 
U   "C3'"  C  N S 175 
U   "O3'"  O  N N 176 
U   "C2'"  C  N R 177 
U   "O2'"  O  N N 178 
U   "C1'"  C  N R 179 
U   N1     N  N N 180 
U   C2     C  N N 181 
U   O2     O  N N 182 
U   N3     N  N N 183 
U   C4     C  N N 184 
U   O4     O  N N 185 
U   C5     C  N N 186 
U   C6     C  N N 187 
U   HOP3   H  N N 188 
U   HOP2   H  N N 189 
U   "H5'"  H  N N 190 
U   "H5''" H  N N 191 
U   "H4'"  H  N N 192 
U   "H3'"  H  N N 193 
U   "HO3'" H  N N 194 
U   "H2'"  H  N N 195 
U   "HO2'" H  N N 196 
U   "H1'"  H  N N 197 
U   H3     H  N N 198 
U   H5     H  N N 199 
U   H6     H  N N 200 
# 
loop_
_chem_comp_bond.comp_id 
_chem_comp_bond.atom_id_1 
_chem_comp_bond.atom_id_2 
_chem_comp_bond.value_order 
_chem_comp_bond.pdbx_aromatic_flag 
_chem_comp_bond.pdbx_stereo_config 
_chem_comp_bond.pdbx_ordinal 
A   OP3   P      sing N N 1   
A   OP3   HOP3   sing N N 2   
A   P     OP1    doub N N 3   
A   P     OP2    sing N N 4   
A   P     "O5'"  sing N N 5   
A   OP2   HOP2   sing N N 6   
A   "O5'" "C5'"  sing N N 7   
A   "C5'" "C4'"  sing N N 8   
A   "C5'" "H5'"  sing N N 9   
A   "C5'" "H5''" sing N N 10  
A   "C4'" "O4'"  sing N N 11  
A   "C4'" "C3'"  sing N N 12  
A   "C4'" "H4'"  sing N N 13  
A   "O4'" "C1'"  sing N N 14  
A   "C3'" "O3'"  sing N N 15  
A   "C3'" "C2'"  sing N N 16  
A   "C3'" "H3'"  sing N N 17  
A   "O3'" "HO3'" sing N N 18  
A   "C2'" "O2'"  sing N N 19  
A   "C2'" "C1'"  sing N N 20  
A   "C2'" "H2'"  sing N N 21  
A   "O2'" "HO2'" sing N N 22  
A   "C1'" N9     sing N N 23  
A   "C1'" "H1'"  sing N N 24  
A   N9    C8     sing Y N 25  
A   N9    C4     sing Y N 26  
A   C8    N7     doub Y N 27  
A   C8    H8     sing N N 28  
A   N7    C5     sing Y N 29  
A   C5    C6     sing Y N 30  
A   C5    C4     doub Y N 31  
A   C6    N6     sing N N 32  
A   C6    N1     doub Y N 33  
A   N6    H61    sing N N 34  
A   N6    H62    sing N N 35  
A   N1    C2     sing Y N 36  
A   C2    N3     doub Y N 37  
A   C2    H2     sing N N 38  
A   N3    C4     sing Y N 39  
C   OP3   P      sing N N 40  
C   OP3   HOP3   sing N N 41  
C   P     OP1    doub N N 42  
C   P     OP2    sing N N 43  
C   P     "O5'"  sing N N 44  
C   OP2   HOP2   sing N N 45  
C   "O5'" "C5'"  sing N N 46  
C   "C5'" "C4'"  sing N N 47  
C   "C5'" "H5'"  sing N N 48  
C   "C5'" "H5''" sing N N 49  
C   "C4'" "O4'"  sing N N 50  
C   "C4'" "C3'"  sing N N 51  
C   "C4'" "H4'"  sing N N 52  
C   "O4'" "C1'"  sing N N 53  
C   "C3'" "O3'"  sing N N 54  
C   "C3'" "C2'"  sing N N 55  
C   "C3'" "H3'"  sing N N 56  
C   "O3'" "HO3'" sing N N 57  
C   "C2'" "O2'"  sing N N 58  
C   "C2'" "C1'"  sing N N 59  
C   "C2'" "H2'"  sing N N 60  
C   "O2'" "HO2'" sing N N 61  
C   "C1'" N1     sing N N 62  
C   "C1'" "H1'"  sing N N 63  
C   N1    C2     sing N N 64  
C   N1    C6     sing N N 65  
C   C2    O2     doub N N 66  
C   C2    N3     sing N N 67  
C   N3    C4     doub N N 68  
C   C4    N4     sing N N 69  
C   C4    C5     sing N N 70  
C   N4    H41    sing N N 71  
C   N4    H42    sing N N 72  
C   C5    C6     doub N N 73  
C   C5    H5     sing N N 74  
C   C6    H6     sing N N 75  
CBV O3P   P      sing N N 76  
CBV O3P   HO3P   sing N N 77  
CBV P     O1P    sing N N 78  
CBV P     O2P    doub N N 79  
CBV P     "O5'"  sing N N 80  
CBV O1P   HO1P   sing N N 81  
CBV "O5'" "C5'"  sing N N 82  
CBV "C5'" "C4'"  sing N N 83  
CBV "C5'" "H5'1" sing N N 84  
CBV "C5'" "H5'2" sing N N 85  
CBV "C4'" "O4'"  sing N N 86  
CBV "C4'" "C3'"  sing N N 87  
CBV "C4'" "H4'"  sing N N 88  
CBV "O4'" "C1'"  sing N N 89  
CBV "C3'" "O3'"  sing N N 90  
CBV "C3'" "C2'"  sing N N 91  
CBV "C3'" "H3'"  sing N N 92  
CBV "O3'" "HO3'" sing N N 93  
CBV "C2'" "O2'"  sing N N 94  
CBV "C2'" "C1'"  sing N N 95  
CBV "C2'" "H2'"  sing N N 96  
CBV "O2'" "HO2'" sing N N 97  
CBV "C1'" N1     sing N N 98  
CBV "C1'" "H1'"  sing N N 99  
CBV N1    C2     sing N N 100 
CBV N1    C6     sing N N 101 
CBV C2    O2     doub N N 102 
CBV C2    N3     sing N N 103 
CBV N3    C4     doub N N 104 
CBV C4    N4     sing N N 105 
CBV C4    C5     sing N N 106 
CBV N4    HN41   sing N N 107 
CBV N4    HN42   sing N N 108 
CBV C5    C6     doub N N 109 
CBV C5    BR     sing N N 110 
CBV C6    H6     sing N N 111 
G   OP3   P      sing N N 112 
G   OP3   HOP3   sing N N 113 
G   P     OP1    doub N N 114 
G   P     OP2    sing N N 115 
G   P     "O5'"  sing N N 116 
G   OP2   HOP2   sing N N 117 
G   "O5'" "C5'"  sing N N 118 
G   "C5'" "C4'"  sing N N 119 
G   "C5'" "H5'"  sing N N 120 
G   "C5'" "H5''" sing N N 121 
G   "C4'" "O4'"  sing N N 122 
G   "C4'" "C3'"  sing N N 123 
G   "C4'" "H4'"  sing N N 124 
G   "O4'" "C1'"  sing N N 125 
G   "C3'" "O3'"  sing N N 126 
G   "C3'" "C2'"  sing N N 127 
G   "C3'" "H3'"  sing N N 128 
G   "O3'" "HO3'" sing N N 129 
G   "C2'" "O2'"  sing N N 130 
G   "C2'" "C1'"  sing N N 131 
G   "C2'" "H2'"  sing N N 132 
G   "O2'" "HO2'" sing N N 133 
G   "C1'" N9     sing N N 134 
G   "C1'" "H1'"  sing N N 135 
G   N9    C8     sing Y N 136 
G   N9    C4     sing Y N 137 
G   C8    N7     doub Y N 138 
G   C8    H8     sing N N 139 
G   N7    C5     sing Y N 140 
G   C5    C6     sing N N 141 
G   C5    C4     doub Y N 142 
G   C6    O6     doub N N 143 
G   C6    N1     sing N N 144 
G   N1    C2     sing N N 145 
G   N1    H1     sing N N 146 
G   C2    N2     sing N N 147 
G   C2    N3     doub N N 148 
G   N2    H21    sing N N 149 
G   N2    H22    sing N N 150 
G   N3    C4     sing N N 151 
HOH O     H1     sing N N 152 
HOH O     H2     sing N N 153 
MGX CD    NE     sing N N 154 
MGX CD    HD1    sing N N 155 
MGX CD    HD2    sing N N 156 
MGX CD    HD3    sing N N 157 
MGX NE    CZ     sing N N 158 
MGX NE    HNE    sing N N 159 
MGX CZ    NH1    sing N N 160 
MGX CZ    NH2    doub N N 161 
MGX NH1   HH11   sing N N 162 
MGX NH1   HH12   sing N N 163 
MGX NH2   HNH2   sing N N 164 
SO4 S     O1     doub N N 165 
SO4 S     O2     doub N N 166 
SO4 S     O3     sing N N 167 
SO4 S     O4     sing N N 168 
U   OP3   P      sing N N 169 
U   OP3   HOP3   sing N N 170 
U   P     OP1    doub N N 171 
U   P     OP2    sing N N 172 
U   P     "O5'"  sing N N 173 
U   OP2   HOP2   sing N N 174 
U   "O5'" "C5'"  sing N N 175 
U   "C5'" "C4'"  sing N N 176 
U   "C5'" "H5'"  sing N N 177 
U   "C5'" "H5''" sing N N 178 
U   "C4'" "O4'"  sing N N 179 
U   "C4'" "C3'"  sing N N 180 
U   "C4'" "H4'"  sing N N 181 
U   "O4'" "C1'"  sing N N 182 
U   "C3'" "O3'"  sing N N 183 
U   "C3'" "C2'"  sing N N 184 
U   "C3'" "H3'"  sing N N 185 
U   "O3'" "HO3'" sing N N 186 
U   "C2'" "O2'"  sing N N 187 
U   "C2'" "C1'"  sing N N 188 
U   "C2'" "H2'"  sing N N 189 
U   "O2'" "HO2'" sing N N 190 
U   "C1'" N1     sing N N 191 
U   "C1'" "H1'"  sing N N 192 
U   N1    C2     sing N N 193 
U   N1    C6     sing N N 194 
U   C2    O2     doub N N 195 
U   C2    N3     sing N N 196 
U   N3    C4     sing N N 197 
U   N3    H3     sing N N 198 
U   C4    O4     doub N N 199 
U   C4    C5     sing N N 200 
U   C5    C6     doub N N 201 
U   C5    H5     sing N N 202 
U   C6    H6     sing N N 203 
# 
loop_
_ndb_struct_conf_na.entry_id 
_ndb_struct_conf_na.feature 
5NEP 'a-form double helix'  
5NEP 'hairpin loop'         
5NEP 'mismatched base pair' 
# 
loop_
_ndb_struct_na_base_pair.model_number 
_ndb_struct_na_base_pair.i_label_asym_id 
_ndb_struct_na_base_pair.i_label_comp_id 
_ndb_struct_na_base_pair.i_label_seq_id 
_ndb_struct_na_base_pair.i_symmetry 
_ndb_struct_na_base_pair.j_label_asym_id 
_ndb_struct_na_base_pair.j_label_comp_id 
_ndb_struct_na_base_pair.j_label_seq_id 
_ndb_struct_na_base_pair.j_symmetry 
_ndb_struct_na_base_pair.shear 
_ndb_struct_na_base_pair.stretch 
_ndb_struct_na_base_pair.stagger 
_ndb_struct_na_base_pair.buckle 
_ndb_struct_na_base_pair.propeller 
_ndb_struct_na_base_pair.opening 
_ndb_struct_na_base_pair.pair_number 
_ndb_struct_na_base_pair.pair_name 
_ndb_struct_na_base_pair.i_auth_asym_id 
_ndb_struct_na_base_pair.i_auth_seq_id 
_ndb_struct_na_base_pair.i_PDB_ins_code 
_ndb_struct_na_base_pair.j_auth_asym_id 
_ndb_struct_na_base_pair.j_auth_seq_id 
_ndb_struct_na_base_pair.j_PDB_ins_code 
_ndb_struct_na_base_pair.hbond_type_28 
_ndb_struct_na_base_pair.hbond_type_12 
1 A G 1 1_555 A C   18 1_555 -0.209 -0.103 -0.048 -4.941 -1.771  -0.719 1 A_G1:C18_A   A 1 ? A 18 ? 19 1 
1 A G 2 1_555 A CBV 17 1_555 -0.273 -0.166 -0.011 -3.053 -12.470 1.602  2 A_G2:CBV17_A A 2 ? A 17 ? 19 1 
1 A U 3 1_555 A A   16 1_555 0.040  -0.112 0.120  -0.579 -12.389 4.082  3 A_U3:A16_A   A 3 ? A 16 ? 20 1 
1 A G 4 1_555 A C   15 1_555 -0.338 -0.098 -0.181 -5.421 -9.397  1.831  4 A_G4:C15_A   A 4 ? A 15 ? 19 1 
1 A G 5 1_555 A C   14 1_555 -0.260 -0.167 -0.251 -9.759 -9.901  -2.893 5 A_G5:C14_A   A 5 ? A 14 ? 19 1 
1 A G 6 1_555 A C   13 1_555 -0.211 -0.134 -0.100 -7.248 -5.915  -1.746 6 A_G6:C13_A   A 6 ? A 13 ? 19 1 
1 A G 7 1_555 A C   12 1_555 -0.096 -0.088 -0.118 -2.336 0.158   -1.931 7 A_G7:C12_A   A 7 ? A 12 ? 19 1 
# 
loop_
_ndb_struct_na_base_pair_step.model_number 
_ndb_struct_na_base_pair_step.i_label_asym_id_1 
_ndb_struct_na_base_pair_step.i_label_comp_id_1 
_ndb_struct_na_base_pair_step.i_label_seq_id_1 
_ndb_struct_na_base_pair_step.i_symmetry_1 
_ndb_struct_na_base_pair_step.j_label_asym_id_1 
_ndb_struct_na_base_pair_step.j_label_comp_id_1 
_ndb_struct_na_base_pair_step.j_label_seq_id_1 
_ndb_struct_na_base_pair_step.j_symmetry_1 
_ndb_struct_na_base_pair_step.i_label_asym_id_2 
_ndb_struct_na_base_pair_step.i_label_comp_id_2 
_ndb_struct_na_base_pair_step.i_label_seq_id_2 
_ndb_struct_na_base_pair_step.i_symmetry_2 
_ndb_struct_na_base_pair_step.j_label_asym_id_2 
_ndb_struct_na_base_pair_step.j_label_comp_id_2 
_ndb_struct_na_base_pair_step.j_label_seq_id_2 
_ndb_struct_na_base_pair_step.j_symmetry_2 
_ndb_struct_na_base_pair_step.shift 
_ndb_struct_na_base_pair_step.slide 
_ndb_struct_na_base_pair_step.rise 
_ndb_struct_na_base_pair_step.tilt 
_ndb_struct_na_base_pair_step.roll 
_ndb_struct_na_base_pair_step.twist 
_ndb_struct_na_base_pair_step.x_displacement 
_ndb_struct_na_base_pair_step.y_displacement 
_ndb_struct_na_base_pair_step.helical_rise 
_ndb_struct_na_base_pair_step.inclination 
_ndb_struct_na_base_pair_step.tip 
_ndb_struct_na_base_pair_step.helical_twist 
_ndb_struct_na_base_pair_step.step_number 
_ndb_struct_na_base_pair_step.step_name 
_ndb_struct_na_base_pair_step.i_auth_asym_id_1 
_ndb_struct_na_base_pair_step.i_auth_seq_id_1 
_ndb_struct_na_base_pair_step.i_PDB_ins_code_1 
_ndb_struct_na_base_pair_step.j_auth_asym_id_1 
_ndb_struct_na_base_pair_step.j_auth_seq_id_1 
_ndb_struct_na_base_pair_step.j_PDB_ins_code_1 
_ndb_struct_na_base_pair_step.i_auth_asym_id_2 
_ndb_struct_na_base_pair_step.i_auth_seq_id_2 
_ndb_struct_na_base_pair_step.i_PDB_ins_code_2 
_ndb_struct_na_base_pair_step.j_auth_asym_id_2 
_ndb_struct_na_base_pair_step.j_auth_seq_id_2 
_ndb_struct_na_base_pair_step.j_PDB_ins_code_2 
1 A G 1 1_555 A C   18 1_555 A G 2 1_555 A CBV 17 1_555 0.363  -1.946 3.256 1.618  2.807  29.422 -4.386 -0.377 3.076 5.505  -3.174 
29.596 1 AA_G1G2:CBV17C18_AA A 1 ? A 18 ? A 2 ? A 17 ? 
1 A G 2 1_555 A CBV 17 1_555 A U 3 1_555 A A   16 1_555 0.297  -1.713 3.221 -0.811 2.404  33.133 -3.384 -0.651 3.085 4.208  1.420  
33.227 2 AA_G2U3:A16CBV17_AA A 2 ? A 17 ? A 3 ? A 16 ? 
1 A U 3 1_555 A A   16 1_555 A G 4 1_555 A C   15 1_555 -0.385 -1.652 3.311 1.820  11.715 30.137 -4.872 0.988  2.486 21.513 -3.342 
32.335 3 AA_U3G4:C15A16_AA   A 3 ? A 16 ? A 4 ? A 15 ? 
1 A G 4 1_555 A C   15 1_555 A G 5 1_555 A C   14 1_555 0.261  -2.011 3.390 1.962  8.553  28.596 -5.590 -0.118 2.700 16.822 -3.858 
29.885 4 AA_G4G5:C14C15_AA   A 4 ? A 15 ? A 5 ? A 14 ? 
1 A G 5 1_555 A C   14 1_555 A G 6 1_555 A C   13 1_555 0.530  -1.930 3.245 1.721  4.028  30.817 -4.335 -0.673 2.999 7.531  -3.219 
31.120 5 AA_G5G6:C13C14_AA   A 5 ? A 14 ? A 6 ? A 13 ? 
1 A G 6 1_555 A C   13 1_555 A G 7 1_555 A C   12 1_555 0.059  -2.216 3.202 0.804  2.384  28.035 -5.088 0.058  3.008 4.908  -1.655 
28.145 6 AA_G6G7:C12C13_AA   A 6 ? A 13 ? A 7 ? A 12 ? 
# 
_pdbx_audit_support.funding_organization   'Cancer Research UK' 
_pdbx_audit_support.country                'United Kingdom' 
_pdbx_audit_support.grant_number           ? 
_pdbx_audit_support.ordinal                1 
# 
_atom_sites.entry_id                    5NEP 
_atom_sites.fract_transf_matrix[1][1]   -0.02053341 
_atom_sites.fract_transf_matrix[1][2]   0.00067627 
_atom_sites.fract_transf_matrix[1][3]   0.00328518 
_atom_sites.fract_transf_matrix[2][1]   -0.00921643 
_atom_sites.fract_transf_matrix[2][2]   -0.01481903 
_atom_sites.fract_transf_matrix[2][3]   0.01132704 
_atom_sites.fract_transf_matrix[3][1]   0.00113539 
_atom_sites.fract_transf_matrix[3][2]   0.00407671 
_atom_sites.fract_transf_matrix[3][3]   0.00625734 
_atom_sites.fract_transf_vector[1]      -0.104969 
_atom_sites.fract_transf_vector[2]      0.414836 
_atom_sites.fract_transf_vector[3]      0.091117 
# 
loop_
_atom_type.symbol 
BR 
C  
H  
N  
NA 
O  
P  
S  
# 
loop_
_atom_site.group_PDB 
_atom_site.id 
_atom_site.type_symbol 
_atom_site.label_atom_id 
_atom_site.label_alt_id 
_atom_site.label_comp_id 
_atom_site.label_asym_id 
_atom_site.label_entity_id 
_atom_site.label_seq_id 
_atom_site.pdbx_PDB_ins_code 
_atom_site.Cartn_x 
_atom_site.Cartn_y 
_atom_site.Cartn_z 
_atom_site.occupancy 
_atom_site.B_iso_or_equiv 
_atom_site.pdbx_formal_charge 
_atom_site.auth_seq_id 
_atom_site.auth_comp_id 
_atom_site.auth_asym_id 
_atom_site.auth_atom_id 
_atom_site.pdbx_PDB_model_num 
ATOM   1   O  "O5'"  . G   A 1 1  ? -10.846 -6.958  -2.747  1.00 42.88  ? 1   G   A "O5'"  1 
ATOM   2   C  "C5'"  . G   A 1 1  ? -11.687 -7.950  -2.185  1.00 35.26  ? 1   G   A "C5'"  1 
ATOM   3   C  "C4'"  . G   A 1 1  ? -10.940 -9.235  -1.935  1.00 32.28  ? 1   G   A "C4'"  1 
ATOM   4   O  "O4'"  . G   A 1 1  ? -10.637 -9.895  -3.195  1.00 37.01  ? 1   G   A "O4'"  1 
ATOM   5   C  "C3'"  . G   A 1 1  ? -9.580  -9.086  -1.269  1.00 35.50  ? 1   G   A "C3'"  1 
ATOM   6   O  "O3'"  . G   A 1 1  ? -9.677  -8.915  0.126   1.00 39.81  ? 1   G   A "O3'"  1 
ATOM   7   C  "C2'"  . G   A 1 1  ? -8.884  -10.375 -1.690  1.00 32.11  ? 1   G   A "C2'"  1 
ATOM   8   O  "O2'"  . G   A 1 1  ? -9.375  -11.481 -0.943  1.00 36.09  ? 1   G   A "O2'"  1 
ATOM   9   C  "C1'"  . G   A 1 1  ? -9.362  -10.501 -3.128  1.00 34.43  ? 1   G   A "C1'"  1 
ATOM   10  N  N9     . G   A 1 1  ? -8.454  -9.784  -4.031  1.00 28.35  ? 1   G   A N9     1 
ATOM   11  C  C8     . G   A 1 1  ? -8.704  -8.595  -4.664  1.00 30.59  ? 1   G   A C8     1 
ATOM   12  N  N7     . G   A 1 1  ? -7.698  -8.179  -5.380  1.00 30.40  ? 1   G   A N7     1 
ATOM   13  C  C5     . G   A 1 1  ? -6.712  -9.141  -5.191  1.00 27.78  ? 1   G   A C5     1 
ATOM   14  C  C6     . G   A 1 1  ? -5.398  -9.243  -5.709  1.00 30.11  ? 1   G   A C6     1 
ATOM   15  O  O6     . G   A 1 1  ? -4.766  -8.490  -6.451  1.00 32.51  ? 1   G   A O6     1 
ATOM   16  N  N1     . G   A 1 1  ? -4.754  -10.377 -5.240  1.00 28.86  ? 1   G   A N1     1 
ATOM   17  C  C2     . G   A 1 1  ? -5.305  -11.272 -4.399  1.00 26.82  ? 1   G   A C2     1 
ATOM   18  N  N2     . G   A 1 1  ? -4.492  -12.286 -4.109  1.00 33.57  ? 1   G   A N2     1 
ATOM   19  N  N3     . G   A 1 1  ? -6.524  -11.215 -3.917  1.00 30.09  ? 1   G   A N3     1 
ATOM   20  C  C4     . G   A 1 1  ? -7.167  -10.125 -4.362  1.00 27.15  ? 1   G   A C4     1 
ATOM   21  H  "H5'"  . G   A 1 1  ? -12.421 -8.125  -2.795  1.00 42.31  ? 1   G   A "H5'"  1 
ATOM   22  H  "H5''" . G   A 1 1  ? -12.044 -7.623  -1.345  1.00 42.31  ? 1   G   A "H5''" 1 
ATOM   23  H  "H4'"  . G   A 1 1  ? -11.492 -9.821  -1.396  1.00 38.74  ? 1   G   A "H4'"  1 
ATOM   24  H  "H3'"  . G   A 1 1  ? -9.115  -8.328  -1.656  1.00 42.60  ? 1   G   A "H3'"  1 
ATOM   25  H  "H2'"  . G   A 1 1  ? -7.919  -10.298 -1.637  1.00 38.53  ? 1   G   A "H2'"  1 
ATOM   26  H  "HO2'" . G   A 1 1  ? -9.806  -11.195 -0.281  1.00 43.31  ? 1   G   A "HO2'" 1 
ATOM   27  H  "H1'"  . G   A 1 1  ? -9.421  -11.435 -3.381  1.00 41.31  ? 1   G   A "H1'"  1 
ATOM   28  H  H8     . G   A 1 1  ? -9.516  -8.147  -4.611  1.00 36.71  ? 1   G   A H8     1 
ATOM   29  H  H1     . G   A 1 1  ? -3.946  -10.516 -5.500  1.00 34.63  ? 1   G   A H1     1 
ATOM   30  H  H21    . G   A 1 1  ? -3.697  -12.306 -4.434  1.00 40.29  ? 1   G   A H21    1 
ATOM   31  H  H22    . G   A 1 1  ? -4.764  -12.922 -3.597  1.00 40.29  ? 1   G   A H22    1 
ATOM   32  H  "HO5'" . G   A 1 1  ? -11.158 -6.202  -2.937  1.00 51.45  ? 1   G   A "HO5'" 1 
ATOM   33  P  P      . G   A 1 2  ? -8.572  -8.055  0.920   1.00 39.53  ? 2   G   A P      1 
ATOM   34  O  OP1    . G   A 1 2  ? -9.070  -7.956  2.307   1.00 38.97  ? 2   G   A OP1    1 
ATOM   35  O  OP2    . G   A 1 2  ? -8.175  -6.829  0.169   1.00 38.60  ? 2   G   A OP2    1 
ATOM   36  O  "O5'"  . G   A 1 2  ? -7.270  -8.965  0.897   1.00 35.23  ? 2   G   A "O5'"  1 
ATOM   37  C  "C5'"  . G   A 1 2  ? -7.270  -10.244 1.494   1.00 37.55  ? 2   G   A "C5'"  1 
ATOM   38  C  "C4'"  . G   A 1 2  ? -6.034  -11.004 1.110   1.00 42.22  ? 2   G   A "C4'"  1 
ATOM   39  O  "O4'"  . G   A 1 2  ? -5.940  -11.101 -0.336  1.00 36.92  ? 2   G   A "O4'"  1 
ATOM   40  C  "C3'"  . G   A 1 2  ? -4.707  -10.374 1.507   1.00 40.54  ? 2   G   A "C3'"  1 
ATOM   41  O  "O3'"  . G   A 1 2  ? -4.379  -10.570 2.865   1.00 34.48  ? 2   G   A "O3'"  1 
ATOM   42  C  "C2'"  . G   A 1 2  ? -3.739  -11.047 0.551   1.00 33.51  ? 2   G   A "C2'"  1 
ATOM   43  O  "O2'"  . G   A 1 2  ? -3.495  -12.381 0.950   1.00 33.68  ? 2   G   A "O2'"  1 
ATOM   44  C  "C1'"  . G   A 1 2  ? -4.577  -11.080 -0.722  1.00 34.05  ? 2   G   A "C1'"  1 
ATOM   45  N  N9     . G   A 1 2  ? -4.330  -9.886  -1.551  1.00 28.89  ? 2   G   A N9     1 
ATOM   46  C  C8     . G   A 1 2  ? -5.138  -8.806  -1.746  1.00 30.86  ? 2   G   A C8     1 
ATOM   47  N  N7     . G   A 1 2  ? -4.606  -7.915  -2.534  1.00 31.02  ? 2   G   A N7     1 
ATOM   48  C  C5     . G   A 1 2  ? -3.388  -8.446  -2.897  1.00 29.23  ? 2   G   A C5     1 
ATOM   49  C  C6     . G   A 1 2  ? -2.383  -7.925  -3.739  1.00 30.04  ? 2   G   A C6     1 
ATOM   50  O  O6     . G   A 1 2  ? -2.323  -6.868  -4.397  1.00 30.79  ? 2   G   A O6     1 
ATOM   51  N  N1     . G   A 1 2  ? -1.319  -8.809  -3.782  1.00 30.10  ? 2   G   A N1     1 
ATOM   52  C  C2     . G   A 1 2  ? -1.206  -10.003 -3.144  1.00 31.21  ? 2   G   A C2     1 
ATOM   53  N  N2     . G   A 1 2  ? -0.062  -10.644 -3.348  1.00 29.82  ? 2   G   A N2     1 
ATOM   54  N  N3     . G   A 1 2  ? -2.134  -10.514 -2.361  1.00 31.86  ? 2   G   A N3     1 
ATOM   55  C  C4     . G   A 1 2  ? -3.188  -9.661  -2.297  1.00 27.59  ? 2   G   A C4     1 
ATOM   56  H  "H5'"  . G   A 1 2  ? -8.052  -10.735 1.198   1.00 45.06  ? 2   G   A "H5'"  1 
ATOM   57  H  "H5''" . G   A 1 2  ? -7.299  -10.147 2.458   1.00 45.06  ? 2   G   A "H5''" 1 
ATOM   58  H  "H4'"  . G   A 1 2  ? -6.085  -11.898 1.485   1.00 50.67  ? 2   G   A "H4'"  1 
ATOM   59  H  "H3'"  . G   A 1 2  ? -4.736  -9.423  1.317   1.00 48.65  ? 2   G   A "H3'"  1 
ATOM   60  H  "H2'"  . G   A 1 2  ? -2.922  -10.537 0.438   1.00 40.21  ? 2   G   A "H2'"  1 
ATOM   61  H  "HO2'" . G   A 1 2  ? -2.959  -12.735 0.408   1.00 40.42  ? 2   G   A "HO2'" 1 
ATOM   62  H  "H1'"  . G   A 1 2  ? -4.369  -11.880 -1.230  1.00 40.86  ? 2   G   A "H1'"  1 
ATOM   63  H  H8     . G   A 1 2  ? -5.979  -8.716  -1.359  1.00 37.03  ? 2   G   A H8     1 
ATOM   64  H  H1     . G   A 1 2  ? -0.652  -8.576  -4.272  1.00 36.12  ? 2   G   A H1     1 
ATOM   65  H  H21    . G   A 1 2  ? 0.537   -10.302 -3.862  1.00 35.78  ? 2   G   A H21    1 
ATOM   66  H  H22    . G   A 1 2  ? 0.081   -11.402 -2.967  1.00 35.78  ? 2   G   A H22    1 
ATOM   67  P  P      . U   A 1 3  ? -3.512  -9.473  3.643   1.00 36.01  ? 3   U   A P      1 
ATOM   68  O  OP1    . U   A 1 3  ? -3.516  -9.883  5.079   1.00 37.52  ? 3   U   A OP1    1 
ATOM   69  O  OP2    . U   A 1 3  ? -3.893  -8.092  3.259   1.00 36.80  ? 3   U   A OP2    1 
ATOM   70  O  "O5'"  . U   A 1 3  ? -2.063  -9.680  3.041   1.00 35.56  ? 3   U   A "O5'"  1 
ATOM   71  C  "C5'"  . U   A 1 3  ? -1.430  -10.939 3.142   1.00 36.62  ? 3   U   A "C5'"  1 
ATOM   72  C  "C4'"  . U   A 1 3  ? -0.170  -10.948 2.323   1.00 33.51  ? 3   U   A "C4'"  1 
ATOM   73  O  "O4'"  . U   A 1 3  ? -0.476  -10.683 0.925   1.00 29.17  ? 3   U   A "O4'"  1 
ATOM   74  C  "C3'"  . U   A 1 3  ? 0.841   -9.875  2.672   1.00 30.62  ? 3   U   A "C3'"  1 
ATOM   75  O  "O3'"  . U   A 1 3  ? 1.597   -10.179 3.829   1.00 34.02  ? 3   U   A "O3'"  1 
ATOM   76  C  "C2'"  . U   A 1 3  ? 1.680   -9.793  1.411   1.00 30.10  ? 3   U   A "C2'"  1 
ATOM   77  O  "O2'"  . U   A 1 3  ? 2.616   -10.870 1.368   1.00 33.19  ? 3   U   A "O2'"  1 
ATOM   78  C  "C1'"  . U   A 1 3  ? 0.605   -9.979  0.334   1.00 31.89  ? 3   U   A "C1'"  1 
ATOM   79  N  N1     . U   A 1 3  ? 0.079   -8.692  -0.173  1.00 29.74  ? 3   U   A N1     1 
ATOM   80  C  C2     . U   A 1 3  ? 0.829   -8.010  -1.107  1.00 27.98  ? 3   U   A C2     1 
ATOM   81  O  O2     . U   A 1 3  ? 1.917   -8.420  -1.465  1.00 30.04  ? 3   U   A O2     1 
ATOM   82  N  N3     . U   A 1 3  ? 0.270   -6.837  -1.568  1.00 28.83  ? 3   U   A N3     1 
ATOM   83  C  C4     . U   A 1 3  ? -0.936  -6.286  -1.212  1.00 31.05  ? 3   U   A C4     1 
ATOM   84  O  O4     . U   A 1 3  ? -1.303  -5.210  -1.716  1.00 29.85  ? 3   U   A O4     1 
ATOM   85  C  C5     . U   A 1 3  ? -1.659  -7.060  -0.250  1.00 30.66  ? 3   U   A C5     1 
ATOM   86  C  C6     . U   A 1 3  ? -1.137  -8.204  0.231   1.00 28.90  ? 3   U   A C6     1 
ATOM   87  H  "H5'"  . U   A 1 3  ? -2.030  -11.627 2.817   1.00 43.95  ? 3   U   A "H5'"  1 
ATOM   88  H  "H5''" . U   A 1 3  ? -1.211  -11.115 4.070   1.00 43.95  ? 3   U   A "H5''" 1 
ATOM   89  H  "H4'"  . U   A 1 3  ? 0.252   -11.818 2.396   1.00 40.22  ? 3   U   A "H4'"  1 
ATOM   90  H  "H3'"  . U   A 1 3  ? 0.380   -9.032  2.804   1.00 36.75  ? 3   U   A "H3'"  1 
ATOM   91  H  "H2'"  . U   A 1 3  ? 2.117   -8.932  1.331   1.00 36.12  ? 3   U   A "H2'"  1 
ATOM   92  H  "HO2'" . U   A 1 3  ? 2.395   -11.401 0.755   1.00 39.82  ? 3   U   A "HO2'" 1 
ATOM   93  H  "H1'"  . U   A 1 3  ? 0.967   -10.496 -0.402  1.00 38.27  ? 3   U   A "H1'"  1 
ATOM   94  H  H3     . U   A 1 3  ? 0.736   -6.394  -2.139  1.00 34.60  ? 3   U   A H3     1 
ATOM   95  H  H5     . U   A 1 3  ? -2.488  -6.767  0.051   1.00 36.79  ? 3   U   A H5     1 
ATOM   96  H  H6     . U   A 1 3  ? -1.633  -8.698  0.843   1.00 34.67  ? 3   U   A H6     1 
ATOM   97  P  P      . G   A 1 4  ? 2.143   -8.974  4.738   1.00 36.26  ? 4   G   A P      1 
ATOM   98  O  OP1    . G   A 1 4  ? 2.776   -9.628  5.919   1.00 38.76  ? 4   G   A OP1    1 
ATOM   99  O  OP2    . G   A 1 4  ? 1.151   -7.874  4.864   1.00 38.53  ? 4   G   A OP2    1 
ATOM   100 O  "O5'"  . G   A 1 4  ? 3.292   -8.288  3.861   1.00 30.40  ? 4   G   A "O5'"  1 
ATOM   101 C  "C5'"  . G   A 1 4  ? 4.506   -8.982  3.635   1.00 37.82  ? 4   G   A "C5'"  1 
ATOM   102 C  "C4'"  . G   A 1 4  ? 5.472   -8.169  2.822   1.00 50.79  ? 4   G   A "C4'"  1 
ATOM   103 O  "O4'"  . G   A 1 4  ? 4.977   -8.037  1.466   1.00 37.35  ? 4   G   A "O4'"  1 
ATOM   104 C  "C3'"  . G   A 1 4  ? 5.708   -6.728  3.252   1.00 35.46  ? 4   G   A "C3'"  1 
ATOM   105 O  "O3'"  . G   A 1 4  ? 6.572   -6.594  4.365   1.00 51.13  ? 4   G   A "O3'"  1 
ATOM   106 C  "C2'"  . G   A 1 4  ? 6.288   -6.133  1.991   1.00 39.67  ? 4   G   A "C2'"  1 
ATOM   107 O  "O2'"  . G   A 1 4  ? 7.615   -6.590  1.803   1.00 35.04  ? 4   G   A "O2'"  1 
ATOM   108 C  "C1'"  . G   A 1 4  ? 5.412   -6.806  0.930   1.00 36.19  ? 4   G   A "C1'"  1 
ATOM   109 N  N9     . G   A 1 4  ? 4.231   -5.990  0.630   1.00 34.25  ? 4   G   A N9     1 
ATOM   110 C  C8     . G   A 1 4  ? 2.988   -6.090  1.181   1.00 33.72  ? 4   G   A C8     1 
ATOM   111 N  N7     . G   A 1 4  ? 2.165   -5.190  0.703   1.00 28.63  ? 4   G   A N7     1 
ATOM   112 C  C5     . G   A 1 4  ? 2.913   -4.456  -0.210  1.00 29.19  ? 4   G   A C5     1 
ATOM   113 C  C6     . G   A 1 4  ? 2.542   -3.354  -1.023  1.00 31.85  ? 4   G   A C6     1 
ATOM   114 O  O6     . G   A 1 4  ? 1.421   -2.812  -1.101  1.00 31.08  ? 4   G   A O6     1 
ATOM   115 N  N1     . G   A 1 4  ? 3.628   -2.916  -1.789  1.00 28.76  ? 4   G   A N1     1 
ATOM   116 C  C2     . G   A 1 4  ? 4.895   -3.461  -1.771  1.00 35.93  ? 4   G   A C2     1 
ATOM   117 N  N2     . G   A 1 4  ? 5.813   -2.893  -2.582  1.00 34.69  ? 4   G   A N2     1 
ATOM   118 N  N3     . G   A 1 4  ? 5.243   -4.501  -1.007  1.00 33.05  ? 4   G   A N3     1 
ATOM   119 C  C4     . G   A 1 4  ? 4.202   -4.938  -0.266  1.00 38.24  ? 4   G   A C4     1 
ATOM   120 H  "H5'"  . G   A 1 4  ? 4.314   -9.807  3.163   1.00 45.38  ? 4   G   A "H5'"  1 
ATOM   121 H  "H5''" . G   A 1 4  ? 4.912   -9.193  4.490   1.00 45.38  ? 4   G   A "H5''" 1 
ATOM   122 H  "H4'"  . G   A 1 4  ? 6.325   -8.631  2.800   1.00 60.94  ? 4   G   A "H4'"  1 
ATOM   123 H  "H3'"  . G   A 1 4  ? 4.858   -6.304  3.448   1.00 42.55  ? 4   G   A "H3'"  1 
ATOM   124 H  "H2'"  . G   A 1 4  ? 6.217   -5.166  1.969   1.00 47.60  ? 4   G   A "H2'"  1 
ATOM   125 H  "HO2'" . G   A 1 4  ? 7.977   -6.695  2.554   1.00 42.05  ? 4   G   A "HO2'" 1 
ATOM   126 H  "H1'"  . G   A 1 4  ? 5.925   -6.959  0.122   1.00 43.43  ? 4   G   A "H1'"  1 
ATOM   127 H  H8     . G   A 1 4  ? 2.750   -6.731  1.811   1.00 40.47  ? 4   G   A H8     1 
ATOM   128 H  H1     . G   A 1 4  ? 3.494   -2.250  -2.316  1.00 34.51  ? 4   G   A H1     1 
ATOM   129 H  H21    . G   A 1 4  ? 5.596   -2.222  -3.076  1.00 41.63  ? 4   G   A H21    1 
ATOM   130 H  H22    . G   A 1 4  ? 6.616   -3.200  -2.604  1.00 41.63  ? 4   G   A H22    1 
ATOM   131 P  P      . G   A 1 5  ? 6.477   -5.271  5.269   1.00 43.44  ? 5   G   A P      1 
ATOM   132 O  OP1    . G   A 1 5  ? 7.537   -5.367  6.315   1.00 85.70  ? 5   G   A OP1    1 
ATOM   133 O  OP2    . G   A 1 5  ? 5.044   -5.088  5.633   1.00 43.86  ? 5   G   A OP2    1 
ATOM   134 O  "O5'"  . G   A 1 5  ? 6.785   -4.044  4.272   1.00 54.35  ? 5   G   A "O5'"  1 
ATOM   135 C  "C5'"  . G   A 1 5  ? 8.119   -3.662  3.968   1.00 56.36  ? 5   G   A "C5'"  1 
ATOM   136 C  "C4'"  . G   A 1 5  ? 8.249   -2.598  2.889   1.00 42.16  ? 5   G   A "C4'"  1 
ATOM   137 O  "O4'"  . G   A 1 5  ? 7.426   -2.888  1.720   1.00 36.62  ? 5   G   A "O4'"  1 
ATOM   138 C  "C3'"  . G   A 1 5  ? 7.880   -1.155  3.221   1.00 34.79  ? 5   G   A "C3'"  1 
ATOM   139 O  "O3'"  . G   A 1 5  ? 8.821   -0.498  4.055   1.00 29.57  ? 5   G   A "O3'"  1 
ATOM   140 C  "C2'"  . G   A 1 5  ? 7.816   -0.544  1.829   1.00 28.19  ? 5   G   A "C2'"  1 
ATOM   141 O  "O2'"  . G   A 1 5  ? 9.123   -0.323  1.314   1.00 31.62  ? 5   G   A "O2'"  1 
ATOM   142 C  "C1'"  . G   A 1 5  ? 7.144   -1.675  1.037   1.00 32.22  ? 5   G   A "C1'"  1 
ATOM   143 N  N9     . G   A 1 5  ? 5.689   -1.449  1.019   1.00 30.14  ? 5   G   A N9     1 
ATOM   144 C  C8     . G   A 1 5  ? 4.718   -2.052  1.765   1.00 29.07  ? 5   G   A C8     1 
ATOM   145 N  N7     . G   A 1 5  ? 3.519   -1.561  1.557   1.00 31.89  ? 5   G   A N7     1 
ATOM   146 C  C5     . G   A 1 5  ? 3.717   -0.551  0.642   1.00 28.13  ? 5   G   A C5     1 
ATOM   147 C  C6     . G   A 1 5  ? 2.772   0.336   0.036   1.00 29.19  ? 5   G   A C6     1 
ATOM   148 O  O6     . G   A 1 5  ? 1.561   0.380   0.208   1.00 37.74  ? 5   G   A O6     1 
ATOM   149 N  N1     . G   A 1 5  ? 3.381   1.202   -0.835  1.00 32.47  ? 5   G   A N1     1 
ATOM   150 C  C2     . G   A 1 5  ? 4.709   1.214   -1.112  1.00 36.68  ? 5   G   A C2     1 
ATOM   151 N  N2     . G   A 1 5  ? 5.079   2.142   -1.992  1.00 35.18  ? 5   G   A N2     1 
ATOM   152 N  N3     . G   A 1 5  ? 5.608   0.392   -0.571  1.00 32.24  ? 5   G   A N3     1 
ATOM   153 C  C4     . G   A 1 5  ? 5.039   -0.465  0.284   1.00 27.92  ? 5   G   A C4     1 
ATOM   154 H  "H5'"  . G   A 1 5  ? 8.604   -4.451  3.679   1.00 67.63  ? 5   G   A "H5'"  1 
ATOM   155 H  "H5''" . G   A 1 5  ? 8.532   -3.327  4.780   1.00 67.63  ? 5   G   A "H5''" 1 
ATOM   156 H  "H4'"  . G   A 1 5  ? 9.175   -2.598  2.600   1.00 50.59  ? 5   G   A "H4'"  1 
ATOM   157 H  "H3'"  . G   A 1 5  ? 7.001   -1.128  3.631   1.00 41.75  ? 5   G   A "H3'"  1 
ATOM   158 H  "H2'"  . G   A 1 5  ? 7.282   0.266   1.818   1.00 33.83  ? 5   G   A "H2'"  1 
ATOM   159 H  "HO2'" . G   A 1 5  ? 9.647   -0.171  1.952   1.00 37.94  ? 5   G   A "HO2'" 1 
ATOM   160 H  "H1'"  . G   A 1 5  ? 7.493   -1.708  0.133   1.00 38.66  ? 5   G   A "H1'"  1 
ATOM   161 H  H8     . G   A 1 5  ? 4.888   -2.752  2.354   1.00 34.89  ? 5   G   A H8     1 
ATOM   162 H  H1     . G   A 1 5  ? 2.882   1.763   -1.254  1.00 38.97  ? 5   G   A H1     1 
ATOM   163 H  H21    . G   A 1 5  ? 4.493   2.668   -2.335  1.00 42.21  ? 5   G   A H21    1 
ATOM   164 H  H22    . G   A 1 5  ? 5.907   2.215   -2.217  1.00 42.21  ? 5   G   A H22    1 
ATOM   165 P  P      . G   A 1 6  ? 8.332   0.645   5.085   1.00 31.44  ? 6   G   A P      1 
ATOM   166 O  OP1    . G   A 1 6  ? 9.546   0.937   5.905   1.00 30.71  ? 6   G   A OP1    1 
ATOM   167 O  OP2    . G   A 1 6  ? 7.068   0.241   5.746   1.00 32.14  ? 6   G   A OP2    1 
ATOM   168 O  "O5'"  . G   A 1 6  ? 7.968   1.910   4.190   1.00 29.11  ? 6   G   A "O5'"  1 
ATOM   169 C  "C5'"  . G   A 1 6  ? 8.971   2.601   3.484   1.00 29.81  ? 6   G   A "C5'"  1 
ATOM   170 C  "C4'"  . G   A 1 6  ? 8.407   3.631   2.546   1.00 29.49  ? 6   G   A "C4'"  1 
ATOM   171 O  "O4'"  . G   A 1 6  ? 7.568   3.010   1.529   1.00 30.51  ? 6   G   A "O4'"  1 
ATOM   172 C  "C3'"  . G   A 1 6  ? 7.508   4.701   3.145   1.00 31.70  ? 6   G   A "C3'"  1 
ATOM   173 O  "O3'"  . G   A 1 6  ? 8.224   5.697   3.842   1.00 32.48  ? 6   G   A "O3'"  1 
ATOM   174 C  "C2'"  . G   A 1 6  ? 6.817   5.231   1.905   1.00 33.46  ? 6   G   A "C2'"  1 
ATOM   175 O  "O2'"  . G   A 1 6  ? 7.715   6.041   1.178   1.00 29.80  ? 6   G   A "O2'"  1 
ATOM   176 C  "C1'"  . G   A 1 6  ? 6.555   3.918   1.145   1.00 32.62  ? 6   G   A "C1'"  1 
ATOM   177 N  N9     . G   A 1 6  ? 5.244   3.396   1.564   1.00 26.38  ? 6   G   A N9     1 
ATOM   178 C  C8     . G   A 1 6  ? 4.910   2.432   2.490   1.00 29.64  ? 6   G   A C8     1 
ATOM   179 N  N7     . G   A 1 6  ? 3.625   2.310   2.669   1.00 30.01  ? 6   G   A N7     1 
ATOM   180 C  C5     . G   A 1 6  ? 3.062   3.260   1.829   1.00 30.40  ? 6   G   A C5     1 
ATOM   181 C  C6     . G   A 1 6  ? 1.694   3.610   1.596   1.00 27.82  ? 6   G   A C6     1 
ATOM   182 O  O6     . G   A 1 6  ? 0.667   3.127   2.093   1.00 29.34  ? 6   G   A O6     1 
ATOM   183 N  N1     . G   A 1 6  ? 1.580   4.629   0.655   1.00 28.53  ? 6   G   A N1     1 
ATOM   184 C  C2     . G   A 1 6  ? 2.623   5.257   0.041   1.00 27.94  ? 6   G   A C2     1 
ATOM   185 N  N2     . G   A 1 6  ? 2.319   6.248   -0.807  1.00 29.92  ? 6   G   A N2     1 
ATOM   186 N  N3     . G   A 1 6  ? 3.902   4.953   0.260   1.00 27.39  ? 6   G   A N3     1 
ATOM   187 C  C4     . G   A 1 6  ? 4.030   3.935   1.152   1.00 27.06  ? 6   G   A C4     1 
ATOM   188 H  "H5'"  . G   A 1 6  ? 9.491   1.963   2.972   1.00 35.77  ? 6   G   A "H5'"  1 
ATOM   189 H  "H5''" . G   A 1 6  ? 9.555   3.044   4.121   1.00 35.77  ? 6   G   A "H5''" 1 
ATOM   190 H  "H4'"  . G   A 1 6  ? 9.148   4.072   2.101   1.00 35.39  ? 6   G   A "H4'"  1 
ATOM   191 H  "H3'"  . G   A 1 6  ? 6.857   4.290   3.734   1.00 38.04  ? 6   G   A "H3'"  1 
ATOM   192 H  "H2'"  . G   A 1 6  ? 5.992   5.696   2.120   1.00 40.15  ? 6   G   A "H2'"  1 
ATOM   193 H  "HO2'" . G   A 1 6  ? 7.972   5.622   0.497   1.00 35.76  ? 6   G   A "HO2'" 1 
ATOM   194 H  "H1'"  . G   A 1 6  ? 6.574   4.069   0.187   1.00 39.15  ? 6   G   A "H1'"  1 
ATOM   195 H  H8     . G   A 1 6  ? 5.539   1.912   2.936   1.00 35.56  ? 6   G   A H8     1 
ATOM   196 H  H1     . G   A 1 6  ? 0.787   4.900   0.462   1.00 34.23  ? 6   G   A H1     1 
ATOM   197 H  H21    . G   A 1 6  ? 1.495   6.449   -0.954  1.00 35.91  ? 6   G   A H21    1 
ATOM   198 H  H22    . G   A 1 6  ? 2.945   6.682   -1.204  1.00 35.91  ? 6   G   A H22    1 
ATOM   199 P  P      . G   A 1 7  ? 7.489   6.555   4.982   1.00 34.52  ? 7   G   A P      1 
ATOM   200 O  OP1    . G   A 1 7  ? 8.614   7.305   5.602   1.00 34.06  ? 7   G   A OP1    1 
ATOM   201 O  OP2    . G   A 1 7  ? 6.555   5.685   5.751   1.00 34.20  ? 7   G   A OP2    1 
ATOM   202 O  "O5'"  . G   A 1 7  ? 6.516   7.543   4.202   1.00 36.10  ? 7   G   A "O5'"  1 
ATOM   203 C  "C5'"  . G   A 1 7  ? 7.032   8.494   3.291   1.00 41.21  ? 7   G   A "C5'"  1 
ATOM   204 C  "C4'"  . G   A 1 7  ? 5.918   9.220   2.583   1.00 35.03  ? 7   G   A "C4'"  1 
ATOM   205 O  "O4'"  . G   A 1 7  ? 5.137   8.278   1.802   1.00 34.34  ? 7   G   A "O4'"  1 
ATOM   206 C  "C3'"  . G   A 1 7  ? 4.871   9.901   3.451   1.00 30.48  ? 7   G   A "C3'"  1 
ATOM   207 O  "O3'"  . G   A 1 7  ? 5.326   11.109  4.025   1.00 33.76  ? 7   G   A "O3'"  1 
ATOM   208 C  "C2'"  . G   A 1 7  ? 3.727   10.069  2.463   1.00 32.13  ? 7   G   A "C2'"  1 
ATOM   209 O  "O2'"  . G   A 1 7  ? 4.014   11.111  1.545   1.00 35.15  ? 7   G   A "O2'"  1 
ATOM   210 C  "C1'"  . G   A 1 7  ? 3.798   8.728   1.720   1.00 37.00  ? 7   G   A "C1'"  1 
ATOM   211 N  N9     . G   A 1 7  ? 2.927   7.748   2.385   1.00 33.92  ? 7   G   A N9     1 
ATOM   212 C  C8     . G   A 1 7  ? 3.274   6.748   3.250   1.00 29.91  ? 7   G   A C8     1 
ATOM   213 N  N7     . G   A 1 7  ? 2.243   6.115   3.716   1.00 33.41  ? 7   G   A N7     1 
ATOM   214 C  C5     . G   A 1 7  ? 1.153   6.743   3.134   1.00 36.78  ? 7   G   A C5     1 
ATOM   215 C  C6     . G   A 1 7  ? -0.227  6.480   3.257   1.00 40.11  ? 7   G   A C6     1 
ATOM   216 O  O6     . G   A 1 7  ? -0.772  5.621   3.942   1.00 36.56  ? 7   G   A O6     1 
ATOM   217 N  N1     . G   A 1 7  ? -0.987  7.356   2.504   1.00 34.83  ? 7   G   A N1     1 
ATOM   218 C  C2     . G   A 1 7  ? -0.482  8.360   1.721   1.00 35.20  ? 7   G   A C2     1 
ATOM   219 N  N2     . G   A 1 7  ? -1.403  9.101   1.071   1.00 34.32  ? 7   G   A N2     1 
ATOM   220 N  N3     . G   A 1 7  ? 0.825   8.611   1.577   1.00 29.66  ? 7   G   A N3     1 
ATOM   221 C  C4     . G   A 1 7  ? 1.559   7.768   2.321   1.00 30.44  ? 7   G   A C4     1 
ATOM   222 H  "H5'"  . G   A 1 7  ? 7.585   8.040   2.635   1.00 49.46  ? 7   G   A "H5'"  1 
ATOM   223 H  "H5''" . G   A 1 7  ? 7.575   9.136   3.775   1.00 49.46  ? 7   G   A "H5''" 1 
ATOM   224 H  "H4'"  . G   A 1 7  ? 6.304   9.878   1.985   1.00 42.03  ? 7   G   A "H4'"  1 
ATOM   225 H  "H3'"  . G   A 1 7  ? 4.597   9.295   4.156   1.00 36.58  ? 7   G   A "H3'"  1 
ATOM   226 H  "H2'"  . G   A 1 7  ? 2.875   10.192  2.909   1.00 38.56  ? 7   G   A "H2'"  1 
ATOM   227 H  "HO2'" . G   A 1 7  ? 3.711   11.833  1.848   1.00 42.18  ? 7   G   A "HO2'" 1 
ATOM   228 H  "H1'"  . G   A 1 7  ? 3.536   8.841   0.792   1.00 44.40  ? 7   G   A "H1'"  1 
ATOM   229 H  H8     . G   A 1 7  ? 4.152   6.542   3.477   1.00 35.89  ? 7   G   A H8     1 
ATOM   230 H  H1     . G   A 1 7  ? -1.842  7.264   2.529   1.00 41.79  ? 7   G   A H1     1 
ATOM   231 H  H21    . G   A 1 7  ? -2.240  8.930   1.172   1.00 41.18  ? 7   G   A H21    1 
ATOM   232 H  H22    . G   A 1 7  ? -1.154  9.742   0.556   1.00 41.18  ? 7   G   A H22    1 
ATOM   233 P  P      . A   A 1 8  ? 4.526   11.759  5.254   1.00 37.79  ? 8   A   A P      1 
ATOM   234 O  OP1    . A   A 1 8  ? 3.110   11.994  4.874   1.00 36.87  ? 8   A   A OP1    1 
ATOM   235 O  OP2    . A   A 1 8  ? 5.366   12.841  5.824   1.00 88.69  ? 8   A   A OP2    1 
ATOM   236 O  "O5'"  . A   A 1 8  ? 4.435   10.626  6.352   1.00 43.79  ? 8   A   A "O5'"  1 
ATOM   237 C  "C5'"  . A   A 1 8  ? 5.616   10.087  6.900   1.00 36.68  ? 8   A   A "C5'"  1 
ATOM   238 C  "C4'"  . A   A 1 8  ? 5.560   10.098  8.406   1.00 40.15  ? 8   A   A "C4'"  1 
ATOM   239 O  "O4'"  . A   A 1 8  ? 5.513   11.464  8.896   1.00 41.84  ? 8   A   A "O4'"  1 
ATOM   240 C  "C3'"  . A   A 1 8  ? 4.326   9.446   8.996   1.00 40.40  ? 8   A   A "C3'"  1 
ATOM   241 O  "O3'"  . A   A 1 8  ? 4.452   8.045   9.072   1.00 39.20  ? 8   A   A "O3'"  1 
ATOM   242 C  "C2'"  . A   A 1 8  ? 4.199   10.130  10.345  1.00 41.47  ? 8   A   A "C2'"  1 
ATOM   243 O  "O2'"  . A   A 1 8  ? 5.120   9.582   11.273  1.00 51.98  ? 8   A   A "O2'"  1 
ATOM   244 C  "C1'"  . A   A 1 8  ? 4.640   11.551  10.000  1.00 42.21  ? 8   A   A "C1'"  1 
ATOM   245 N  N9     . A   A 1 8  ? 3.506   12.406  9.603   1.00 39.64  ? 8   A   A N9     1 
ATOM   246 C  C8     . A   A 1 8  ? 3.456   13.175  8.458   1.00 40.64  ? 8   A   A C8     1 
ATOM   247 N  N7     . A   A 1 8  ? 2.324   13.829  8.318   1.00 41.31  ? 8   A   A N7     1 
ATOM   248 C  C5     . A   A 1 8  ? 1.579   13.461  9.431   1.00 37.66  ? 8   A   A C5     1 
ATOM   249 C  C6     . A   A 1 8  ? 0.281   13.826  9.867   1.00 41.21  ? 8   A   A C6     1 
ATOM   250 N  N6     . A   A 1 8  ? -0.513  14.666  9.196   1.00 53.57  ? 8   A   A N6     1 
ATOM   251 N  N1     . A   A 1 8  ? -0.177  13.293  11.028  1.00 39.86  ? 8   A   A N1     1 
ATOM   252 C  C2     . A   A 1 8  ? 0.640   12.450  11.682  1.00 43.09  ? 8   A   A C2     1 
ATOM   253 N  N3     . A   A 1 8  ? 1.872   12.026  11.369  1.00 40.52  ? 8   A   A N3     1 
ATOM   254 C  C4     . A   A 1 8  ? 2.296   12.578  10.227  1.00 37.90  ? 8   A   A C4     1 
ATOM   255 H  "H5'"  . A   A 1 8  ? 6.375   10.614  6.605   1.00 44.02  ? 8   A   A "H5'"  1 
ATOM   256 H  "H5''" . A   A 1 8  ? 5.722   9.173   6.592   1.00 44.02  ? 8   A   A "H5''" 1 
ATOM   257 H  "H4'"  . A   A 1 8  ? 6.351   9.660   8.757   1.00 48.17  ? 8   A   A "H4'"  1 
ATOM   258 H  "H3'"  . A   A 1 8  ? 3.556   9.669   8.450   1.00 48.49  ? 8   A   A "H3'"  1 
ATOM   259 H  "H2'"  . A   A 1 8  ? 3.288   10.106  10.676  1.00 49.76  ? 8   A   A "H2'"  1 
ATOM   260 H  "HO2'" . A   A 1 8  ? 4.880   8.799   11.466  1.00 62.38  ? 8   A   A "HO2'" 1 
ATOM   261 H  "H1'"  . A   A 1 8  ? 5.103   11.945  10.756  1.00 50.66  ? 8   A   A "H1'"  1 
ATOM   262 H  H8     . A   A 1 8  ? 4.156   13.227  7.847   1.00 48.77  ? 8   A   A H8     1 
ATOM   263 H  H61    . A   A 1 8  ? -1.294  14.856  9.502   1.00 64.29  ? 8   A   A H61    1 
ATOM   264 H  H62    . A   A 1 8  ? -0.243  15.015  8.458   1.00 64.29  ? 8   A   A H62    1 
ATOM   265 H  H2     . A   A 1 8  ? 0.292   12.097  12.469  1.00 51.71  ? 8   A   A H2     1 
ATOM   266 P  P      . C   A 1 9  ? 3.277   7.115   8.505   1.00 42.33  ? 9   C   A P      1 
ATOM   267 O  OP1    . C   A 1 9  ? 3.662   5.730   8.898   1.00 55.12  ? 9   C   A OP1    1 
ATOM   268 O  OP2    . C   A 1 9  ? 3.003   7.474   7.078   1.00 38.38  ? 9   C   A OP2    1 
ATOM   269 O  "O5'"  . C   A 1 9  ? 2.000   7.552   9.351   1.00 35.45  ? 9   C   A "O5'"  1 
ATOM   270 C  "C5'"  . C   A 1 9  ? 1.885   7.236   10.728  1.00 39.70  ? 9   C   A "C5'"  1 
ATOM   271 C  "C4'"  . C   A 1 9  ? 0.470   7.450   11.194  1.00 41.66  ? 9   C   A "C4'"  1 
ATOM   272 O  "O4'"  . C   A 1 9  ? 0.191   8.873   11.258  1.00 40.87  ? 9   C   A "O4'"  1 
ATOM   273 C  "C3'"  . C   A 1 9  ? -0.600  6.897   10.263  1.00 48.03  ? 9   C   A "C3'"  1 
ATOM   274 O  "O3'"  . C   A 1 9  ? -0.844  5.513   10.455  1.00 50.16  ? 9   C   A "O3'"  1 
ATOM   275 C  "C2'"  . C   A 1 9  ? -1.799  7.779   10.567  1.00 52.22  ? 9   C   A "C2'"  1 
ATOM   276 O  "O2'"  . C   A 1 9  ? -2.450  7.361   11.756  1.00 52.52  ? 9   C   A "O2'"  1 
ATOM   277 C  "C1'"  . C   A 1 9  ? -1.126  9.128   10.823  1.00 52.26  ? 9   C   A "C1'"  1 
ATOM   278 N  N1     . C   A 1 9  ? -1.076  9.999   9.620   1.00 37.90  ? 9   C   A N1     1 
ATOM   279 C  C2     . C   A 1 9  ? -2.273  10.613  9.256   1.00 42.10  ? 9   C   A C2     1 
ATOM   280 O  O2     . C   A 1 9  ? -3.293  10.367  9.916   1.00 43.39  ? 9   C   A O2     1 
ATOM   281 N  N3     . C   A 1 9  ? -2.309  11.446  8.192   1.00 35.97  ? 9   C   A N3     1 
ATOM   282 C  C4     . C   A 1 9  ? -1.191  11.698  7.515   1.00 37.89  ? 9   C   A C4     1 
ATOM   283 N  N4     . C   A 1 9  ? -1.300  12.555  6.500   1.00 43.60  ? 9   C   A N4     1 
ATOM   284 C  C5     . C   A 1 9  ? 0.060   11.106  7.868   1.00 48.05  ? 9   C   A C5     1 
ATOM   285 C  C6     . C   A 1 9  ? 0.076   10.274  8.932   1.00 44.46  ? 9   C   A C6     1 
ATOM   286 H  "H5'"  . C   A 1 9  ? 2.481   7.805   11.240  1.00 47.64  ? 9   C   A "H5'"  1 
ATOM   287 H  "H5''" . C   A 1 9  ? 2.131   6.308   10.866  1.00 47.64  ? 9   C   A "H5''" 1 
ATOM   288 H  "H4'"  . C   A 1 9  ? 0.361   7.061   12.077  1.00 50.00  ? 9   C   A "H4'"  1 
ATOM   289 H  "H3'"  . C   A 1 9  ? -0.325  7.044   9.345   1.00 57.64  ? 9   C   A "H3'"  1 
ATOM   290 H  "H2'"  . C   A 1 9  ? -2.411  7.823   9.815   1.00 62.67  ? 9   C   A "H2'"  1 
ATOM   291 H  "HO2'" . C   A 1 9  ? -2.331  7.941   12.352  1.00 63.02  ? 9   C   A "HO2'" 1 
ATOM   292 H  "H1'"  . C   A 1 9  ? -1.607  9.590   11.528  1.00 62.71  ? 9   C   A "H1'"  1 
ATOM   293 H  H41    . C   A 1 9  ? -0.608  12.754  6.029   1.00 52.32  ? 9   C   A H41    1 
ATOM   294 H  H42    . C   A 1 9  ? -2.062  12.910  6.316   1.00 52.32  ? 9   C   A H42    1 
ATOM   295 H  H5     . C   A 1 9  ? 0.834   11.290  7.387   1.00 57.66  ? 9   C   A H5     1 
ATOM   296 H  H6     . C   A 1 9  ? 0.874   9.869   9.189   1.00 53.35  ? 9   C   A H6     1 
ATOM   297 P  P      . G   A 1 10 ? -1.066  4.546   9.196   1.00 49.98  ? 10  G   A P      1 
ATOM   298 O  OP1    . G   A 1 10 ? -0.995  3.165   9.734   1.00 89.53  ? 10  G   A OP1    1 
ATOM   299 O  OP2    . G   A 1 10 ? -0.175  4.948   8.075   1.00 46.45  ? 10  G   A OP2    1 
ATOM   300 O  "O5'"  . G   A 1 10 ? -2.573  4.844   8.771   1.00 53.78  ? 10  G   A "O5'"  1 
ATOM   301 C  "C5'"  . G   A 1 10 ? -3.601  4.825   9.743   1.00 54.20  ? 10  G   A "C5'"  1 
ATOM   302 C  "C4'"  . G   A 1 10 ? -4.937  5.242   9.177   1.00 48.37  ? 10  G   A "C4'"  1 
ATOM   303 O  "O4'"  . G   A 1 10 ? -5.006  6.685   9.108   1.00 51.29  ? 10  G   A "O4'"  1 
ATOM   304 C  "C3'"  . G   A 1 10 ? -5.286  4.795   7.763   1.00 48.28  ? 10  G   A "C3'"  1 
ATOM   305 O  "O3'"  . G   A 1 10 ? -5.756  3.460   7.682   1.00 58.95  ? 10  G   A "O3'"  1 
ATOM   306 C  "C2'"  . G   A 1 10 ? -6.332  5.817   7.363   1.00 65.52  ? 10  G   A "C2'"  1 
ATOM   307 O  "O2'"  . G   A 1 10 ? -7.564  5.566   8.022   1.00 60.75  ? 10  G   A "O2'"  1 
ATOM   308 C  "C1'"  . G   A 1 10 ? -5.742  7.075   7.969   1.00 52.71  ? 10  G   A "C1'"  1 
ATOM   309 N  N9     . G   A 1 10 ? -4.821  7.759   7.047   1.00 45.50  ? 10  G   A N9     1 
ATOM   310 C  C8     . G   A 1 10 ? -3.450  7.703   7.081   1.00 45.34  ? 10  G   A C8     1 
ATOM   311 N  N7     . G   A 1 10 ? -2.893  8.432   6.153   1.00 38.25  ? 10  G   A N7     1 
ATOM   312 C  C5     . G   A 1 10 ? -3.970  9.021   5.484   1.00 46.81  ? 10  G   A C5     1 
ATOM   313 C  C6     . G   A 1 10 ? -4.009  9.926   4.388   1.00 36.73  ? 10  G   A C6     1 
ATOM   314 O  O6     . G   A 1 10 ? -3.063  10.416  3.755   1.00 37.62  ? 10  G   A O6     1 
ATOM   315 N  N1     . G   A 1 10 ? -5.314  10.258  4.022   1.00 46.73  ? 10  G   A N1     1 
ATOM   316 C  C2     . G   A 1 10 ? -6.446  9.782   4.644   1.00 67.61  ? 10  G   A C2     1 
ATOM   317 N  N2     . G   A 1 10 ? -7.624  10.210  4.167   1.00 85.07  ? 10  G   A N2     1 
ATOM   318 N  N3     . G   A 1 10 ? -6.422  8.943   5.666   1.00 44.21  ? 10  G   A N3     1 
ATOM   319 C  C4     . G   A 1 10 ? -5.167  8.609   6.030   1.00 54.66  ? 10  G   A C4     1 
ATOM   320 H  "H5'"  . G   A 1 10 ? -3.363  5.431   10.463  1.00 65.03  ? 10  G   A "H5'"  1 
ATOM   321 H  "H5''" . G   A 1 10 ? -3.677  3.927   10.100  1.00 65.03  ? 10  G   A "H5''" 1 
ATOM   322 H  "H4'"  . G   A 1 10 ? -5.633  4.929   9.776   1.00 58.04  ? 10  G   A "H4'"  1 
ATOM   323 H  "H3'"  . G   A 1 10 ? -4.507  4.895   7.195   1.00 57.93  ? 10  G   A "H3'"  1 
ATOM   324 H  "H2'"  . G   A 1 10 ? -6.431  5.885   6.401   1.00 78.62  ? 10  G   A "H2'"  1 
ATOM   325 H  "HO2'" . G   A 1 10 ? -8.172  5.999   7.639   1.00 72.90  ? 10  G   A "HO2'" 1 
ATOM   326 H  "H1'"  . G   A 1 10 ? -6.454  7.678   8.230   1.00 63.25  ? 10  G   A "H1'"  1 
ATOM   327 H  H8     . G   A 1 10 ? -2.971  7.190   7.691   1.00 54.41  ? 10  G   A H8     1 
ATOM   328 H  H1     . G   A 1 10 ? -5.417  10.800  3.362   1.00 56.08  ? 10  G   A H1     1 
ATOM   329 H  H21    . G   A 1 10 ? -7.647  10.755  3.502   1.00 102.08 ? 10  G   A H21    1 
ATOM   330 H  H22    . G   A 1 10 ? -8.358  9.940   4.526   1.00 102.08 ? 10  G   A H22    1 
ATOM   331 P  P      . A   A 1 11 ? -6.015  2.766   6.247   1.00 59.23  ? 11  A   A P      1 
ATOM   332 O  OP1    . A   A 1 11 ? -6.372  1.361   6.578   1.00 68.04  ? 11  A   A OP1    1 
ATOM   333 O  OP2    . A   A 1 11 ? -4.892  3.024   5.306   1.00 49.72  ? 11  A   A OP2    1 
ATOM   334 O  "O5'"  . A   A 1 11 ? -7.343  3.460   5.701   1.00 81.45  ? 11  A   A "O5'"  1 
ATOM   335 C  "C5'"  . A   A 1 11 ? -8.608  3.187   6.298   1.00 69.67  ? 11  A   A "C5'"  1 
ATOM   336 C  "C4'"  . A   A 1 11 ? -9.769  3.556   5.405   1.00 94.55  ? 11  A   A "C4'"  1 
ATOM   337 O  "O4'"  . A   A 1 11 ? -10.850 4.019   6.248   1.00 114.65 ? 11  A   A "O4'"  1 
ATOM   338 C  "C3'"  . A   A 1 11 ? -9.511  4.679   4.415   1.00 111.65 ? 11  A   A "C3'"  1 
ATOM   339 O  "O3'"  . A   A 1 11 ? -10.386 4.530   3.300   1.00 72.81  ? 11  A   A "O3'"  1 
ATOM   340 C  "C2'"  . A   A 1 11 ? -9.888  5.917   5.219   1.00 125.16 ? 11  A   A "C2'"  1 
ATOM   341 O  "O2'"  . A   A 1 11 ? -10.248 7.037   4.438   1.00 152.17 ? 11  A   A "O2'"  1 
ATOM   342 C  "C1'"  . A   A 1 11 ? -11.063 5.406   6.057   1.00 103.43 ? 11  A   A "C1'"  1 
ATOM   343 N  N9     . A   A 1 11 ? -11.129 5.990   7.398   1.00 104.07 ? 11  A   A N9     1 
ATOM   344 C  C8     . A   A 1 11 ? -10.279 6.893   7.995   1.00 97.53  ? 11  A   A C8     1 
ATOM   345 N  N7     . A   A 1 11 ? -10.609 7.187   9.230   1.00 105.51 ? 11  A   A N7     1 
ATOM   346 C  C5     . A   A 1 11 ? -11.745 6.423   9.468   1.00 123.73 ? 11  A   A C5     1 
ATOM   347 C  C6     . A   A 1 11 ? -12.581 6.295   10.593  1.00 204.90 ? 11  A   A C6     1 
ATOM   348 N  N6     . A   A 1 11 ? -12.392 6.961   11.735  1.00 225.89 ? 11  A   A N6     1 
ATOM   349 N  N1     . A   A 1 11 ? -13.636 5.456   10.492  1.00 233.80 ? 11  A   A N1     1 
ATOM   350 C  C2     . A   A 1 11 ? -13.828 4.795   9.342   1.00 199.28 ? 11  A   A C2     1 
ATOM   351 N  N3     . A   A 1 11 ? -13.114 4.835   8.220   1.00 156.93 ? 11  A   A N3     1 
ATOM   352 C  C4     . A   A 1 11 ? -12.077 5.682   8.348   1.00 113.70 ? 11  A   A C4     1 
ATOM   353 H  "H5'"  . A   A 1 11 ? -8.678  3.689   7.125   1.00 83.61  ? 11  A   A "H5'"  1 
ATOM   354 H  "H5''" . A   A 1 11 ? -8.659  2.239   6.502   1.00 83.61  ? 11  A   A "H5''" 1 
ATOM   355 H  "H4'"  . A   A 1 11 ? -10.060 2.767   4.921   1.00 113.46 ? 11  A   A "H4'"  1 
ATOM   356 H  "H3'"  . A   A 1 11 ? -8.581  4.703   4.142   1.00 133.98 ? 11  A   A "H3'"  1 
ATOM   357 H  "H2'"  . A   A 1 11 ? -9.154  6.156   5.806   1.00 150.19 ? 11  A   A "H2'"  1 
ATOM   358 H  "HO2'" . A   A 1 11 ? -11.055 7.221   4.581   1.00 182.60 ? 11  A   A "HO2'" 1 
ATOM   359 H  "H1'"  . A   A 1 11 ? -11.898 5.553   5.586   1.00 124.12 ? 11  A   A "H1'"  1 
ATOM   360 H  H8     . A   A 1 11 ? -9.539  7.257   7.565   1.00 117.03 ? 11  A   A H8     1 
ATOM   361 H  H61    . A   A 1 11 ? -12.936 6.853   12.391  1.00 271.07 ? 11  A   A H61    1 
ATOM   362 H  H62    . A   A 1 11 ? -11.725 7.498   11.813  1.00 271.07 ? 11  A   A H62    1 
ATOM   363 H  H2     . A   A 1 11 ? -14.563 4.226   9.328   1.00 239.14 ? 11  A   A H2     1 
ATOM   364 P  P      . C   A 1 12 ? -9.813  4.110   1.855   1.00 54.17  ? 12  C   A P      1 
ATOM   365 O  OP1    . C   A 1 12 ? -10.987 3.816   0.996   1.00 61.96  ? 12  C   A OP1    1 
ATOM   366 O  OP2    . C   A 1 12 ? -8.737  3.096   1.959   1.00 48.49  ? 12  C   A OP2    1 
ATOM   367 O  "O5'"  . C   A 1 12 ? -9.122  5.446   1.328   1.00 49.82  ? 12  C   A "O5'"  1 
ATOM   368 C  "C5'"  . C   A 1 12 ? -9.904  6.581   0.990   1.00 43.78  ? 12  C   A "C5'"  1 
ATOM   369 C  "C4'"  . C   A 1 12 ? -9.036  7.660   0.396   1.00 44.62  ? 12  C   A "C4'"  1 
ATOM   370 O  "O4'"  . C   A 1 12 ? -8.311  8.327   1.465   1.00 41.13  ? 12  C   A "O4'"  1 
ATOM   371 C  "C3'"  . C   A 1 12 ? -7.947  7.165   -0.553  1.00 44.24  ? 12  C   A "C3'"  1 
ATOM   372 O  "O3'"  . C   A 1 12 ? -8.399  6.975   -1.883  1.00 47.79  ? 12  C   A "O3'"  1 
ATOM   373 C  "C2'"  . C   A 1 12 ? -6.880  8.233   -0.415  1.00 47.00  ? 12  C   A "C2'"  1 
ATOM   374 O  "O2'"  . C   A 1 12 ? -7.250  9.399   -1.131  1.00 43.67  ? 12  C   A "O2'"  1 
ATOM   375 C  "C1'"  . C   A 1 12 ? -6.967  8.538   1.075   1.00 47.34  ? 12  C   A "C1'"  1 
ATOM   376 N  N1     . C   A 1 12 ? -6.096  7.649   1.887   1.00 41.73  ? 12  C   A N1     1 
ATOM   377 C  C2     . C   A 1 12 ? -4.706  7.845   1.883   1.00 40.47  ? 12  C   A C2     1 
ATOM   378 O  O2     . C   A 1 12 ? -4.229  8.737   1.160   1.00 35.40  ? 12  C   A O2     1 
ATOM   379 N  N3     . C   A 1 12 ? -3.918  7.043   2.630   1.00 32.20  ? 12  C   A N3     1 
ATOM   380 C  C4     . C   A 1 12 ? -4.465  6.081   3.374   1.00 36.24  ? 12  C   A C4     1 
ATOM   381 N  N4     . C   A 1 12 ? -3.659  5.302   4.097   1.00 41.67  ? 12  C   A N4     1 
ATOM   382 C  C5     . C   A 1 12 ? -5.876  5.843   3.407   1.00 43.56  ? 12  C   A C5     1 
ATOM   383 C  C6     . C   A 1 12 ? -6.647  6.656   2.663   1.00 47.40  ? 12  C   A C6     1 
ATOM   384 H  "H5'"  . C   A 1 12 ? -10.336 6.921   1.789   1.00 52.54  ? 12  C   A "H5'"  1 
ATOM   385 H  "H5''" . C   A 1 12 ? -10.580 6.323   0.345   1.00 52.54  ? 12  C   A "H5''" 1 
ATOM   386 H  "H4'"  . C   A 1 12 ? -9.595  8.305   -0.064  1.00 53.55  ? 12  C   A "H4'"  1 
ATOM   387 H  "H3'"  . C   A 1 12 ? -7.596  6.324   -0.218  1.00 53.09  ? 12  C   A "H3'"  1 
ATOM   388 H  "H2'"  . C   A 1 12 ? -6.002  7.906   -0.667  1.00 56.40  ? 12  C   A "H2'"  1 
ATOM   389 H  "HO2'" . C   A 1 12 ? -7.437  10.008  -0.585  1.00 52.41  ? 12  C   A "HO2'" 1 
ATOM   390 H  "H1'"  . C   A 1 12 ? -6.724  9.464   1.231   1.00 56.81  ? 12  C   A "H1'"  1 
ATOM   391 H  H41    . C   A 1 12 ? -3.990  4.675   4.583   1.00 50.01  ? 12  C   A H41    1 
ATOM   392 H  H42    . C   A 1 12 ? -2.810  5.428   4.077   1.00 50.01  ? 12  C   A H42    1 
ATOM   393 H  H5     . C   A 1 12 ? -6.245  5.176   3.938   1.00 52.27  ? 12  C   A H5     1 
ATOM   394 H  H6     . C   A 1 12 ? -7.569  6.538   2.667   1.00 56.88  ? 12  C   A H6     1 
ATOM   395 P  P      . C   A 1 13 ? -7.731  5.856   -2.824  1.00 47.66  ? 13  C   A P      1 
ATOM   396 O  OP1    . C   A 1 13 ? -8.530  5.877   -4.085  1.00 47.43  ? 13  C   A OP1    1 
ATOM   397 O  OP2    . C   A 1 13 ? -7.523  4.585   -2.087  1.00 46.89  ? 13  C   A OP2    1 
ATOM   398 O  "O5'"  . C   A 1 13 ? -6.263  6.387   -3.098  1.00 39.09  ? 13  C   A "O5'"  1 
ATOM   399 C  "C5'"  . C   A 1 13 ? -6.065  7.659   -3.676  1.00 37.51  ? 13  C   A "C5'"  1 
ATOM   400 C  "C4'"  . C   A 1 13 ? -4.616  8.041   -3.676  1.00 34.98  ? 13  C   A "C4'"  1 
ATOM   401 O  "O4'"  . C   A 1 13 ? -4.125  8.131   -2.319  1.00 32.93  ? 13  C   A "O4'"  1 
ATOM   402 C  "C3'"  . C   A 1 13 ? -3.678  7.047   -4.330  1.00 32.86  ? 13  C   A "C3'"  1 
ATOM   403 O  "O3'"  . C   A 1 13 ? -3.706  7.127   -5.729  1.00 37.76  ? 13  C   A "O3'"  1 
ATOM   404 C  "C2'"  . C   A 1 13 ? -2.345  7.422   -3.713  1.00 31.36  ? 13  C   A "C2'"  1 
ATOM   405 O  "O2'"  . C   A 1 13 ? -1.839  8.615   -4.294  1.00 38.95  ? 13  C   A "O2'"  1 
ATOM   406 C  "C1'"  . C   A 1 13 ? -2.767  7.738   -2.286  1.00 34.01  ? 13  C   A "C1'"  1 
ATOM   407 N  N1     . C   A 1 13 ? -2.636  6.591   -1.366  1.00 29.29  ? 13  C   A N1     1 
ATOM   408 C  C2     . C   A 1 13 ? -1.343  6.313   -0.903  1.00 28.60  ? 13  C   A C2     1 
ATOM   409 O  O2     . C   A 1 13 ? -0.428  6.993   -1.344  1.00 31.25  ? 13  C   A O2     1 
ATOM   410 N  N3     . C   A 1 13 ? -1.150  5.316   -0.016  1.00 29.55  ? 13  C   A N3     1 
ATOM   411 C  C4     . C   A 1 13 ? -2.204  4.626   0.408   1.00 30.89  ? 13  C   A C4     1 
ATOM   412 N  N4     . C   A 1 13 ? -1.982  3.655   1.290   1.00 35.15  ? 13  C   A N4     1 
ATOM   413 C  C5     . C   A 1 13 ? -3.547  4.895   -0.029  1.00 33.23  ? 13  C   A C5     1 
ATOM   414 C  C6     . C   A 1 13 ? -3.717  5.890   -0.912  1.00 31.27  ? 13  C   A C6     1 
ATOM   415 H  "H5'"  . C   A 1 13 ? -6.566  8.318   -3.171  1.00 45.01  ? 13  C   A "H5'"  1 
ATOM   416 H  "H5''" . C   A 1 13 ? -6.389  7.646   -4.590  1.00 45.01  ? 13  C   A "H5''" 1 
ATOM   417 H  "H4'"  . C   A 1 13 ? -4.515  8.904   -4.108  1.00 41.97  ? 13  C   A "H4'"  1 
ATOM   418 H  "H3'"  . C   A 1 13 ? -3.919  6.148   -4.054  1.00 39.43  ? 13  C   A "H3'"  1 
ATOM   419 H  "H2'"  . C   A 1 13 ? -1.707  6.692   -3.750  1.00 37.63  ? 13  C   A "H2'"  1 
ATOM   420 H  "HO2'" . C   A 1 13 ? -1.881  9.234   -3.727  1.00 46.74  ? 13  C   A "HO2'" 1 
ATOM   421 H  "H1'"  . C   A 1 13 ? -2.232  8.474   -1.952  1.00 40.81  ? 13  C   A "H1'"  1 
ATOM   422 H  H41    . C   A 1 13 ? -2.638  3.186   1.588   1.00 42.18  ? 13  C   A H41    1 
ATOM   423 H  H42    . C   A 1 13 ? -1.182  3.497   1.563   1.00 42.18  ? 13  C   A H42    1 
ATOM   424 H  H5     . C   A 1 13 ? -4.266  4.399   0.286   1.00 39.88  ? 13  C   A H5     1 
ATOM   425 H  H6     . C   A 1 13 ? -4.571  6.104   -1.213  1.00 37.52  ? 13  C   A H6     1 
ATOM   426 P  P      . C   A 1 14 ? -3.282  5.857   -6.600  1.00 40.35  ? 14  C   A P      1 
ATOM   427 O  OP1    . C   A 1 14 ? -3.673  6.255   -7.977  1.00 40.77  ? 14  C   A OP1    1 
ATOM   428 O  OP2    . C   A 1 14 ? -3.789  4.588   -6.016  1.00 39.55  ? 14  C   A OP2    1 
ATOM   429 O  "O5'"  . C   A 1 14 ? -1.711  5.791   -6.413  1.00 35.62  ? 14  C   A "O5'"  1 
ATOM   430 C  "C5'"  . C   A 1 14 ? -0.869  6.843   -6.853  1.00 35.42  ? 14  C   A "C5'"  1 
ATOM   431 C  "C4'"  . C   A 1 14 ? 0.567   6.581   -6.484  1.00 31.57  ? 14  C   A "C4'"  1 
ATOM   432 O  "O4'"  . C   A 1 14 ? 0.710   6.549   -5.042  1.00 36.57  ? 14  C   A "O4'"  1 
ATOM   433 C  "C3'"  . C   A 1 14 ? 1.147   5.240   -6.924  1.00 31.21  ? 14  C   A "C3'"  1 
ATOM   434 O  "O3'"  . C   A 1 14 ? 1.513   5.216   -8.287  1.00 33.97  ? 14  C   A "O3'"  1 
ATOM   435 C  "C2'"  . C   A 1 14 ? 2.319   5.071   -5.969  1.00 33.77  ? 14  C   A "C2'"  1 
ATOM   436 O  "O2'"  . C   A 1 14 ? 3.392   5.924   -6.331  1.00 38.75  ? 14  C   A "O2'"  1 
ATOM   437 C  "C1'"  . C   A 1 14 ? 1.727   5.628   -4.687  1.00 39.43  ? 14  C   A "C1'"  1 
ATOM   438 N  N1     . C   A 1 14 ? 1.144   4.595   -3.817  1.00 31.05  ? 14  C   A N1     1 
ATOM   439 C  C2     . C   A 1 14 ? 2.013   3.878   -2.994  1.00 25.41  ? 14  C   A C2     1 
ATOM   440 O  O2     . C   A 1 14 ? 3.233   4.117   -3.112  1.00 32.82  ? 14  C   A O2     1 
ATOM   441 N  N3     . C   A 1 14 ? 1.511   2.969   -2.151  1.00 30.46  ? 14  C   A N3     1 
ATOM   442 C  C4     . C   A 1 14 ? 0.192   2.790   -2.116  1.00 27.18  ? 14  C   A C4     1 
ATOM   443 N  N4     . C   A 1 14 ? -0.280  1.890   -1.269  1.00 34.09  ? 14  C   A N4     1 
ATOM   444 C  C5     . C   A 1 14 ? -0.724  3.508   -2.954  1.00 30.78  ? 14  C   A C5     1 
ATOM   445 C  C6     . C   A 1 14 ? -0.199  4.403   -3.786  1.00 30.07  ? 14  C   A C6     1 
ATOM   446 H  "H5'"  . C   A 1 14 ? -1.157  7.674   -6.441  1.00 42.51  ? 14  C   A "H5'"  1 
ATOM   447 H  "H5''" . C   A 1 14 ? -0.940  6.925   -7.817  1.00 42.51  ? 14  C   A "H5''" 1 
ATOM   448 H  "H4'"  . C   A 1 14 ? 1.120   7.295   -6.840  1.00 37.89  ? 14  C   A "H4'"  1 
ATOM   449 H  "H3'"  . C   A 1 14 ? 0.495   4.541   -6.756  1.00 37.46  ? 14  C   A "H3'"  1 
ATOM   450 H  "H2'"  . C   A 1 14 ? 2.592   4.145   -5.876  1.00 40.53  ? 14  C   A "H2'"  1 
ATOM   451 H  "HO2'" . C   A 1 14 ? 3.741   5.640   -7.040  1.00 46.50  ? 14  C   A "HO2'" 1 
ATOM   452 H  "H1'"  . C   A 1 14 ? 2.421   6.097   -4.197  1.00 47.32  ? 14  C   A "H1'"  1 
ATOM   453 H  H41    . C   A 1 14 ? -1.126  1.748   -1.220  1.00 40.91  ? 14  C   A H41    1 
ATOM   454 H  H42    . C   A 1 14 ? 0.260   1.447   -0.768  1.00 40.91  ? 14  C   A H42    1 
ATOM   455 H  H5     . C   A 1 14 ? -1.643  3.369   -2.905  1.00 36.94  ? 14  C   A H5     1 
ATOM   456 H  H6     . C   A 1 14 ? -0.755  4.917   -4.327  1.00 36.09  ? 14  C   A H6     1 
ATOM   457 P  P      . C   A 1 15 ? 1.460   3.838   -9.099  1.00 35.43  ? 15  C   A P      1 
ATOM   458 O  OP1    . C   A 1 15 ? 1.779   4.243   -10.490 1.00 38.75  ? 15  C   A OP1    1 
ATOM   459 O  OP2    . C   A 1 15 ? 0.185   3.096   -8.872  1.00 37.76  ? 15  C   A OP2    1 
ATOM   460 O  "O5'"  . C   A 1 15 ? 2.650   2.973   -8.469  1.00 33.64  ? 15  C   A "O5'"  1 
ATOM   461 C  "C5'"  . C   A 1 15 ? 4.005   3.355   -8.659  1.00 31.54  ? 15  C   A "C5'"  1 
ATOM   462 C  "C4'"  . C   A 1 15 ? 4.954   2.455   -7.913  1.00 27.31  ? 15  C   A "C4'"  1 
ATOM   463 O  "O4'"  . C   A 1 15 ? 4.758   2.567   -6.477  1.00 30.06  ? 15  C   A "O4'"  1 
ATOM   464 C  "C3'"  . C   A 1 15 ? 4.821   0.959   -8.158  1.00 28.31  ? 15  C   A "C3'"  1 
ATOM   465 O  "O3'"  . C   A 1 15 ? 5.328   0.540   -9.408  1.00 30.96  ? 15  C   A "O3'"  1 
ATOM   466 C  "C2'"  . C   A 1 15 ? 5.559   0.392   -6.968  1.00 26.46  ? 15  C   A "C2'"  1 
ATOM   467 O  "O2'"  . C   A 1 15 ? 6.955   0.561   -7.131  1.00 30.18  ? 15  C   A "O2'"  1 
ATOM   468 C  "C1'"  . C   A 1 15 ? 5.098   1.343   -5.866  1.00 29.87  ? 15  C   A "C1'"  1 
ATOM   469 N  N1     . C   A 1 15 ? 3.915   0.820   -5.170  1.00 27.52  ? 15  C   A N1     1 
ATOM   470 C  C2     . C   A 1 15 ? 4.128   -0.151  -4.194  1.00 25.25  ? 15  C   A C2     1 
ATOM   471 O  O2     . C   A 1 15 ? 5.285   -0.560  -4.006  1.00 30.87  ? 15  C   A O2     1 
ATOM   472 N  N3     . C   A 1 15 ? 3.052   -0.647  -3.525  1.00 30.55  ? 15  C   A N3     1 
ATOM   473 C  C4     . C   A 1 15 ? 1.833   -0.159  -3.831  1.00 31.41  ? 15  C   A C4     1 
ATOM   474 N  N4     . C   A 1 15 ? 0.768   -0.656  -3.185  1.00 33.81  ? 15  C   A N4     1 
ATOM   475 C  C5     . C   A 1 15 ? 1.604   0.822   -4.836  1.00 38.64  ? 15  C   A C5     1 
ATOM   476 C  C6     . C   A 1 15 ? 2.678   1.291   -5.478  1.00 26.44  ? 15  C   A C6     1 
ATOM   477 H  "H5'"  . C   A 1 15 ? 4.123   4.266   -8.347  1.00 37.84  ? 15  C   A "H5'"  1 
ATOM   478 H  "H5''" . C   A 1 15 ? 4.213   3.317   -9.606  1.00 37.84  ? 15  C   A "H5''" 1 
ATOM   479 H  "H4'"  . C   A 1 15 ? 5.861   2.723   -8.122  1.00 32.77  ? 15  C   A "H4'"  1 
ATOM   480 H  "H3'"  . C   A 1 15 ? 3.885   0.711   -8.098  1.00 33.97  ? 15  C   A "H3'"  1 
ATOM   481 H  "H2'"  . C   A 1 15 ? 5.314   -0.529  -6.785  1.00 31.76  ? 15  C   A "H2'"  1 
ATOM   482 H  "HO2'" . C   A 1 15 ? 7.225   0.043   -7.735  1.00 36.22  ? 15  C   A "HO2'" 1 
ATOM   483 H  "H1'"  . C   A 1 15 ? 5.818   1.483   -5.230  1.00 35.84  ? 15  C   A "H1'"  1 
ATOM   484 H  H41    . C   A 1 15 ? -0.019  -0.361  -3.364  1.00 40.57  ? 15  C   A H41    1 
ATOM   485 H  H42    . C   A 1 15 ? 0.872   -1.271  -2.593  1.00 40.57  ? 15  C   A H42    1 
ATOM   486 H  H5     . C   A 1 15 ? 0.750   1.143   -5.016  1.00 46.37  ? 15  C   A H5     1 
ATOM   487 H  H6     . C   A 1 15 ? 2.580   1.953   -6.124  1.00 31.72  ? 15  C   A H6     1 
ATOM   488 P  P      . A   A 1 16 ? 4.617   -0.685  -10.166 1.00 31.18  ? 16  A   A P      1 
ATOM   489 O  OP1    . A   A 1 16 ? 5.212   -0.713  -11.531 1.00 37.30  ? 16  A   A OP1    1 
ATOM   490 O  OP2    . A   A 1 16 ? 3.145   -0.733  -9.972  1.00 32.53  ? 16  A   A OP2    1 
ATOM   491 O  "O5'"  . A   A 1 16 ? 5.123   -1.945  -9.352  1.00 26.56  ? 16  A   A "O5'"  1 
ATOM   492 C  "C5'"  . A   A 1 16 ? 6.509   -2.227  -9.292  1.00 28.33  ? 16  A   A "C5'"  1 
ATOM   493 C  "C4'"  . A   A 1 16 ? 6.791   -3.295  -8.277  1.00 26.51  ? 16  A   A "C4'"  1 
ATOM   494 O  "O4'"  . A   A 1 16 ? 6.325   -2.872  -6.972  1.00 26.26  ? 16  A   A "O4'"  1 
ATOM   495 C  "C3'"  . A   A 1 16 ? 6.051   -4.605  -8.504  1.00 26.77  ? 16  A   A "C3'"  1 
ATOM   496 O  "O3'"  . A   A 1 16 ? 6.704   -5.411  -9.476  1.00 34.46  ? 16  A   A "O3'"  1 
ATOM   497 C  "C2'"  . A   A 1 16 ? 6.062   -5.221  -7.119  1.00 27.60  ? 16  A   A "C2'"  1 
ATOM   498 O  "O2'"  . A   A 1 16 ? 7.349   -5.747  -6.796  1.00 27.89  ? 16  A   A "O2'"  1 
ATOM   499 C  "C1'"  . A   A 1 16 ? 5.818   -3.986  -6.266  1.00 26.70  ? 16  A   A "C1'"  1 
ATOM   500 N  N9     . A   A 1 16 ? 4.395   -3.756  -6.003  1.00 25.83  ? 16  A   A N9     1 
ATOM   501 C  C8     . A   A 1 16 ? 3.546   -2.796  -6.508  1.00 25.75  ? 16  A   A C8     1 
ATOM   502 N  N7     . A   A 1 16 ? 2.344   -2.858  -6.001  1.00 28.81  ? 16  A   A N7     1 
ATOM   503 C  C5     . A   A 1 16 ? 2.422   -3.913  -5.096  1.00 26.61  ? 16  A   A C5     1 
ATOM   504 C  C6     . A   A 1 16 ? 1.489   -4.459  -4.213  1.00 31.74  ? 16  A   A C6     1 
ATOM   505 N  N6     . A   A 1 16 ? 0.245   -4.004  -4.140  1.00 29.09  ? 16  A   A N6     1 
ATOM   506 N  N1     . A   A 1 16 ? 1.890   -5.494  -3.431  1.00 27.13  ? 16  A   A N1     1 
ATOM   507 C  C2     . A   A 1 16 ? 3.154   -5.933  -3.554  1.00 25.59  ? 16  A   A C2     1 
ATOM   508 N  N3     . A   A 1 16 ? 4.145   -5.483  -4.336  1.00 27.23  ? 16  A   A N3     1 
ATOM   509 C  C4     . A   A 1 16 ? 3.688   -4.463  -5.072  1.00 27.97  ? 16  A   A C4     1 
ATOM   510 H  "H5'"  . A   A 1 16 ? 6.989   -1.419  -9.046  1.00 33.99  ? 16  A   A "H5'"  1 
ATOM   511 H  "H5''" . A   A 1 16 ? 6.814   -2.526  -10.163 1.00 33.99  ? 16  A   A "H5''" 1 
ATOM   512 H  "H4'"  . A   A 1 16 ? 7.745   -3.465  -8.241  1.00 31.81  ? 16  A   A "H4'"  1 
ATOM   513 H  "H3'"  . A   A 1 16 ? 5.138   -4.426  -8.780  1.00 32.12  ? 16  A   A "H3'"  1 
ATOM   514 H  "H2'"  . A   A 1 16 ? 5.358   -5.879  -7.008  1.00 33.12  ? 16  A   A "H2'"  1 
ATOM   515 H  "HO2'" . A   A 1 16 ? 7.490   -6.430  -7.263  1.00 33.47  ? 16  A   A "HO2'" 1 
ATOM   516 H  "H1'"  . A   A 1 16 ? 6.292   -4.076  -5.424  1.00 32.04  ? 16  A   A "H1'"  1 
ATOM   517 H  H8     . A   A 1 16 ? 3.796   -2.181  -7.158  1.00 30.91  ? 16  A   A H8     1 
ATOM   518 H  H61    . A   A 1 16 ? -0.313  -4.365  -3.593  1.00 34.91  ? 16  A   A H61    1 
ATOM   519 H  H62    . A   A 1 16 ? -0.004  -3.349  -4.638  1.00 34.91  ? 16  A   A H62    1 
ATOM   520 H  H2     . A   A 1 16 ? 3.383   -6.639  -2.992  1.00 30.71  ? 16  A   A H2     1 
HETATM 521 O  O3P    . CBV A 1 17 ? 6.897   -5.535  -9.748  1.00 45.55  ? 17  CBV A O3P    1 
HETATM 522 P  P      . CBV A 1 17 ? 5.890   -6.432  -10.433 1.00 27.11  ? 17  CBV A P      1 
HETATM 523 O  O1P    . CBV A 1 17 ? 4.673   -5.678  -10.920 1.00 26.32  ? 17  CBV A O1P    1 
HETATM 524 O  O2P    . CBV A 1 17 ? 6.877   -6.997  -11.404 1.00 26.54  ? 17  CBV A O2P    1 
HETATM 525 O  "O5'"  . CBV A 1 17 ? 5.452   -7.605  -9.441  1.00 25.86  ? 17  CBV A "O5'"  1 
HETATM 526 C  "C5'"  . CBV A 1 17 ? 6.416   -8.539  -9.015  1.00 26.88  ? 17  CBV A "C5'"  1 
HETATM 527 C  "C4'"  . CBV A 1 17 ? 5.875   -9.393  -7.916  1.00 28.05  ? 17  CBV A "C4'"  1 
HETATM 528 O  "O4'"  . CBV A 1 17 ? 5.370   -8.554  -6.833  1.00 27.89  ? 17  CBV A "O4'"  1 
HETATM 529 C  "C3'"  . CBV A 1 17 ? 4.669   -10.251 -8.268  1.00 27.69  ? 17  CBV A "C3'"  1 
HETATM 530 O  "O3'"  . CBV A 1 17 ? 5.031   -11.380 -9.009  1.00 28.97  ? 17  CBV A "O3'"  1 
HETATM 531 C  "C2'"  . CBV A 1 17 ? 4.145   -10.590 -6.881  1.00 28.00  ? 17  CBV A "C2'"  1 
HETATM 532 O  "O2'"  . CBV A 1 17 ? 5.007   -11.521 -6.239  1.00 29.88  ? 17  CBV A "O2'"  1 
HETATM 533 C  "C1'"  . CBV A 1 17 ? 4.320   -9.249  -6.180  1.00 25.49  ? 17  CBV A "C1'"  1 
HETATM 534 N  N1     . CBV A 1 17 ? 3.106   -8.447  -6.294  1.00 25.89  ? 17  CBV A N1     1 
HETATM 535 C  C2     . CBV A 1 17 ? 2.002   -8.757  -5.380  1.00 26.35  ? 17  CBV A C2     1 
HETATM 536 O  O2     . CBV A 1 17 ? 2.126   -9.648  -4.621  1.00 33.97  ? 17  CBV A O2     1 
HETATM 537 N  N3     . CBV A 1 17 ? 0.787   -7.970  -5.465  1.00 31.16  ? 17  CBV A N3     1 
HETATM 538 C  C4     . CBV A 1 17 ? 0.685   -6.911  -6.407  1.00 29.19  ? 17  CBV A C4     1 
HETATM 539 N  N4     . CBV A 1 17 ? -0.507  -6.123  -6.513  1.00 35.55  ? 17  CBV A N4     1 
HETATM 540 C  C5     . CBV A 1 17 ? 1.822   -6.644  -7.298  1.00 27.42  ? 17  CBV A C5     1 
HETATM 541 C  C6     . CBV A 1 17 ? 3.030   -7.440  -7.262  1.00 27.25  ? 17  CBV A C6     1 
HETATM 542 BR BR     . CBV A 1 17 ? 1.714   -5.275  -8.589  1.00 40.37  ? 17  CBV A BR     1 
HETATM 543 H  "H5'1" . CBV A 1 17 ? 6.667   -9.104  -9.763  1.00 32.25  ? 17  CBV A "H5'1" 1 
HETATM 544 H  "H5'2" . CBV A 1 17 ? 7.200   -8.066  -8.696  1.00 32.25  ? 17  CBV A "H5'2" 1 
HETATM 545 H  "H4'"  . CBV A 1 17 ? 6.581   -9.964  -7.573  1.00 33.66  ? 17  CBV A "H4'"  1 
HETATM 546 H  "H3'"  . CBV A 1 17 ? 4.014   -9.722  -8.750  1.00 33.22  ? 17  CBV A "H3'"  1 
HETATM 547 H  "HO3'" . CBV A 1 17 ? 5.862   -11.528 -8.913  1.00 34.77  ? 17  CBV A "HO3'" 1 
HETATM 548 H  "H2'"  . CBV A 1 17 ? 3.219   -10.879 -6.897  1.00 33.60  ? 17  CBV A "H2'"  1 
HETATM 549 H  "HO2'" . CBV A 1 17 ? 5.701   -11.640 -6.715  1.00 35.86  ? 17  CBV A "HO2'" 1 
HETATM 550 H  "H1'"  . CBV A 1 17 ? 4.545   -9.391  -5.247  1.00 30.59  ? 17  CBV A "H1'"  1 
HETATM 551 H  HN41   . CBV A 1 17 ? -1.173  -6.280  -5.993  1.00 42.66  ? 17  CBV A HN41   1 
HETATM 552 H  HN42   . CBV A 1 17 ? -0.556  -5.492  -7.096  1.00 42.66  ? 17  CBV A HN42   1 
HETATM 553 H  H6     . CBV A 1 17 ? 3.751   -7.247  -7.815  1.00 32.70  ? 17  CBV A H6     1 
ATOM   554 P  P      . C   A 1 18 ? 3.930   -12.193 -9.890  1.00 28.13  ? 18  C   A P      1 
ATOM   555 O  OP1    . C   A 1 18 ? 4.758   -13.217 -10.607 1.00 32.99  ? 18  C   A OP1    1 
ATOM   556 O  OP2    . C   A 1 18 ? 3.107   -11.198 -10.625 1.00 33.04  ? 18  C   A OP2    1 
ATOM   557 O  "O5'"  . C   A 1 18 ? 2.969   -12.857 -8.820  1.00 28.71  ? 18  C   A "O5'"  1 
ATOM   558 C  "C5'"  . C   A 1 18 ? 3.434   -13.894 -7.970  1.00 29.06  ? 18  C   A "C5'"  1 
ATOM   559 C  "C4'"  . C   A 1 18 ? 2.335   -14.378 -7.074  1.00 32.69  ? 18  C   A "C4'"  1 
ATOM   560 O  "O4'"  . C   A 1 18 ? 1.918   -13.282 -6.236  1.00 31.60  ? 18  C   A "O4'"  1 
ATOM   561 C  "C3'"  . C   A 1 18 ? 1.044   -14.813 -7.761  1.00 32.16  ? 18  C   A "C3'"  1 
ATOM   562 O  "O3'"  . C   A 1 18 ? 1.094   -16.130 -8.270  1.00 36.11  ? 18  C   A "O3'"  1 
ATOM   563 C  "C2'"  . C   A 1 18 ? 0.018   -14.643 -6.653  1.00 33.81  ? 18  C   A "C2'"  1 
ATOM   564 O  "O2'"  . C   A 1 18 ? 0.103   -15.704 -5.718  1.00 37.43  ? 18  C   A "O2'"  1 
ATOM   565 C  "C1'"  . C   A 1 18 ? 0.532   -13.390 -5.969  1.00 30.86  ? 18  C   A "C1'"  1 
ATOM   566 N  N1     . C   A 1 18 ? -0.144  -12.172 -6.452  1.00 30.32  ? 18  C   A N1     1 
ATOM   567 C  C2     . C   A 1 18 ? -1.408  -11.909 -5.926  1.00 32.93  ? 18  C   A C2     1 
ATOM   568 O  O2     . C   A 1 18 ? -1.892  -12.715 -5.113  1.00 31.64  ? 18  C   A O2     1 
ATOM   569 N  N3     . C   A 1 18 ? -2.050  -10.796 -6.321  1.00 30.14  ? 18  C   A N3     1 
ATOM   570 C  C4     . C   A 1 18 ? -1.475  -9.975  -7.209  1.00 27.88  ? 18  C   A C4     1 
ATOM   571 N  N4     . C   A 1 18 ? -2.151  -8.894  -7.575  1.00 29.99  ? 18  C   A N4     1 
ATOM   572 C  C5     . C   A 1 18 ? -0.195  -10.223 -7.767  1.00 28.72  ? 18  C   A C5     1 
ATOM   573 C  C6     . C   A 1 18 ? 0.438   -11.337 -7.371  1.00 31.53  ? 18  C   A C6     1 
ATOM   574 H  "H5'"  . C   A 1 18 ? 4.165   -13.557 -7.427  1.00 34.87  ? 18  C   A "H5'"  1 
ATOM   575 H  "H5''" . C   A 1 18 ? 3.752   -14.632 -8.513  1.00 34.87  ? 18  C   A "H5''" 1 
ATOM   576 H  "H4'"  . C   A 1 18 ? 2.666   -15.101 -6.518  1.00 39.23  ? 18  C   A "H4'"  1 
ATOM   577 H  "H3'"  . C   A 1 18 ? 0.842   -14.197 -8.483  1.00 38.59  ? 18  C   A "H3'"  1 
ATOM   578 H  "HO3'" . C   A 1 18 ? 0.986   -16.267 -9.092  1.00 43.33  ? 18  C   A "HO3'" 1 
ATOM   579 H  "H2'"  . C   A 1 18 ? -0.880  -14.525 -7.000  1.00 40.57  ? 18  C   A "H2'"  1 
ATOM   580 H  "HO2'" . C   A 1 18 ? -0.178  -16.408 -6.079  1.00 44.92  ? 18  C   A "HO2'" 1 
ATOM   581 H  "H1'"  . C   A 1 18 ? 0.397   -13.471 -5.012  1.00 37.03  ? 18  C   A "H1'"  1 
ATOM   582 H  H41    . C   A 1 18 ? -1.811  -8.346  -8.144  1.00 35.99  ? 18  C   A H41    1 
ATOM   583 H  H42    . C   A 1 18 ? -2.930  -8.740  -7.243  1.00 35.99  ? 18  C   A H42    1 
ATOM   584 H  H5     . C   A 1 18 ? 0.189   -9.638  -8.380  1.00 34.47  ? 18  C   A H5     1 
ATOM   585 H  H6     . C   A 1 18 ? 1.288   -11.528 -7.697  1.00 37.84  ? 18  C   A H6     1 
HETATM 586 C  CD     . MGX B 2 .  ? 0.011   10.899  3.983   1.00 39.51  ? 101 MGX A CD     1 
HETATM 587 N  NE     . MGX B 2 .  ? -0.373  9.739   4.771   1.00 37.15  ? 101 MGX A NE     1 
HETATM 588 C  CZ     . MGX B 2 .  ? 0.584   8.972   5.533   1.00 42.45  ? 101 MGX A CZ     1 
HETATM 589 N  NH1    . MGX B 2 .  ? 1.979   9.384   5.567   1.00 33.05  ? 101 MGX A NH1    1 
HETATM 590 N  NH2    . MGX B 2 .  ? 0.189   7.964   6.176   1.00 49.34  ? 101 MGX A NH2    1 
HETATM 591 H  HD1    . MGX B 2 .  ? -0.394  11.695  4.361   1.00 47.42  ? 101 MGX A HD1    1 
HETATM 592 H  HD2    . MGX B 2 .  ? -0.296  10.784  3.069   1.00 47.42  ? 101 MGX A HD2    1 
HETATM 593 H  HD3    . MGX B 2 .  ? 0.976   10.990  3.991   1.00 47.42  ? 101 MGX A HD3    1 
HETATM 594 H  HNE    . MGX B 2 .  ? -1.193  9.480   4.753   1.00 44.58  ? 101 MGX A HNE    1 
HETATM 595 H  HH11   . MGX B 2 .  ? 2.550   8.933   6.024   1.00 39.66  ? 101 MGX A HH11   1 
HETATM 596 H  HH12   . MGX B 2 .  ? 2.235   10.072  5.117   1.00 39.66  ? 101 MGX A HH12   1 
HETATM 597 H  HNH2   . MGX B 2 .  ? 0.766   7.492   6.662   1.00 59.21  ? 101 MGX A HNH2   1 
HETATM 598 S  S      . SO4 C 3 .  ? 1.624   -13.535 -1.238  0.80 53.17  ? 102 SO4 A S      1 
HETATM 599 O  O1     . SO4 C 3 .  ? 0.819   -12.764 -2.184  0.80 64.25  ? 102 SO4 A O1     1 
HETATM 600 O  O2     . SO4 C 3 .  ? 1.966   -14.815 -1.857  0.80 55.74  ? 102 SO4 A O2     1 
HETATM 601 O  O3     . SO4 C 3 .  ? 2.870   -12.833 -0.928  0.80 53.95  ? 102 SO4 A O3     1 
HETATM 602 O  O4     . SO4 C 3 .  ? 0.865   -13.731 -0.003  0.80 63.56  ? 102 SO4 A O4     1 
HETATM 603 S  S      . SO4 D 3 .  ? -2.084  -4.057  -8.562  0.60 59.67  ? 103 SO4 A S      1 
HETATM 604 O  O1     . SO4 D 3 .  ? -1.095  -3.589  -9.532  0.60 60.50  ? 103 SO4 A O1     1 
HETATM 605 O  O2     . SO4 D 3 .  ? -2.653  -5.324  -9.027  0.60 55.89  ? 103 SO4 A O2     1 
HETATM 606 O  O3     . SO4 D 3 .  ? -3.144  -3.059  -8.425  0.60 63.71  ? 103 SO4 A O3     1 
HETATM 607 O  O4     . SO4 D 3 .  ? -1.444  -4.239  -7.264  0.06 49.69  ? 103 SO4 A O4     1 
HETATM 608 S  S      . SO4 E 3 .  ? 8.241   -10.945 -14.801 0.33 139.79 ? 104 SO4 A S      1 
HETATM 609 O  O1     . SO4 E 3 .  ? 6.862   -11.316 -15.101 0.33 140.09 ? 104 SO4 A O1     1 
HETATM 610 O  O2     . SO4 E 3 .  ? 8.845   -10.322 -15.974 0.33 138.81 ? 104 SO4 A O2     1 
HETATM 611 O  O3     . SO4 E 3 .  ? 9.001   -12.137 -14.437 0.33 140.57 ? 104 SO4 A O3     1 
HETATM 612 O  O4     . SO4 E 3 .  ? 8.257   -10.001 -13.689 0.33 140.33 ? 104 SO4 A O4     1 
HETATM 613 NA NA     . NA  F 4 .  ? 9.575   -6.774  -8.266  0.33 36.67  ? 105 NA  A NA     1 
HETATM 614 NA NA     . NA  G 4 .  ? 11.559  0.347   2.664   0.33 80.86  ? 106 NA  A NA     1 
HETATM 615 NA NA     . NA  H 4 .  ? 7.569   -12.705 -10.731 1.00 43.39  ? 107 NA  A NA     1 
HETATM 616 NA NA     . NA  I 4 .  ? 6.908   -13.306 -7.164  1.00 47.23  ? 108 NA  A NA     1 
HETATM 617 O  O      . HOH J 5 .  ? 6.888   0.871   -12.043 1.00 45.82  ? 201 HOH A O      1 
HETATM 618 O  O      . HOH J 5 .  ? 8.981   -8.909  -11.542 0.33 31.38  ? 202 HOH A O      1 
HETATM 619 O  O      . HOH J 5 .  ? -6.753  3.291   -0.033  1.00 58.10  ? 203 HOH A O      1 
HETATM 620 O  O      . HOH J 5 .  ? 2.489   -6.819  -11.680 1.00 38.25  ? 204 HOH A O      1 
HETATM 621 O  O      . HOH J 5 .  ? 1.589   -9.075  -10.534 1.00 36.79  ? 205 HOH A O      1 
HETATM 622 O  O      . HOH J 5 .  ? 1.337   13.890  5.413   1.00 37.28  ? 206 HOH A O      1 
HETATM 623 O  O      . HOH J 5 .  ? 6.510   -6.733  -4.241  1.00 33.58  ? 207 HOH A O      1 
HETATM 624 O  O      . HOH J 5 .  ? -1.705  -2.154  -5.543  1.00 53.82  ? 208 HOH A O      1 
HETATM 625 O  O      . HOH J 5 .  ? -0.204  -4.254  1.714   1.00 48.96  ? 209 HOH A O      1 
HETATM 626 O  O      . HOH J 5 .  ? 3.891   5.034   5.801   1.00 46.82  ? 210 HOH A O      1 
HETATM 627 O  O      . HOH J 5 .  ? -2.038  -13.246 -1.736  1.00 52.07  ? 211 HOH A O      1 
HETATM 628 O  O      . HOH J 5 .  ? 12.051  2.114   5.376   0.33 36.42  ? 212 HOH A O      1 
HETATM 629 O  O      . HOH J 5 .  ? 8.342   0.650   -1.312  1.00 48.43  ? 213 HOH A O      1 
HETATM 630 O  O      . HOH J 5 .  ? -7.957  -13.683 -2.082  1.00 48.49  ? 214 HOH A O      1 
HETATM 631 O  O      . HOH J 5 .  ? -4.990  9.480   12.079  1.00 60.99  ? 215 HOH A O      1 
HETATM 632 O  O      . HOH J 5 .  ? -0.738  11.629  -0.160  1.00 53.24  ? 216 HOH A O      1 
HETATM 633 O  O      . HOH J 5 .  ? 0.345   -1.658  -7.711  1.00 43.84  ? 217 HOH A O      1 
HETATM 634 O  O      . HOH J 5 .  ? -1.991  -0.004  -3.798  1.00 55.26  ? 218 HOH A O      1 
HETATM 635 O  O      . HOH J 5 .  ? -4.411  2.149   2.580   1.00 52.64  ? 219 HOH A O      1 
HETATM 636 O  O      . HOH J 5 .  ? 10.292  7.258   1.783   1.00 36.81  ? 220 HOH A O      1 
HETATM 637 O  O      . HOH J 5 .  ? 4.550   -9.247  -2.427  1.00 44.29  ? 221 HOH A O      1 
HETATM 638 O  O      . HOH J 5 .  ? -5.885  -5.306  -3.047  1.00 46.93  ? 222 HOH A O      1 
HETATM 639 O  O      . HOH J 5 .  ? -11.127 -11.399 1.438   1.00 48.85  ? 223 HOH A O      1 
HETATM 640 O  O      . HOH J 5 .  ? -7.756  -6.658  -7.928  1.00 50.33  ? 224 HOH A O      1 
HETATM 641 O  O      . HOH J 5 .  ? -2.265  -15.394 -3.890  1.00 49.55  ? 225 HOH A O      1 
HETATM 642 O  O      . HOH J 5 .  ? -11.046 9.793   3.553   1.00 62.66  ? 226 HOH A O      1 
HETATM 643 O  O      . HOH J 5 .  ? 0.717   9.649   -3.102  1.00 58.79  ? 227 HOH A O      1 
HETATM 644 O  O      . HOH J 5 .  ? -4.447  -14.309 3.177   1.00 53.67  ? 228 HOH A O      1 
HETATM 645 O  O      . HOH J 5 .  ? 3.951   6.925   -9.327  1.00 51.24  ? 229 HOH A O      1 
HETATM 646 O  O      . HOH J 5 .  ? -2.992  10.386  -6.649  1.00 54.47  ? 230 HOH A O      1 
HETATM 647 O  O      . HOH J 5 .  ? -6.312  7.029   12.191  1.00 63.70  ? 231 HOH A O      1 
HETATM 648 O  O      . HOH J 5 .  ? -5.297  -14.900 -1.995  1.00 50.09  ? 232 HOH A O      1 
HETATM 649 O  O      . HOH J 5 .  ? -2.613  -1.688  -2.481  1.00 55.59  ? 233 HOH A O      1 
# 
loop_
_atom_site_anisotrop.id 
_atom_site_anisotrop.type_symbol 
_atom_site_anisotrop.pdbx_label_atom_id 
_atom_site_anisotrop.pdbx_label_alt_id 
_atom_site_anisotrop.pdbx_label_comp_id 
_atom_site_anisotrop.pdbx_label_asym_id 
_atom_site_anisotrop.pdbx_label_seq_id 
_atom_site_anisotrop.pdbx_PDB_ins_code 
_atom_site_anisotrop.U[1][1] 
_atom_site_anisotrop.U[2][2] 
_atom_site_anisotrop.U[3][3] 
_atom_site_anisotrop.U[1][2] 
_atom_site_anisotrop.U[1][3] 
_atom_site_anisotrop.U[2][3] 
_atom_site_anisotrop.pdbx_auth_seq_id 
_atom_site_anisotrop.pdbx_auth_comp_id 
_atom_site_anisotrop.pdbx_auth_asym_id 
_atom_site_anisotrop.pdbx_auth_atom_id 
1   O  "O5'" . G   A 1  ? 0.4304 0.6355 0.5632 -0.0104 0.0191  -0.0470 1  G   A "O5'" 
2   C  "C5'" . G   A 1  ? 0.3208 0.5432 0.4755 -0.0181 0.0311  -0.0545 1  G   A "C5'" 
3   C  "C4'" . G   A 1  ? 0.2909 0.5075 0.4284 -0.0310 0.0364  -0.0477 1  G   A "C4'" 
4   O  "O4'" . G   A 1  ? 0.3492 0.5691 0.4880 -0.0310 0.0233  -0.0448 1  G   A "O4'" 
5   C  "C3'" . G   A 1  ? 0.3510 0.5440 0.4538 -0.0361 0.0391  -0.0380 1  G   A "C3'" 
6   O  "O3'" . G   A 1  ? 0.4115 0.5978 0.5034 -0.0429 0.0536  -0.0393 1  G   A "O3'" 
7   C  "C2'" . G   A 1  ? 0.3103 0.5004 0.4092 -0.0447 0.0349  -0.0322 1  G   A "C2'" 
8   O  "O2'" . G   A 1  ? 0.3557 0.5518 0.4636 -0.0556 0.0453  -0.0330 1  G   A "O2'" 
9   C  "C1'" . G   A 1  ? 0.3292 0.5334 0.4455 -0.0388 0.0236  -0.0366 1  G   A "C1'" 
10  N  N9    . G   A 1  ? 0.2633 0.4539 0.3601 -0.0338 0.0127  -0.0322 1  G   A N9    
11  C  C8    . G   A 1  ? 0.2942 0.4816 0.3864 -0.0238 0.0035  -0.0324 1  G   A C8    
12  N  N7    . G   A 1  ? 0.3049 0.4761 0.3742 -0.0241 -0.0027 -0.0275 1  G   A N7    
13  C  C5    . G   A 1  ? 0.2754 0.4410 0.3392 -0.0340 0.0031  -0.0260 1  G   A C5    
14  C  C6    . G   A 1  ? 0.3151 0.4658 0.3634 -0.0397 0.0026  -0.0242 1  G   A C6    
15  O  O6    . G   A 1  ? 0.3561 0.4935 0.3858 -0.0389 -0.0010 -0.0229 1  G   A O6    
16  N  N1    . G   A 1  ? 0.2959 0.4464 0.3541 -0.0483 0.0077  -0.0246 1  G   A N1    
17  C  C2    . G   A 1  ? 0.2617 0.4216 0.3356 -0.0520 0.0120  -0.0242 1  G   A C2    
18  N  N2    . G   A 1  ? 0.3464 0.5008 0.4285 -0.0603 0.0132  -0.0230 1  G   A N2    
19  N  N3    . G   A 1  ? 0.2957 0.4686 0.3792 -0.0489 0.0151  -0.0257 1  G   A N3    
20  C  C4    . G   A 1  ? 0.2582 0.4346 0.3387 -0.0395 0.0107  -0.0277 1  G   A C4    
33  P  P     . G   A 2  ? 0.4266 0.5896 0.4859 -0.0434 0.0545  -0.0333 2  G   A P     
34  O  OP1   . G   A 2  ? 0.4234 0.5839 0.4735 -0.0525 0.0714  -0.0384 2  G   A OP1   
35  O  OP2   . G   A 2  ? 0.4174 0.5748 0.4747 -0.0306 0.0443  -0.0330 2  G   A OP2   
36  O  "O5'" . G   A 2  ? 0.3837 0.5309 0.4240 -0.0513 0.0466  -0.0220 2  G   A "O5'" 
37  C  "C5'" . G   A 2  ? 0.4148 0.5593 0.4526 -0.0640 0.0505  -0.0174 2  G   A "C5'" 
38  C  "C4'" . G   A 2  ? 0.4794 0.6116 0.5132 -0.0674 0.0384  -0.0090 2  G   A "C4'" 
39  O  "O4'" . G   A 2  ? 0.4023 0.5459 0.4548 -0.0603 0.0310  -0.0127 2  G   A "O4'" 
40  C  "C3'" . G   A 2  ? 0.4725 0.5831 0.4848 -0.0665 0.0309  -0.0033 2  G   A "C3'" 
41  O  "O3'" . G   A 2  ? 0.4096 0.5024 0.3981 -0.0765 0.0320  0.0034  2  G   A "O3'" 
42  C  "C2'" . G   A 2  ? 0.3793 0.4878 0.4060 -0.0662 0.0204  -0.0015 2  G   A "C2'" 
43  O  "O2'" . G   A 2  ? 0.3809 0.4840 0.4150 -0.0763 0.0167  0.0041  2  G   A "O2'" 
44  C  "C1'" . G   A 2  ? 0.3728 0.5020 0.4189 -0.0602 0.0222  -0.0090 2  G   A "C1'" 
45  N  N9    . G   A 2  ? 0.3100 0.4379 0.3498 -0.0506 0.0191  -0.0123 2  G   A N9    
46  C  C8    . G   A 2  ? 0.3335 0.4677 0.3712 -0.0418 0.0209  -0.0157 2  G   A C8    
47  N  N7    . G   A 2  ? 0.3411 0.4674 0.3701 -0.0360 0.0156  -0.0157 2  G   A N7    
48  C  C5    . G   A 2  ? 0.3226 0.4389 0.3490 -0.0420 0.0129  -0.0143 2  G   A C5    
49  C  C6    . G   A 2  ? 0.3399 0.4441 0.3572 -0.0419 0.0103  -0.0152 2  G   A C6    
50  O  O6    . G   A 2  ? 0.3562 0.4531 0.3604 -0.0369 0.0085  -0.0152 2  G   A O6    
51  N  N1    . G   A 2  ? 0.3394 0.4382 0.3660 -0.0499 0.0101  -0.0168 2  G   A N1    
52  C  C2    . G   A 2  ? 0.3472 0.4492 0.3893 -0.0562 0.0091  -0.0155 2  G   A C2    
53  N  N2    . G   A 2  ? 0.3273 0.4221 0.3836 -0.0624 0.0070  -0.0187 2  G   A N2    
54  N  N3    . G   A 2  ? 0.3518 0.4618 0.3967 -0.0571 0.0104  -0.0120 2  G   A N3    
55  C  C4    . G   A 2  ? 0.2982 0.4159 0.3344 -0.0501 0.0138  -0.0125 2  G   A C4    
67  P  P     . U   A 3  ? 0.4443 0.5178 0.4062 -0.0752 0.0286  0.0052  3  U   A P     
68  O  OP1   . U   A 3  ? 0.4790 0.5351 0.4117 -0.0893 0.0306  0.0118  3  U   A OP1   
69  O  OP2   . U   A 3  ? 0.4508 0.5326 0.4150 -0.0638 0.0349  -0.0035 3  U   A OP2   
70  O  "O5'" . U   A 3  ? 0.4392 0.5018 0.4100 -0.0724 0.0133  0.0092  3  U   A "O5'" 
71  C  "C5'" . U   A 3  ? 0.4523 0.5064 0.4327 -0.0801 0.0026  0.0163  3  U   A "C5'" 
72  C  "C4'" . U   A 3  ? 0.4076 0.4576 0.4081 -0.0756 -0.0078 0.0138  3  U   A "C4'" 
73  O  "O4'" . U   A 3  ? 0.3409 0.4085 0.3590 -0.0682 -0.0012 0.0052  3  U   A "O4'" 
74  C  "C3'" . U   A 3  ? 0.3802 0.4153 0.3681 -0.0718 -0.0134 0.0128  3  U   A "C3'" 
75  O  "O3'" . U   A 3  ? 0.4347 0.4486 0.4094 -0.0791 -0.0267 0.0208  3  U   A "O3'" 
76  C  "C2'" . U   A 3  ? 0.3633 0.4033 0.3771 -0.0669 -0.0149 0.0052  3  U   A "C2'" 
77  O  "O2'" . U   A 3  ? 0.3962 0.4291 0.4354 -0.0724 -0.0264 0.0061  3  U   A "O2'" 
78  C  "C1'" . U   A 3  ? 0.3762 0.4368 0.3987 -0.0638 -0.0045 0.0004  3  U   A "C1'" 
79  N  N1    . U   A 3  ? 0.3515 0.4177 0.3609 -0.0553 0.0033  -0.0037 3  U   A N1    
80  C  C2    . U   A 3  ? 0.3297 0.3916 0.3417 -0.0521 0.0038  -0.0088 3  U   A C2    
81  O  O2    . U   A 3  ? 0.3531 0.4086 0.3799 -0.0562 0.0004  -0.0123 3  U   A O2    
82  N  N3    . U   A 3  ? 0.3444 0.4081 0.3431 -0.0446 0.0085  -0.0104 3  U   A N3    
83  C  C4    . U   A 3  ? 0.3725 0.4442 0.3632 -0.0390 0.0121  -0.0092 3  U   A C4    
84  O  O4    . U   A 3  ? 0.3596 0.4305 0.3439 -0.0316 0.0134  -0.0106 3  U   A O4    
85  C  C5    . U   A 3  ? 0.3645 0.4434 0.3570 -0.0434 0.0142  -0.0069 3  U   A C5    
86  C  C6    . U   A 3  ? 0.3418 0.4163 0.3398 -0.0519 0.0101  -0.0032 3  U   A C6    
97  P  P     . G   A 4  ? 0.4775 0.4756 0.4247 -0.0782 -0.0300 0.0206  4  G   A P     
98  O  OP1   . G   A 4  ? 0.5219 0.4969 0.4539 -0.0886 -0.0477 0.0311  4  G   A OP1   
99  O  OP2   . G   A 4  ? 0.5097 0.5171 0.4373 -0.0737 -0.0135 0.0151  4  G   A OP2   
100 O  "O5'" . G   A 4  ? 0.3957 0.3936 0.3659 -0.0700 -0.0336 0.0124  4  G   A "O5'" 
101 C  "C5'" . G   A 4  ? 0.4827 0.4724 0.4817 -0.0722 -0.0481 0.0118  4  G   A "C5'" 
102 C  "C4'" . G   A 4  ? 0.6404 0.6307 0.6586 -0.0663 -0.0453 0.0010  4  G   A "C4'" 
103 O  "O4'" . G   A 4  ? 0.4611 0.4681 0.4898 -0.0624 -0.0300 -0.0061 4  G   A "O4'" 
104 C  "C3'" . G   A 4  ? 0.4563 0.4386 0.4523 -0.0619 -0.0419 -0.0021 4  G   A "C3'" 
105 O  "O3'" . G   A 4  ? 0.6632 0.6273 0.6523 -0.0656 -0.0583 0.0007  4  G   A "O3'" 
106 C  "C2'" . G   A 4  ? 0.5008 0.4887 0.5176 -0.0574 -0.0323 -0.0128 4  G   A "C2'" 
107 O  "O2'" . G   A 4  ? 0.4332 0.4142 0.4837 -0.0606 -0.0418 -0.0192 4  G   A "O2'" 
108 C  "C1'" . G   A 4  ? 0.4488 0.4532 0.4731 -0.0574 -0.0222 -0.0133 4  G   A "C1'" 
109 N  N9    . G   A 4  ? 0.4291 0.4421 0.4300 -0.0517 -0.0104 -0.0118 4  G   A N9    
110 C  C8    . G   A 4  ? 0.4256 0.4461 0.4096 -0.0507 -0.0073 -0.0063 4  G   A C8    
111 N  N7    . G   A 4  ? 0.3621 0.3895 0.3360 -0.0442 0.0018  -0.0081 4  G   A N7    
112 C  C5    . G   A 4  ? 0.3698 0.3911 0.3481 -0.0414 0.0041  -0.0130 4  G   A C5    
113 C  C6    . G   A 4  ? 0.4070 0.4272 0.3760 -0.0352 0.0103  -0.0146 4  G   A C6    
114 O  O6    . G   A 4  ? 0.3976 0.4246 0.3587 -0.0290 0.0131  -0.0128 4  G   A O6    
115 N  N1    . G   A 4  ? 0.3704 0.3795 0.3429 -0.0376 0.0126  -0.0191 4  G   A N1    
116 C  C2    . G   A 4  ? 0.4575 0.4604 0.4475 -0.0443 0.0104  -0.0245 4  G   A C2    
117 N  N2    . G   A 4  ? 0.4439 0.4367 0.4375 -0.0476 0.0168  -0.0311 4  G   A N2    
118 N  N3    . G   A 4  ? 0.4151 0.4204 0.4204 -0.0483 0.0020  -0.0236 4  G   A N3    
119 C  C4    . G   A 4  ? 0.4817 0.4948 0.4766 -0.0469 -0.0012 -0.0165 4  G   A C4    
131 P  P     . G   A 5  ? 0.5803 0.5348 0.5354 -0.0641 -0.0557 -0.0004 5  G   A P     
132 O  OP1   . G   A 5  ? 1.1233 1.0577 1.0753 -0.0693 -0.0774 0.0022  5  G   A OP1   
133 O  OP2   . G   A 5  ? 0.5931 0.5555 0.5179 -0.0649 -0.0421 0.0033  5  G   A OP2   
134 O  "O5'" . G   A 5  ? 0.7126 0.6730 0.6793 -0.0556 -0.0418 -0.0112 5  G   A "O5'" 
135 C  "C5'" . G   A 5  ? 0.7326 0.6850 0.7239 -0.0547 -0.0475 -0.0194 5  G   A "C5'" 
136 C  "C4'" . G   A 5  ? 0.5493 0.5056 0.5469 -0.0493 -0.0311 -0.0280 5  G   A "C4'" 
137 O  "O4'" . G   A 5  ? 0.4743 0.4438 0.4734 -0.0475 -0.0180 -0.0270 5  G   A "O4'" 
138 C  "C3'" . G   A 5  ? 0.4658 0.4170 0.4389 -0.0441 -0.0224 -0.0298 5  G   A "C3'" 
139 O  "O3'" . G   A 5  ? 0.4043 0.3420 0.3771 -0.0452 -0.0312 -0.0347 5  G   A "O3'" 
140 C  "C2'" . G   A 5  ? 0.3786 0.3335 0.3591 -0.0405 -0.0075 -0.0341 5  G   A "C2'" 
141 O  "O2'" . G   A 5  ? 0.4168 0.3634 0.4209 -0.0437 -0.0066 -0.0432 5  G   A "O2'" 
142 C  "C1'" . G   A 5  ? 0.4228 0.3913 0.4101 -0.0425 -0.0050 -0.0300 5  G   A "C1'" 
143 N  N9    . G   A 5  ? 0.4002 0.3780 0.3668 -0.0375 0.0011  -0.0239 5  G   A N9    
144 C  C8    . G   A 5  ? 0.3875 0.3736 0.3435 -0.0381 -0.0015 -0.0181 5  G   A C8    
145 N  N7    . G   A 5  ? 0.4239 0.4184 0.3694 -0.0326 0.0064  -0.0168 5  G   A N7    
146 C  C5    . G   A 5  ? 0.3779 0.3669 0.3242 -0.0276 0.0118  -0.0195 5  G   A C5    
147 C  C6    . G   A 5  ? 0.3923 0.3839 0.3326 -0.0200 0.0171  -0.0184 5  G   A C6    
148 O  O6    . G   A 5  ? 0.4974 0.4997 0.4367 -0.0156 0.0189  -0.0172 5  G   A O6    
149 N  N1    . G   A 5  ? 0.4390 0.4177 0.3771 -0.0186 0.0197  -0.0195 5  G   A N1    
150 C  C2    . G   A 5  ? 0.4942 0.4616 0.4378 -0.0246 0.0206  -0.0235 5  G   A C2    
151 N  N2    . G   A 5  ? 0.4819 0.4357 0.4190 -0.0245 0.0259  -0.0240 5  G   A N2    
152 N  N3    . G   A 5  ? 0.4335 0.4014 0.3899 -0.0308 0.0162  -0.0270 5  G   A N3    
153 C  C4    . G   A 5  ? 0.3755 0.3536 0.3316 -0.0315 0.0103  -0.0237 5  G   A C4    
165 P  P     . G   A 6  ? 0.4405 0.3716 0.3824 -0.0431 -0.0282 -0.0356 6  G   A P     
166 O  OP1   . G   A 6  ? 0.4341 0.3510 0.3818 -0.0467 -0.0428 -0.0411 6  G   A OP1   
167 O  OP2   . G   A 6  ? 0.4561 0.3935 0.3715 -0.0452 -0.0255 -0.0287 6  G   A OP2   
168 O  "O5'" . G   A 6  ? 0.4105 0.3432 0.3525 -0.0356 -0.0107 -0.0402 6  G   A "O5'" 
169 C  "C5'" . G   A 6  ? 0.4159 0.3405 0.3762 -0.0346 -0.0067 -0.0475 6  G   A "C5'" 
170 C  "C4'" . G   A 6  ? 0.4142 0.3378 0.3686 -0.0288 0.0083  -0.0474 6  G   A "C4'" 
171 O  "O4'" . G   A 6  ? 0.4241 0.3581 0.3768 -0.0276 0.0135  -0.0407 6  G   A "O4'" 
172 C  "C3'" . G   A 6  ? 0.4487 0.3707 0.3849 -0.0225 0.0136  -0.0475 6  G   A "C3'" 
173 O  "O3'" . G   A 6  ? 0.4626 0.3726 0.3988 -0.0225 0.0130  -0.0556 6  G   A "O3'" 
174 C  "C2'" . G   A 6  ? 0.4712 0.3934 0.4066 -0.0170 0.0232  -0.0431 6  G   A "C2'" 
175 O  "O2'" . G   A 6  ? 0.4276 0.3351 0.3697 -0.0182 0.0287  -0.0467 6  G   A "O2'" 
176 C  "C1'" . G   A 6  ? 0.4553 0.3890 0.3951 -0.0205 0.0210  -0.0374 6  G   A "C1'" 
177 N  N9    . G   A 6  ? 0.3741 0.3224 0.3058 -0.0176 0.0198  -0.0325 6  G   A N9    
178 C  C8    . G   A 6  ? 0.4137 0.3711 0.3413 -0.0215 0.0145  -0.0310 6  G   A C8    
179 N  N7    . G   A 6  ? 0.4165 0.3854 0.3384 -0.0184 0.0184  -0.0288 6  G   A N7    
180 C  C5    . G   A 6  ? 0.4206 0.3885 0.3460 -0.0104 0.0238  -0.0287 6  G   A C5    
181 C  C6    . G   A 6  ? 0.3833 0.3611 0.3126 -0.0031 0.0275  -0.0281 6  G   A C6    
182 O  O6    . G   A 6  ? 0.3971 0.3890 0.3288 -0.0031 0.0301  -0.0294 6  G   A O6    
183 N  N1    . G   A 6  ? 0.3942 0.3626 0.3271 0.0040  0.0273  -0.0260 6  G   A N1    
184 C  C2    . G   A 6  ? 0.3940 0.3449 0.3227 0.0025  0.0273  -0.0248 6  G   A C2    
185 N  N2    . G   A 6  ? 0.4233 0.3624 0.3513 0.0085  0.0264  -0.0208 6  G   A N2    
186 N  N3    . G   A 6  ? 0.3901 0.3335 0.3171 -0.0049 0.0275  -0.0277 6  G   A N3    
187 C  C4    . G   A 6  ? 0.3824 0.3359 0.3100 -0.0102 0.0243  -0.0295 6  G   A C4    
199 P  P     . G   A 7  ? 0.4946 0.4036 0.4136 -0.0197 0.0161  -0.0602 7  G   A P     
200 O  OP1   . G   A 7  ? 0.4917 0.3875 0.4149 -0.0223 0.0121  -0.0696 7  G   A OP1   
201 O  OP2   . G   A 7  ? 0.4923 0.4124 0.3950 -0.0230 0.0135  -0.0563 7  G   A OP2   
202 O  "O5'" . G   A 7  ? 0.5136 0.4231 0.4349 -0.0105 0.0280  -0.0586 7  G   A "O5'" 
203 C  "C5'" . G   A 7  ? 0.5796 0.4759 0.5104 -0.0072 0.0332  -0.0591 7  G   A "C5'" 
204 C  "C4'" . G   A 7  ? 0.5013 0.3970 0.4326 0.0015  0.0388  -0.0541 7  G   A "C4'" 
205 O  "O4'" . G   A 7  ? 0.4893 0.3969 0.4184 0.0022  0.0364  -0.0448 7  G   A "O4'" 
206 C  "C3'" . G   A 7  ? 0.4414 0.3428 0.3739 0.0076  0.0428  -0.0603 7  G   A "C3'" 
207 O  "O3'" . G   A 7  ? 0.4856 0.3746 0.4225 0.0091  0.0470  -0.0700 7  G   A "O3'" 
208 C  "C2'" . G   A 7  ? 0.4588 0.3638 0.3983 0.0158  0.0428  -0.0521 7  G   A "C2'" 
209 O  "O2'" . G   A 7  ? 0.5021 0.3878 0.4456 0.0199  0.0430  -0.0476 7  G   A "O2'" 
210 C  "C1'" . G   A 7  ? 0.5197 0.4335 0.4525 0.0108  0.0377  -0.0430 7  G   A "C1'" 
211 N  N9    . G   A 7  ? 0.4745 0.4082 0.4061 0.0094  0.0373  -0.0440 7  G   A N9    
212 C  C8    . G   A 7  ? 0.4241 0.3654 0.3469 0.0011  0.0354  -0.0462 7  G   A C8    
213 N  N7    . G   A 7  ? 0.4638 0.4201 0.3853 0.0003  0.0375  -0.0467 7  G   A N7    
214 C  C5    . G   A 7  ? 0.5001 0.4616 0.4356 0.0097  0.0407  -0.0467 7  G   A C5    
215 C  C6    . G   A 7  ? 0.5329 0.5111 0.4801 0.0132  0.0445  -0.0494 7  G   A C6    
216 O  O6    . G   A 7  ? 0.4850 0.4762 0.4279 0.0071  0.0488  -0.0521 7  G   A O6    
217 N  N1    . G   A 7  ? 0.4598 0.4370 0.4265 0.0243  0.0426  -0.0489 7  G   A N1    
218 C  C2    . G   A 7  ? 0.4700 0.4289 0.4386 0.0301  0.0375  -0.0441 7  G   A C2    
219 N  N2    . G   A 7  ? 0.4528 0.4100 0.4412 0.0408  0.0323  -0.0423 7  G   A N2    
220 N  N3    . G   A 7  ? 0.4103 0.3523 0.3642 0.0253  0.0368  -0.0413 7  G   A N3    
221 C  C4    . G   A 7  ? 0.4231 0.3694 0.3641 0.0158  0.0388  -0.0441 7  G   A C4    
233 P  P     . A   A 8  ? 0.5340 0.4291 0.4725 0.0113  0.0537  -0.0828 8  A   A P     
234 O  OP1   . A   A 8  ? 0.5147 0.4190 0.4671 0.0201  0.0575  -0.0812 8  A   A OP1   
235 O  OP2   . A   A 8  ? 1.1825 1.0632 1.1240 0.0101  0.0567  -0.0938 8  A   A OP2   
236 O  "O5'" . A   A 8  ? 0.6123 0.5198 0.5316 0.0016  0.0515  -0.0859 8  A   A "O5'" 
237 C  "C5'" . A   A 8  ? 0.5287 0.4300 0.4350 -0.0077 0.0427  -0.0866 8  A   A "C5'" 
238 C  "C4'" . A   A 8  ? 0.5795 0.4808 0.4651 -0.0165 0.0435  -0.0974 8  A   A "C4'" 
239 O  "O4'" . A   A 8  ? 0.6013 0.4954 0.4929 -0.0138 0.0526  -0.1115 8  A   A "O4'" 
240 C  "C3'" . A   A 8  ? 0.5830 0.4977 0.4546 -0.0208 0.0504  -0.0982 8  A   A "C3'" 
241 O  "O3'" . A   A 8  ? 0.5712 0.4901 0.4278 -0.0283 0.0406  -0.0874 8  A   A "O3'" 
242 C  "C2'" . A   A 8  ? 0.6041 0.5139 0.4577 -0.0289 0.0583  -0.1143 8  A   A "C2'" 
243 O  "O2'" . A   A 8  ? 0.7505 0.6498 0.5749 -0.0416 0.0454  -0.1139 8  A   A "O2'" 
244 C  "C1'" . A   A 8  ? 0.6089 0.5097 0.4852 -0.0199 0.0624  -0.1228 8  A   A "C1'" 
245 N  N9    . A   A 8  ? 0.5655 0.4733 0.4673 -0.0096 0.0763  -0.1293 8  A   A N9    
246 C  C8    . A   A 8  ? 0.5703 0.4732 0.5008 0.0035  0.0761  -0.1240 8  A   A C8    
247 N  N7    . A   A 8  ? 0.5687 0.4782 0.5228 0.0116  0.0856  -0.1308 8  A   A N7    
248 C  C5    . A   A 8  ? 0.5224 0.4442 0.4644 0.0028  0.0964  -0.1436 8  A   A C5    
249 C  C6    . A   A 8  ? 0.5564 0.4911 0.5183 0.0043  0.1117  -0.1588 8  A   A C6    
250 N  N6    . A   A 8  ? 0.6982 0.6356 0.7017 0.0182  0.1146  -0.1621 8  A   A N6    
251 N  N1    . A   A 8  ? 0.5442 0.4874 0.4828 -0.0101 0.1238  -0.1711 8  A   A N1    
252 C  C2    . A   A 8  ? 0.6020 0.5382 0.4970 -0.0243 0.1165  -0.1650 8  A   A C2    
253 N  N3    . A   A 8  ? 0.5791 0.5037 0.4568 -0.0253 0.0985  -0.1503 8  A   A N3    
254 C  C4    . A   A 8  ? 0.5387 0.4578 0.4435 -0.0114 0.0909  -0.1416 8  A   A C4    
266 P  P     . C   A 9  ? 0.6037 0.5390 0.4658 -0.0262 0.0454  -0.0791 9  C   A P     
267 O  OP1   . C   A 9  ? 0.7725 0.7066 0.6153 -0.0366 0.0338  -0.0697 9  C   A OP1   
268 O  OP2   . C   A 9  ? 0.5429 0.4828 0.4325 -0.0133 0.0468  -0.0733 9  C   A OP2   
269 O  "O5'" . C   A 9  ? 0.5154 0.4595 0.3720 -0.0291 0.0624  -0.0919 9  C   A "O5'" 
270 C  "C5'" . C   A 9  ? 0.5818 0.5214 0.4051 -0.0444 0.0667  -0.0990 9  C   A "C5'" 
271 C  "C4'" . C   A 9  ? 0.6011 0.5537 0.4283 -0.0472 0.0873  -0.1117 9  C   A "C4'" 
272 O  "O4'" . C   A 9  ? 0.5835 0.5365 0.4331 -0.0395 0.0992  -0.1279 9  C   A "O4'" 
273 C  "C3'" . C   A 9  ? 0.6665 0.6374 0.5212 -0.0388 0.0918  -0.1059 9  C   A "C3'" 
274 O  "O3'" . C   A 9  ? 0.6984 0.6736 0.5339 -0.0491 0.0889  -0.0961 9  C   A "O3'" 
275 C  "C2'" . C   A 9  ? 0.7078 0.6902 0.5862 -0.0357 0.1121  -0.1250 9  C   A "C2'" 
276 O  "O2'" . C   A 9  ? 0.7189 0.7043 0.5723 -0.0530 0.1285  -0.1367 9  C   A "O2'" 
277 C  "C1'" . C   A 9  ? 0.7109 0.6808 0.5940 -0.0312 0.1127  -0.1352 9  C   A "C1'" 
278 N  N1    . C   A 9  ? 0.5163 0.4856 0.4380 -0.0124 0.1059  -0.1310 9  C   A N1    
279 C  C2    . C   A 9  ? 0.5522 0.5340 0.5136 -0.0021 0.1155  -0.1408 9  C   A C2    
280 O  O2    . C   A 9  ? 0.5621 0.5575 0.5292 -0.0090 0.1314  -0.1544 9  C   A O2    
281 N  N3    . C   A 9  ? 0.4652 0.4424 0.4590 0.0141  0.1070  -0.1355 9  C   A N3    
282 C  C4    . C   A 9  ? 0.4982 0.4591 0.4825 0.0183  0.0935  -0.1223 9  C   A C4    
283 N  N4    . C   A 9  ? 0.5641 0.5170 0.5755 0.0320  0.0862  -0.1166 9  C   A N4    
284 C  C5    . C   A 9  ? 0.6419 0.5928 0.5910 0.0079  0.0866  -0.1151 9  C   A C5    
285 C  C6    . C   A 9  ? 0.6046 0.5599 0.5246 -0.0064 0.0913  -0.1194 9  C   A C6    
297 P  P     . G   A 10 ? 0.6852 0.6718 0.5419 -0.0407 0.0791  -0.0807 10 G   A P     
298 O  OP1   . G   A 10 ? 1.1961 1.1801 1.0256 -0.0549 0.0746  -0.0716 10 G   A OP1   
299 O  OP2   . G   A 10 ? 0.6366 0.6174 0.5109 -0.0284 0.0655  -0.0723 10 G   A OP2   
300 O  "O5'" . G   A 10 ? 0.7155 0.7223 0.6058 -0.0327 0.0938  -0.0903 10 G   A "O5'" 
301 C  "C5'" . G   A 10 ? 0.7193 0.7344 0.6055 -0.0431 0.1135  -0.1052 10 G   A "C5'" 
302 C  "C4'" . G   A 10 ? 0.6233 0.6587 0.5557 -0.0321 0.1242  -0.1161 10 G   A "C4'" 
303 O  "O4'" . G   A 10 ? 0.6526 0.6856 0.6106 -0.0213 0.1281  -0.1286 10 G   A "O4'" 
304 C  "C3'" . G   A 10 ? 0.6084 0.6551 0.5707 -0.0184 0.1106  -0.1037 10 G   A "C3'" 
305 O  "O3'" . G   A 10 ? 0.7418 0.7992 0.6988 -0.0261 0.1113  -0.0971 10 G   A "O3'" 
306 C  "C2'" . G   A 10 ? 0.8068 0.8657 0.8168 -0.0050 0.1167  -0.1175 10 G   A "C2'" 
307 O  "O2'" . G   A 10 ? 0.7345 0.8107 0.7630 -0.0122 0.1364  -0.1346 10 G   A "O2'" 
308 C  "C1'" . G   A 10 ? 0.6514 0.6959 0.6555 -0.0040 0.1217  -0.1274 10 G   A "C1'" 
309 N  N9    . G   A 10 ? 0.5643 0.5937 0.5707 0.0083  0.1039  -0.1148 10 G   A N9    
310 C  C8    . G   A 10 ? 0.5790 0.5908 0.5529 0.0041  0.0943  -0.1041 10 G   A C8    
311 N  N7    . G   A 10 ? 0.4895 0.4898 0.4741 0.0154  0.0827  -0.0961 10 G   A N7    
312 C  C5    . G   A 10 ? 0.5820 0.5909 0.6056 0.0280  0.0818  -0.0999 10 G   A C5    
313 C  C6    . G   A 10 ? 0.4502 0.4490 0.4963 0.0421  0.0694  -0.0928 10 G   A C6    
314 O  O6    . G   A 10 ? 0.4721 0.4517 0.5058 0.0451  0.0599  -0.0821 10 G   A O6    
315 N  N1    . G   A 10 ? 0.5590 0.5701 0.6464 0.0524  0.0679  -0.0992 10 G   A N1    
316 C  C2    . G   A 10 ? 0.8088 0.8421 0.9179 0.0492  0.0804  -0.1137 10 G   A C2    
317 N  N2    . G   A 10 ? 1.0101 1.0544 1.1676 0.0610  0.0757  -0.1203 10 G   A N2    
318 N  N3    . G   A 10 ? 0.5172 0.5599 0.6028 0.0344  0.0959  -0.1212 10 G   A N3    
319 C  C4    . G   A 10 ? 0.6690 0.6974 0.7103 0.0247  0.0942  -0.1124 10 G   A C4    
331 P  P     . A   A 11 ? 0.8579 0.6319 0.7606 -0.1256 0.2679  -0.1108 11 A   A P     
332 O  OP1   . A   A 11 ? 0.9820 0.7241 0.8792 -0.1426 0.3001  -0.1174 11 A   A OP1   
333 O  OP2   . A   A 11 ? 0.7215 0.5417 0.6260 -0.1067 0.2057  -0.0925 11 A   A OP2   
334 O  "O5'" . A   A 11 ? 1.0798 0.9174 1.0976 -0.1190 0.2891  -0.1403 11 A   A "O5'" 
335 C  "C5'" . A   A 11 ? 0.9219 0.7388 0.9865 -0.1353 0.3525  -0.1658 11 A   A "C5'" 
336 C  "C4'" . A   A 11 ? 1.1618 1.0600 1.3707 -0.1245 0.3525  -0.1967 11 A   A "C4'" 
337 O  "O4'" . A   A 11 ? 1.4213 1.2807 1.6542 -0.1368 0.3926  -0.2094 11 A   A "O4'" 
338 C  "C3'" . A   A 11 ? 1.3461 1.3061 1.5900 -0.0990 0.2964  -0.1942 11 A   A "C3'" 
339 O  "O3'" . A   A 11 ? 0.7883 0.8203 1.1581 -0.0860 0.2753  -0.2206 11 A   A "O3'" 
340 C  "C2'" . A   A 11 ? 1.5331 1.4630 1.7595 -0.1012 0.3270  -0.1989 11 A   A "C2'" 
341 O  "O2'" . A   A 11 ? 1.8337 1.8200 2.1280 -0.0805 0.2953  -0.2105 11 A   A "O2'" 
342 C  "C1'" . A   A 11 ? 1.2598 1.1483 1.5218 -0.1233 0.3792  -0.2141 11 A   A "C1'" 
343 N  N9    . A   A 11 ? 1.3236 1.1278 1.5030 -0.1383 0.4193  -0.2038 11 A   A N9    
344 C  C8    . A   A 11 ? 1.2905 1.0499 1.3652 -0.1350 0.4139  -0.1833 11 A   A C8    
345 N  N7    . A   A 11 ? 1.4406 1.1149 1.4533 -0.1512 0.4531  -0.1781 11 A   A N7    
346 C  C5    . A   A 11 ? 1.6529 1.3136 1.7348 -0.1668 0.4921  -0.1978 11 A   A C5    
347 C  C6    . A   A 11 ? 2.7153 2.2907 2.7795 -0.1876 0.5477  -0.2055 11 A   A C6    
348 N  N6    . A   A 11 ? 3.0454 2.5289 3.0085 -0.1960 0.5719  -0.1921 11 A   A N6    
349 N  N1    . A   A 11 ? 3.0494 2.6303 3.2036 -0.1990 0.5772  -0.2293 11 A   A N1    
350 C  C2    . A   A 11 ? 2.5508 2.2179 2.8031 -0.1893 0.5470  -0.2430 11 A   A C2    
351 N  N3    . A   A 11 ? 1.9795 1.7291 2.2540 -0.1695 0.4923  -0.2365 11 A   A N3    
352 C  C4    . A   A 11 ? 1.4639 1.2058 1.6504 -0.1591 0.4698  -0.2139 11 A   A C4    
364 P  P     . C   A 12 ? 0.5298 0.6124 0.9162 -0.0659 0.2087  -0.2133 12 C   A P     
365 O  OP1   . C   A 12 ? 0.5681 0.7026 1.0834 -0.0572 0.1968  -0.2468 12 C   A OP1   
366 O  OP2   . C   A 12 ? 0.4944 0.5488 0.7993 -0.0738 0.2004  -0.1877 12 C   A OP2   
367 O  "O5'" . C   A 12 ? 0.4842 0.5789 0.8297 -0.0445 0.1647  -0.1981 12 C   A "O5'" 
368 C  "C5'" . C   A 12 ? 0.3771 0.5000 0.7863 -0.0300 0.1545  -0.2177 12 C   A "C5'" 
369 C  "C4'" . C   A 12 ? 0.4059 0.5321 0.7576 -0.0104 0.1109  -0.1986 12 C   A "C4'" 
370 O  "O4'" . C   A 12 ? 0.4048 0.4878 0.6700 -0.0206 0.1332  -0.1768 12 C   A "O4'" 
371 C  "C3'" . C   A 12 ? 0.4167 0.5464 0.7177 0.0003  0.0692  -0.1778 12 C   A "C3'" 
372 O  "O3'" . C   A 12 ? 0.4337 0.5940 0.7882 0.0194  0.0289  -0.1939 12 C   A "O3'" 
373 C  "C2'" . C   A 12 ? 0.4850 0.5940 0.7069 0.0071  0.0554  -0.1529 12 C   A "C2'" 
374 O  "O2'" . C   A 12 ? 0.4290 0.5558 0.6746 0.0277  0.0288  -0.1632 12 C   A "O2'" 
375 C  "C1'" . C   A 12 ? 0.5123 0.5852 0.7012 -0.0121 0.0990  -0.1485 12 C   A "C1'" 
376 N  N1    . C   A 12 ? 0.4788 0.5095 0.5974 -0.0300 0.1148  -0.1275 12 C   A N1    
377 C  C2    . C   A 12 ? 0.4935 0.5034 0.5409 -0.0267 0.0894  -0.0999 12 C   A C2    
378 O  O2    . C   A 12 ? 0.4245 0.4524 0.4681 -0.0102 0.0606  -0.0932 12 C   A O2    
379 N  N3    . C   A 12 ? 0.4224 0.3898 0.4111 -0.0411 0.0959  -0.0827 12 C   A N3    
380 C  C4    . C   A 12 ? 0.4847 0.4236 0.4687 -0.0586 0.1295  -0.0904 12 C   A C4    
381 N  N4    . C   A 12 ? 0.5932 0.4807 0.5096 -0.0709 0.1302  -0.0733 12 C   A N4    
382 C  C5    . C   A 12 ? 0.5481 0.5058 0.6012 -0.0643 0.1640  -0.1178 12 C   A C5    
383 C  C6    . C   A 12 ? 0.5563 0.5627 0.6820 -0.0495 0.1540  -0.1362 12 C   A C6    
395 P  P     . C   A 13 ? 0.4404 0.6008 0.7696 0.0241  0.0023  -0.1832 13 C   A P     
396 O  OP1   . C   A 13 ? 0.4116 0.5914 0.7990 0.0453  -0.0395 -0.2071 13 C   A OP1   
397 O  OP2   . C   A 13 ? 0.4376 0.5869 0.7574 0.0019  0.0343  -0.1762 13 C   A OP2   
398 O  "O5'" . C   A 13 ? 0.3707 0.5077 0.6070 0.0315  -0.0140 -0.1517 13 C   A "O5'" 
399 C  "C5'" . C   A 13 ? 0.3599 0.4924 0.5729 0.0502  -0.0383 -0.1491 13 C   A "C5'" 
400 C  "C4'" . C   A 13 ? 0.3616 0.4699 0.4974 0.0508  -0.0403 -0.1194 13 C   A "C4'" 
401 O  "O4'" . C   A 13 ? 0.3497 0.4439 0.4578 0.0318  -0.0117 -0.1047 13 C   A "O4'" 
402 C  "C3'" . C   A 13 ? 0.3486 0.4459 0.4540 0.0508  -0.0484 -0.1044 13 C   A "C3'" 
403 O  "O3'" . C   A 13 ? 0.4173 0.5051 0.5121 0.0712  -0.0769 -0.1102 13 C   A "O3'" 
404 C  "C2'" . C   A 13 ? 0.3532 0.4304 0.4079 0.0429  -0.0378 -0.0780 13 C   A "C2'" 
405 O  "O2'" . C   A 13 ? 0.4634 0.5280 0.4885 0.0578  -0.0506 -0.0709 13 C   A "O2'" 
406 C  "C1'" . C   A 13 ? 0.3859 0.4608 0.4453 0.0270  -0.0148 -0.0801 13 C   A "C1'" 
407 N  N1    . C   A 13 ? 0.3323 0.3948 0.3859 0.0070  0.0053  -0.0750 13 C   A N1    
408 C  C2    . C   A 13 ? 0.3469 0.3835 0.3562 -0.0005 0.0025  -0.0520 13 C   A C2    
409 O  O2    . C   A 13 ? 0.3879 0.4202 0.3790 0.0091  -0.0130 -0.0390 13 C   A O2    
410 N  N3    . C   A 13 ? 0.3731 0.3859 0.3638 -0.0174 0.0155  -0.0462 13 C   A N3    
411 C  C4    . C   A 13 ? 0.3825 0.3962 0.3949 -0.0283 0.0387  -0.0621 13 C   A C4    
412 N  N4    . C   A 13 ? 0.4586 0.4371 0.4398 -0.0449 0.0534  -0.0556 13 C   A N4    
413 C  C5    . C   A 13 ? 0.3823 0.4276 0.4529 -0.0225 0.0476  -0.0870 13 C   A C5    
414 C  C6    . C   A 13 ? 0.3425 0.4121 0.4335 -0.0039 0.0265  -0.0929 13 C   A C6    
426 P  P     . C   A 14 ? 0.4582 0.5348 0.5400 0.0731  -0.0851 -0.1061 14 C   A P     
427 O  OP1   . C   A 14 ? 0.4778 0.5305 0.5408 0.0971  -0.1179 -0.1184 14 C   A OP1   
428 O  OP2   . C   A 14 ? 0.4266 0.5241 0.5519 0.0565  -0.0713 -0.1141 14 C   A OP2   
429 O  "O5'" . C   A 14 ? 0.4208 0.4781 0.4545 0.0660  -0.0694 -0.0775 14 C   A "O5'" 
430 C  "C5'" . C   A 14 ? 0.4406 0.4734 0.4321 0.0765  -0.0714 -0.0647 14 C   A "C5'" 
431 C  "C4'" . C   A 14 ? 0.4008 0.4228 0.3760 0.0660  -0.0546 -0.0415 14 C   A "C4'" 
432 O  "O4'" . C   A 14 ? 0.4541 0.4904 0.4449 0.0481  -0.0441 -0.0348 14 C   A "O4'" 
433 C  "C3'" . C   A 14 ? 0.3981 0.4131 0.3748 0.0614  -0.0494 -0.0352 14 C   A "C3'" 
434 O  "O3'" . C   A 14 ? 0.4550 0.4369 0.3987 0.0765  -0.0516 -0.0344 14 C   A "O3'" 
435 C  "C2'" . C   A 14 ? 0.4279 0.4431 0.4123 0.0466  -0.0372 -0.0165 14 C   A "C2'" 
436 O  "O2'" . C   A 14 ? 0.5022 0.4969 0.4731 0.0528  -0.0312 -0.0042 14 C   A "O2'" 
437 C  "C1'" . C   A 14 ? 0.4922 0.5215 0.4844 0.0366  -0.0373 -0.0200 14 C   A "C1'" 
438 N  N1    . C   A 14 ? 0.3779 0.4169 0.3850 0.0215  -0.0315 -0.0255 14 C   A N1    
439 C  C2    . C   A 14 ? 0.3133 0.3379 0.3144 0.0078  -0.0288 -0.0116 14 C   A C2    
440 O  O2    . C   A 14 ? 0.4123 0.4241 0.4107 0.0100  -0.0340 0.0030  14 C   A O2    
441 N  N3    . C   A 14 ? 0.3789 0.3990 0.3796 -0.0064 -0.0208 -0.0158 14 C   A N3    
442 C  C4    . C   A 14 ? 0.3265 0.3618 0.3446 -0.0086 -0.0104 -0.0340 14 C   A C4    
443 N  N4    . C   A 14 ? 0.4183 0.4423 0.4346 -0.0242 0.0047  -0.0385 14 C   A N4    
444 C  C5    . C   A 14 ? 0.3567 0.4147 0.3983 0.0055  -0.0159 -0.0504 14 C   A C5    
445 C  C6    . C   A 14 ? 0.3528 0.4086 0.3813 0.0210  -0.0291 -0.0448 14 C   A C6    
457 P  P     . C   A 15 ? 0.4791 0.4487 0.4184 0.0782  -0.0534 -0.0383 15 C   A P     
458 O  OP1   . C   A 15 ? 0.5577 0.4736 0.4412 0.0966  -0.0540 -0.0380 15 C   A OP1   
459 O  OP2   . C   A 15 ? 0.4887 0.4853 0.4607 0.0748  -0.0686 -0.0566 15 C   A OP2   
460 O  "O5'" . C   A 15 ? 0.4465 0.4241 0.4076 0.0620  -0.0341 -0.0207 15 C   A "O5'" 
461 C  "C5'" . C   A 15 ? 0.4291 0.3848 0.3844 0.0623  -0.0168 -0.0048 15 C   A "C5'" 
462 C  "C4'" . C   A 15 ? 0.3591 0.3270 0.3513 0.0473  -0.0088 0.0074  15 C   A "C4'" 
463 O  "O4'" . C   A 15 ? 0.3791 0.3716 0.3917 0.0338  -0.0190 0.0094  15 C   A "O4'" 
464 C  "C3'" . C   A 15 ? 0.3680 0.3390 0.3685 0.0425  -0.0083 0.0049  15 C   A "C3'" 
465 O  "O3'" . C   A 15 ? 0.4193 0.3570 0.3998 0.0519  0.0062  0.0065  15 C   A "O3'" 
466 C  "C2'" . C   A 15 ? 0.3283 0.3133 0.3640 0.0267  -0.0100 0.0155  15 C   A "C2'" 
467 O  "O2'" . C   A 15 ? 0.3723 0.3418 0.4327 0.0271  0.0011  0.0276  15 C   A "O2'" 
468 C  "C1'" . C   A 15 ? 0.3681 0.3660 0.4007 0.0213  -0.0206 0.0143  15 C   A "C1'" 
469 N  N1    . C   A 15 ? 0.3345 0.3480 0.3631 0.0127  -0.0263 0.0036  15 C   A N1    
470 C  C2    . C   A 15 ? 0.3051 0.3147 0.3395 -0.0019 -0.0283 0.0086  15 C   A C2    
471 O  O2    . C   A 15 ? 0.3763 0.3728 0.4236 -0.0053 -0.0322 0.0208  15 C   A O2    
472 N  N3    . C   A 15 ? 0.3724 0.3877 0.4007 -0.0118 -0.0249 -0.0018 15 C   A N3    
473 C  C4    . C   A 15 ? 0.3760 0.4085 0.4090 -0.0066 -0.0214 -0.0179 15 C   A C4    
474 N  N4    . C   A 15 ? 0.4020 0.4399 0.4428 -0.0174 -0.0116 -0.0305 15 C   A N4    
475 C  C5    . C   A 15 ? 0.4654 0.5050 0.4977 0.0101  -0.0274 -0.0238 15 C   A C5    
476 C  C6    . C   A 15 ? 0.3190 0.3447 0.3406 0.0192  -0.0288 -0.0117 15 C   A C6    
488 P  P     . A   A 16 ? 0.4311 0.3601 0.3937 0.0555  0.0002  -0.0036 16 A   A P     
489 O  OP1   . A   A 16 ? 0.5407 0.4154 0.4611 0.0683  0.0188  -0.0010 16 A   A OP1   
490 O  OP2   . A   A 16 ? 0.4412 0.3924 0.4026 0.0568  -0.0232 -0.0202 16 A   A OP2   
491 O  "O5'" . A   A 16 ? 0.3510 0.3032 0.3551 0.0394  0.0032  0.0038  16 A   A "O5'" 
492 C  "C5'" . A   A 16 ? 0.3678 0.3091 0.3994 0.0350  0.0200  0.0174  16 A   A "C5'" 
493 C  "C4'" . A   A 16 ? 0.3258 0.2881 0.3933 0.0203  0.0113  0.0223  16 A   A "C4'" 
494 O  "O4'" . A   A 16 ? 0.3141 0.2971 0.3866 0.0107  -0.0057 0.0218  16 A   A "O4'" 
495 C  "C3'" . A   A 16 ? 0.3307 0.2980 0.3884 0.0169  0.0069  0.0147  16 A   A "C3'" 
496 O  "O3'" . A   A 16 ? 0.4364 0.3800 0.4932 0.0217  0.0228  0.0179  16 A   A "O3'" 
497 C  "C2'" . A   A 16 ? 0.3283 0.3128 0.4075 0.0011  -0.0053 0.0185  16 A   A "C2'" 
498 O  "O2'" . A   A 16 ? 0.3245 0.2990 0.4361 -0.0037 -0.0045 0.0303  16 A   A "O2'" 
499 C  "C1'" . A   A 16 ? 0.3160 0.3083 0.3901 -0.0009 -0.0136 0.0189  16 A   A "C1'" 
500 N  N9    . A   A 16 ? 0.3057 0.3131 0.3624 -0.0029 -0.0178 0.0052  16 A   A N9    
501 C  C8    . A   A 16 ? 0.3066 0.3210 0.3510 0.0072  -0.0197 -0.0056 16 A   A C8    
502 N  N7    . A   A 16 ? 0.3386 0.3687 0.3875 0.0014  -0.0224 -0.0190 16 A   A N7    
503 C  C5    . A   A 16 ? 0.3097 0.3373 0.3639 -0.0143 -0.0180 -0.0155 16 A   A C5    
504 C  C6    . A   A 16 ? 0.3724 0.4035 0.4303 -0.0281 -0.0103 -0.0252 16 A   A C6    
505 N  N6    . A   A 16 ? 0.3283 0.3752 0.4017 -0.0280 -0.0056 -0.0426 16 A   A N6    
506 N  N1    . A   A 16 ? 0.3236 0.3360 0.3710 -0.0417 -0.0063 -0.0177 16 A   A N1    
507 C  C2    . A   A 16 ? 0.3099 0.3081 0.3544 -0.0401 -0.0149 -0.0024 16 A   A C2    
508 N  N3    . A   A 16 ? 0.3265 0.3261 0.3822 -0.0282 -0.0207 0.0069  16 A   A N3    
509 C  C4    . A   A 16 ? 0.3315 0.3441 0.3869 -0.0163 -0.0191 -0.0002 16 A   A C4    
521 O  O3P   . CBV A 17 ? 0.5797 0.5155 0.6353 0.0235  0.0281  0.0189  17 CBV A O3P   
522 P  P     . CBV A 17 ? 0.3584 0.2883 0.3834 0.0269  0.0215  0.0074  17 CBV A P     
523 O  O1P   . CBV A 17 ? 0.3616 0.2878 0.3507 0.0374  0.0065  -0.0066 17 CBV A O1P   
524 O  O2P   . CBV A 17 ? 0.3653 0.2585 0.3847 0.0325  0.0456  0.0140  17 CBV A O2P   
525 O  "O5'" . CBV A 17 ? 0.3245 0.2834 0.3748 0.0117  0.0092  0.0054  17 CBV A "O5'" 
526 C  "C5'" . CBV A 17 ? 0.3284 0.2856 0.4073 0.0031  0.0146  0.0158  17 CBV A "C5'" 
527 C  "C4'" . CBV A 17 ? 0.3347 0.3093 0.4217 -0.0115 0.0018  0.0134  17 CBV A "C4'" 
528 O  "O4'" . CBV A 17 ? 0.3297 0.3169 0.4131 -0.0182 -0.0078 0.0117  17 CBV A "O4'" 
529 C  "C3'" . CBV A 17 ? 0.3327 0.3142 0.4052 -0.0136 -0.0011 -0.0003 17 CBV A "C3'" 
530 O  "O3'" . CBV A 17 ? 0.3542 0.3213 0.4253 -0.0117 0.0054  0.0012  17 CBV A "O3'" 
531 C  "C2'" . CBV A 17 ? 0.3310 0.3238 0.4090 -0.0300 -0.0064 -0.0022 17 CBV A "C2'" 
532 O  "O2'" . CBV A 17 ? 0.3574 0.3360 0.4419 -0.0390 -0.0081 0.0089  17 CBV A "O2'" 
533 C  "C1'" . CBV A 17 ? 0.2991 0.2946 0.3748 -0.0296 -0.0103 0.0023  17 CBV A "C1'" 
534 N  N1    . CBV A 17 ? 0.3004 0.3119 0.3715 -0.0263 -0.0109 -0.0121 17 CBV A N1    
535 C  C2    . CBV A 17 ? 0.3026 0.3218 0.3767 -0.0398 -0.0060 -0.0236 17 CBV A C2    
536 O  O2    . CBV A 17 ? 0.4058 0.4116 0.4732 -0.0527 -0.0011 -0.0198 17 CBV A O2    
537 N  N3    . CBV A 17 ? 0.3532 0.3905 0.4403 -0.0366 -0.0055 -0.0406 17 CBV A N3    
538 C  C4    . CBV A 17 ? 0.3262 0.3702 0.4126 -0.0193 -0.0162 -0.0449 17 CBV A C4    
539 N  N4    . CBV A 17 ? 0.3948 0.4554 0.5005 -0.0141 -0.0216 -0.0633 17 CBV A N4    
540 C  C5    . CBV A 17 ? 0.3161 0.3433 0.3827 -0.0065 -0.0198 -0.0315 17 CBV A C5    
541 C  C6    . CBV A 17 ? 0.3196 0.3319 0.3839 -0.0106 -0.0136 -0.0158 17 CBV A C6    
542 BR BR    . CBV A 17 ? 0.4927 0.5059 0.5354 0.0166  -0.0296 -0.0366 17 CBV A BR    
554 P  P     . C   A 18 ? 0.3504 0.3142 0.4040 -0.0079 0.0004  -0.0143 18 C   A P     
555 O  OP1   . C   A 18 ? 0.4217 0.3614 0.4701 -0.0051 0.0118  -0.0070 18 C   A OP1   
556 O  OP2   . C   A 18 ? 0.4213 0.3803 0.4540 0.0053  -0.0095 -0.0265 18 C   A OP2   
557 O  "O5'" . C   A 18 ? 0.3439 0.3313 0.4155 -0.0242 -0.0052 -0.0232 18 C   A "O5'" 
558 C  "C5'" . C   A 18 ? 0.3467 0.3310 0.4264 -0.0382 -0.0005 -0.0150 18 C   A "C5'" 
559 C  "C4'" . C   A 18 ? 0.3871 0.3819 0.4730 -0.0533 0.0016  -0.0265 18 C   A "C4'" 
560 O  "O4'" . C   A 18 ? 0.3708 0.3732 0.4568 -0.0572 0.0030  -0.0291 18 C   A "O4'" 
561 C  "C3'" . C   A 18 ? 0.3709 0.3789 0.4721 -0.0517 -0.0012 -0.0473 18 C   A "C3'" 
562 O  "O3'" . C   A 18 ? 0.4241 0.4232 0.5247 -0.0538 -0.0009 -0.0487 18 C   A "O3'" 
563 C  "C2'" . C   A 18 ? 0.3820 0.4017 0.5010 -0.0667 0.0092  -0.0591 18 C   A "C2'" 
564 O  "O2'" . C   A 18 ? 0.4366 0.4394 0.5461 -0.0842 0.0232  -0.0549 18 C   A "O2'" 
565 C  "C1'" . C   A 18 ? 0.3507 0.3673 0.4546 -0.0651 0.0098  -0.0483 18 C   A "C1'" 
566 N  N1    . C   A 18 ? 0.3326 0.3678 0.4515 -0.0536 0.0021  -0.0599 18 C   A N1    
567 C  C2    . C   A 18 ? 0.3505 0.4009 0.4997 -0.0617 0.0109  -0.0788 18 C   A C2    
568 O  O2    . C   A 18 ? 0.3334 0.3772 0.4914 -0.0790 0.0299  -0.0846 18 C   A O2    
569 N  N3    . C   A 18 ? 0.3030 0.3701 0.4720 -0.0507 0.0008  -0.0909 18 C   A N3    
570 C  C4    . C   A 18 ? 0.2832 0.3457 0.4305 -0.0323 -0.0171 -0.0838 18 C   A C4    
571 N  N4    . C   A 18 ? 0.3015 0.3747 0.4635 -0.0209 -0.0297 -0.0964 18 C   A N4    
572 C  C5    . C   A 18 ? 0.3125 0.3547 0.4241 -0.0251 -0.0199 -0.0645 18 C   A C5    
573 C  C6    . C   A 18 ? 0.3537 0.3859 0.4585 -0.0360 -0.0104 -0.0536 18 C   A C6    
# 
